data_4GWJ
# 
_entry.id   4GWJ 
# 
_audit_conform.dict_name       mmcif_pdbx.dic 
_audit_conform.dict_version    5.381 
_audit_conform.dict_location   http://mmcif.pdb.org/dictionaries/ascii/mmcif_pdbx.dic 
# 
loop_
_database_2.database_id 
_database_2.database_code 
_database_2.pdbx_database_accession 
_database_2.pdbx_DOI 
PDB   4GWJ         pdb_00004gwj 10.2210/pdb4gwj/pdb 
RCSB  RCSB074721   ?            ?                   
WWPDB D_1000074721 ?            ?                   
# 
loop_
_pdbx_database_related.db_name 
_pdbx_database_related.db_id 
_pdbx_database_related.details 
_pdbx_database_related.content_type 
PDB 3LEK 'lectin binding domain complexed with Lewis B'                  unspecified 
PDB 3LEG 'lectin binding domain complexed with Lewis Y'                  unspecified 
PDB 3LEO 'lectin binding domain complexed with glycerol'                 unspecified 
PDB 3LEI 'lectin binding domain complexed with fucose'                   unspecified 
PDB 4GWI 'His 62 mutant of lectin binding domain complexed with Lewis y' unspecified 
# 
_pdbx_database_status.entry_id                        4GWJ 
_pdbx_database_status.status_code                     REL 
_pdbx_database_status.methods_development_category    ? 
_pdbx_database_status.deposit_site                    RCSB 
_pdbx_database_status.process_site                    PDBJ 
_pdbx_database_status.recvd_initial_deposition_date   2012-09-03 
_pdbx_database_status.status_code_sf                  REL 
_pdbx_database_status.status_code_mr                  ? 
_pdbx_database_status.SG_entry                        ? 
_pdbx_database_status.status_code_cs                  ? 
_pdbx_database_status.pdb_format_compatible           Y 
_pdbx_database_status.status_code_nmr_data            ? 
# 
_audit_author.name           'Feil, S.C.' 
_audit_author.pdbx_ordinal   1 
# 
_citation.id                        primary 
_citation.title                     
'Manipulating the Lewis antigen specificity of the cholesterol-dependent cytolysin lectinolysin' 
_citation.journal_abbrev            'Front Immunol' 
_citation.journal_volume            3 
_citation.page_first                330 
_citation.page_last                 330 
_citation.year                      2012 
_citation.journal_id_ASTM           ? 
_citation.country                   CH 
_citation.journal_id_ISSN           1664-3224 
_citation.journal_id_CSD            ? 
_citation.book_publisher            ? 
_citation.pdbx_database_id_PubMed   23181061 
_citation.pdbx_database_id_DOI      10.3389/fimmu.2012.00330 
# 
loop_
_citation_author.citation_id 
_citation_author.name 
_citation_author.ordinal 
_citation_author.identifier_ORCID 
primary 'Lawrence, S.L.' 1 ? 
primary 'Feil, S.C.'     2 ? 
primary 'Holien, J.K.'   3 ? 
primary 'Kuiper, M.J.'   4 ? 
primary 'Doughty, L.'    5 ? 
primary 'Dolezal, O.'    6 ? 
primary 'Mulhern, T.D.'  7 ? 
primary 'Tweten, R.K.'   8 ? 
primary 'Parker, M.W.'   9 ? 
# 
_cell.entry_id           4GWJ 
_cell.length_a           66.923 
_cell.length_b           66.923 
_cell.length_c           99.387 
_cell.angle_alpha        90.00 
_cell.angle_beta         90.00 
_cell.angle_gamma        90.00 
_cell.Z_PDB              8 
_cell.pdbx_unique_axis   ? 
_cell.length_a_esd       ? 
_cell.length_b_esd       ? 
_cell.length_c_esd       ? 
_cell.angle_alpha_esd    ? 
_cell.angle_beta_esd     ? 
_cell.angle_gamma_esd    ? 
# 
_symmetry.entry_id                         4GWJ 
_symmetry.space_group_name_H-M             'P 43 21 2' 
_symmetry.pdbx_full_space_group_name_H-M   ? 
_symmetry.cell_setting                     ? 
_symmetry.Int_Tables_number                96 
_symmetry.space_group_name_Hall            ? 
# 
loop_
_entity.id 
_entity.type 
_entity.src_method 
_entity.pdbx_description 
_entity.formula_weight 
_entity.pdbx_number_of_molecules 
_entity.pdbx_ec 
_entity.pdbx_mutation 
_entity.pdbx_fragment 
_entity.details 
1 polymer     man 'Platelet aggregation factor Sm-hPAF' 16842.453 1   ? 'Y62H, Q190C' 'lectin binding domain, UNP residues 38-190' 
? 
2 branched    man 
'alpha-L-fucopyranose-(1-2)-beta-D-galactopyranose-(1-3)-[alpha-L-fucopyranose-(1-4)]2-acetamido-2-deoxy-beta-D-glucopyranose' 
675.630   1   ? ?             ?                                            ? 
3 non-polymer syn 'MAGNESIUM ION' 24.305    3   ? ?             ?                                            ? 
4 non-polymer syn 'CALCIUM ION' 40.078    1   ? ?             ?                                            ? 
5 water       nat water 18.015    147 ? ?             ?                                            ? 
# 
loop_
_entity_name_com.entity_id 
_entity_name_com.name 
1 lectinolysin                   
2 'Lewis B antigen, beta anomer' 
# 
_entity_poly.entity_id                      1 
_entity_poly.type                           'polypeptide(L)' 
_entity_poly.nstd_linkage                   no 
_entity_poly.nstd_monomer                   no 
_entity_poly.pdbx_seq_one_letter_code       
;EQGNRPVETENIARGKQASQSSTAHGGAATRAVDGNVDSDYGHHSVTHTNFEDNAWWQVDLGKTENVGKVKLYNRGDGNV
ANRLSNFDVVLLNEAKQEVARQHFDSLNGKAELEVFFTAKDARYVKVELKTKNTPLSLAEVEVFRSATTQVGC
;
_entity_poly.pdbx_seq_one_letter_code_can   
;EQGNRPVETENIARGKQASQSSTAHGGAATRAVDGNVDSDYGHHSVTHTNFEDNAWWQVDLGKTENVGKVKLYNRGDGNV
ANRLSNFDVVLLNEAKQEVARQHFDSLNGKAELEVFFTAKDARYVKVELKTKNTPLSLAEVEVFRSATTQVGC
;
_entity_poly.pdbx_strand_id                 A 
_entity_poly.pdbx_target_identifier         ? 
# 
loop_
_entity_poly_seq.entity_id 
_entity_poly_seq.num 
_entity_poly_seq.mon_id 
_entity_poly_seq.hetero 
1 1   GLU n 
1 2   GLN n 
1 3   GLY n 
1 4   ASN n 
1 5   ARG n 
1 6   PRO n 
1 7   VAL n 
1 8   GLU n 
1 9   THR n 
1 10  GLU n 
1 11  ASN n 
1 12  ILE n 
1 13  ALA n 
1 14  ARG n 
1 15  GLY n 
1 16  LYS n 
1 17  GLN n 
1 18  ALA n 
1 19  SER n 
1 20  GLN n 
1 21  SER n 
1 22  SER n 
1 23  THR n 
1 24  ALA n 
1 25  HIS n 
1 26  GLY n 
1 27  GLY n 
1 28  ALA n 
1 29  ALA n 
1 30  THR n 
1 31  ARG n 
1 32  ALA n 
1 33  VAL n 
1 34  ASP n 
1 35  GLY n 
1 36  ASN n 
1 37  VAL n 
1 38  ASP n 
1 39  SER n 
1 40  ASP n 
1 41  TYR n 
1 42  GLY n 
1 43  HIS n 
1 44  HIS n 
1 45  SER n 
1 46  VAL n 
1 47  THR n 
1 48  HIS n 
1 49  THR n 
1 50  ASN n 
1 51  PHE n 
1 52  GLU n 
1 53  ASP n 
1 54  ASN n 
1 55  ALA n 
1 56  TRP n 
1 57  TRP n 
1 58  GLN n 
1 59  VAL n 
1 60  ASP n 
1 61  LEU n 
1 62  GLY n 
1 63  LYS n 
1 64  THR n 
1 65  GLU n 
1 66  ASN n 
1 67  VAL n 
1 68  GLY n 
1 69  LYS n 
1 70  VAL n 
1 71  LYS n 
1 72  LEU n 
1 73  TYR n 
1 74  ASN n 
1 75  ARG n 
1 76  GLY n 
1 77  ASP n 
1 78  GLY n 
1 79  ASN n 
1 80  VAL n 
1 81  ALA n 
1 82  ASN n 
1 83  ARG n 
1 84  LEU n 
1 85  SER n 
1 86  ASN n 
1 87  PHE n 
1 88  ASP n 
1 89  VAL n 
1 90  VAL n 
1 91  LEU n 
1 92  LEU n 
1 93  ASN n 
1 94  GLU n 
1 95  ALA n 
1 96  LYS n 
1 97  GLN n 
1 98  GLU n 
1 99  VAL n 
1 100 ALA n 
1 101 ARG n 
1 102 GLN n 
1 103 HIS n 
1 104 PHE n 
1 105 ASP n 
1 106 SER n 
1 107 LEU n 
1 108 ASN n 
1 109 GLY n 
1 110 LYS n 
1 111 ALA n 
1 112 GLU n 
1 113 LEU n 
1 114 GLU n 
1 115 VAL n 
1 116 PHE n 
1 117 PHE n 
1 118 THR n 
1 119 ALA n 
1 120 LYS n 
1 121 ASP n 
1 122 ALA n 
1 123 ARG n 
1 124 TYR n 
1 125 VAL n 
1 126 LYS n 
1 127 VAL n 
1 128 GLU n 
1 129 LEU n 
1 130 LYS n 
1 131 THR n 
1 132 LYS n 
1 133 ASN n 
1 134 THR n 
1 135 PRO n 
1 136 LEU n 
1 137 SER n 
1 138 LEU n 
1 139 ALA n 
1 140 GLU n 
1 141 VAL n 
1 142 GLU n 
1 143 VAL n 
1 144 PHE n 
1 145 ARG n 
1 146 SER n 
1 147 ALA n 
1 148 THR n 
1 149 THR n 
1 150 GLN n 
1 151 VAL n 
1 152 GLY n 
1 153 CYS n 
# 
_entity_src_gen.entity_id                          1 
_entity_src_gen.pdbx_src_id                        1 
_entity_src_gen.pdbx_alt_source_flag               sample 
_entity_src_gen.pdbx_seq_type                      ? 
_entity_src_gen.pdbx_beg_seq_num                   ? 
_entity_src_gen.pdbx_end_seq_num                   ? 
_entity_src_gen.gene_src_common_name               ? 
_entity_src_gen.gene_src_genus                     ? 
_entity_src_gen.pdbx_gene_src_gene                 samhpaf 
_entity_src_gen.gene_src_species                   ? 
_entity_src_gen.gene_src_strain                    Nm-65 
_entity_src_gen.gene_src_tissue                    ? 
_entity_src_gen.gene_src_tissue_fraction           ? 
_entity_src_gen.gene_src_details                   ? 
_entity_src_gen.pdbx_gene_src_fragment             ? 
_entity_src_gen.pdbx_gene_src_scientific_name      'Streptococcus mitis' 
_entity_src_gen.pdbx_gene_src_ncbi_taxonomy_id     28037 
_entity_src_gen.pdbx_gene_src_variant              ? 
_entity_src_gen.pdbx_gene_src_cell_line            ? 
_entity_src_gen.pdbx_gene_src_atcc                 ? 
_entity_src_gen.pdbx_gene_src_organ                ? 
_entity_src_gen.pdbx_gene_src_organelle            ? 
_entity_src_gen.pdbx_gene_src_cell                 ? 
_entity_src_gen.pdbx_gene_src_cellular_location    ? 
_entity_src_gen.host_org_common_name               ? 
_entity_src_gen.pdbx_host_org_scientific_name      'Escherichia coli' 
_entity_src_gen.pdbx_host_org_ncbi_taxonomy_id     562 
_entity_src_gen.host_org_genus                     ? 
_entity_src_gen.pdbx_host_org_gene                 ? 
_entity_src_gen.pdbx_host_org_organ                ? 
_entity_src_gen.host_org_species                   ? 
_entity_src_gen.pdbx_host_org_tissue               ? 
_entity_src_gen.pdbx_host_org_tissue_fraction      ? 
_entity_src_gen.pdbx_host_org_strain               'BL21(DE3)' 
_entity_src_gen.pdbx_host_org_variant              ? 
_entity_src_gen.pdbx_host_org_cell_line            ? 
_entity_src_gen.pdbx_host_org_atcc                 ? 
_entity_src_gen.pdbx_host_org_culture_collection   ? 
_entity_src_gen.pdbx_host_org_cell                 ? 
_entity_src_gen.pdbx_host_org_organelle            ? 
_entity_src_gen.pdbx_host_org_cellular_location    ? 
_entity_src_gen.pdbx_host_org_vector_type          plasmid 
_entity_src_gen.pdbx_host_org_vector               ? 
_entity_src_gen.host_org_details                   ? 
_entity_src_gen.expression_system_id               ? 
_entity_src_gen.plasmid_name                       pMSg67 
_entity_src_gen.plasmid_details                    ? 
_entity_src_gen.pdbx_description                   ? 
# 
_struct_ref.id                         1 
_struct_ref.db_name                    UNP 
_struct_ref.db_code                    Q2PHL4_STRMT 
_struct_ref.pdbx_db_accession          Q2PHL4 
_struct_ref.entity_id                  1 
_struct_ref.pdbx_seq_one_letter_code   
;EQGNRPVETENIARGKQASQSSTAYGGAAARAVDGNVDSDYGHHSVTHTNFEDNAWWQVDLGKTENVGKVKLYNRGDGNV
ANRLSNFDVVLLNEAKQEVARQHFDSLNGKAELEVFFTAKAARYVKVELKTKNTPLSLAEVEVFRSATTQVGQ
;
_struct_ref.pdbx_align_begin           38 
_struct_ref.pdbx_db_isoform            ? 
# 
_struct_ref_seq.align_id                      1 
_struct_ref_seq.ref_id                        1 
_struct_ref_seq.pdbx_PDB_id_code              4GWJ 
_struct_ref_seq.pdbx_strand_id                A 
_struct_ref_seq.seq_align_beg                 1 
_struct_ref_seq.pdbx_seq_align_beg_ins_code   ? 
_struct_ref_seq.seq_align_end                 153 
_struct_ref_seq.pdbx_seq_align_end_ins_code   ? 
_struct_ref_seq.pdbx_db_accession             Q2PHL4 
_struct_ref_seq.db_align_beg                  38 
_struct_ref_seq.pdbx_db_align_beg_ins_code    ? 
_struct_ref_seq.db_align_end                  190 
_struct_ref_seq.pdbx_db_align_end_ins_code    ? 
_struct_ref_seq.pdbx_auth_seq_align_beg       38 
_struct_ref_seq.pdbx_auth_seq_align_end       190 
# 
loop_
_struct_ref_seq_dif.align_id 
_struct_ref_seq_dif.pdbx_pdb_id_code 
_struct_ref_seq_dif.mon_id 
_struct_ref_seq_dif.pdbx_pdb_strand_id 
_struct_ref_seq_dif.seq_num 
_struct_ref_seq_dif.pdbx_pdb_ins_code 
_struct_ref_seq_dif.pdbx_seq_db_name 
_struct_ref_seq_dif.pdbx_seq_db_accession_code 
_struct_ref_seq_dif.db_mon_id 
_struct_ref_seq_dif.pdbx_seq_db_seq_num 
_struct_ref_seq_dif.details 
_struct_ref_seq_dif.pdbx_auth_seq_num 
_struct_ref_seq_dif.pdbx_ordinal 
1 4GWJ HIS A 25  ? UNP Q2PHL4 TYR 62  'engineered mutation' 62  1 
1 4GWJ THR A 30  ? UNP Q2PHL4 ALA 67  'SEE REMARK 999'      67  2 
1 4GWJ ASP A 121 ? UNP Q2PHL4 ALA 158 'SEE REMARK 999'      158 3 
1 4GWJ CYS A 153 ? UNP Q2PHL4 GLN 190 'engineered mutation' 190 4 
# 
loop_
_chem_comp.id 
_chem_comp.type 
_chem_comp.mon_nstd_flag 
_chem_comp.name 
_chem_comp.pdbx_synonyms 
_chem_comp.formula 
_chem_comp.formula_weight 
ALA 'L-peptide linking'           y ALANINE                                  ? 'C3 H7 N O2'     89.093  
ARG 'L-peptide linking'           y ARGININE                                 ? 'C6 H15 N4 O2 1' 175.209 
ASN 'L-peptide linking'           y ASPARAGINE                               ? 'C4 H8 N2 O3'    132.118 
ASP 'L-peptide linking'           y 'ASPARTIC ACID'                          ? 'C4 H7 N O4'     133.103 
CA  non-polymer                   . 'CALCIUM ION'                            ? 'Ca 2'           40.078  
CYS 'L-peptide linking'           y CYSTEINE                                 ? 'C3 H7 N O2 S'   121.158 
FUC 'L-saccharide, alpha linking' . alpha-L-fucopyranose                     
'alpha-L-fucose; 6-deoxy-alpha-L-galactopyranose; L-fucose; fucose' 'C6 H12 O5'      164.156 
GAL 'D-saccharide, beta linking'  . beta-D-galactopyranose                   'beta-D-galactose; D-galactose; galactose' 
'C6 H12 O6'      180.156 
GLN 'L-peptide linking'           y GLUTAMINE                                ? 'C5 H10 N2 O3'   146.144 
GLU 'L-peptide linking'           y 'GLUTAMIC ACID'                          ? 'C5 H9 N O4'     147.129 
GLY 'peptide linking'             y GLYCINE                                  ? 'C2 H5 N O2'     75.067  
HIS 'L-peptide linking'           y HISTIDINE                                ? 'C6 H10 N3 O2 1' 156.162 
HOH non-polymer                   . WATER                                    ? 'H2 O'           18.015  
ILE 'L-peptide linking'           y ISOLEUCINE                               ? 'C6 H13 N O2'    131.173 
LEU 'L-peptide linking'           y LEUCINE                                  ? 'C6 H13 N O2'    131.173 
LYS 'L-peptide linking'           y LYSINE                                   ? 'C6 H15 N2 O2 1' 147.195 
MG  non-polymer                   . 'MAGNESIUM ION'                          ? 'Mg 2'           24.305  
NAG 'D-saccharide, beta linking'  . 2-acetamido-2-deoxy-beta-D-glucopyranose 
;N-acetyl-beta-D-glucosamine; 2-acetamido-2-deoxy-beta-D-glucose; 2-acetamido-2-deoxy-D-glucose; 2-acetamido-2-deoxy-glucose; N-ACETYL-D-GLUCOSAMINE
;
'C8 H15 N O6'    221.208 
PHE 'L-peptide linking'           y PHENYLALANINE                            ? 'C9 H11 N O2'    165.189 
PRO 'L-peptide linking'           y PROLINE                                  ? 'C5 H9 N O2'     115.130 
SER 'L-peptide linking'           y SERINE                                   ? 'C3 H7 N O3'     105.093 
THR 'L-peptide linking'           y THREONINE                                ? 'C4 H9 N O3'     119.119 
TRP 'L-peptide linking'           y TRYPTOPHAN                               ? 'C11 H12 N2 O2'  204.225 
TYR 'L-peptide linking'           y TYROSINE                                 ? 'C9 H11 N O3'    181.189 
VAL 'L-peptide linking'           y VALINE                                   ? 'C5 H11 N O2'    117.146 
# 
_exptl.crystals_number   1 
_exptl.entry_id          4GWJ 
_exptl.method            'X-RAY DIFFRACTION' 
# 
_exptl_crystal.id                    1 
_exptl_crystal.pdbx_mosaicity        0.543 
_exptl_crystal.pdbx_mosaicity_esd    ? 
_exptl_crystal.density_Matthews      3.30 
_exptl_crystal.density_diffrn        ? 
_exptl_crystal.density_meas          ? 
_exptl_crystal.density_meas_temp     ? 
_exptl_crystal.density_percent_sol   62.77 
_exptl_crystal.size_max              ? 
_exptl_crystal.size_mid              ? 
_exptl_crystal.size_min              ? 
_exptl_crystal.size_rad              ? 
_exptl_crystal.description           ? 
_exptl_crystal.F_000                 ? 
_exptl_crystal.preparation           ? 
# 
_exptl_crystal_grow.crystal_id      1 
_exptl_crystal_grow.method          'VAPOR DIFFUSION, HANGING DROP' 
_exptl_crystal_grow.pH              8.75 
_exptl_crystal_grow.temp            294 
_exptl_crystal_grow.pdbx_details    '2.4M MgSO4, 0.1M KCl, 0.1M Tris, pH 8.75, VAPOR DIFFUSION, HANGING DROP, temperature 294K' 
_exptl_crystal_grow.temp_details    ? 
_exptl_crystal_grow.pdbx_pH_range   ? 
# 
_diffrn.id                     1 
_diffrn.ambient_temp           100 
_diffrn.ambient_temp_details   ? 
_diffrn.crystal_id             1 
# 
_diffrn_detector.diffrn_id              1 
_diffrn_detector.detector               CCD 
_diffrn_detector.type                   'ADSC QUANTUM 210r' 
_diffrn_detector.pdbx_collection_date   2012-06-01 
_diffrn_detector.details                mirrors 
# 
_diffrn_radiation.diffrn_id                        1 
_diffrn_radiation.pdbx_diffrn_protocol             'SINGLE WAVELENGTH' 
_diffrn_radiation.monochromator                    ? 
_diffrn_radiation.wavelength_id                    1 
_diffrn_radiation.pdbx_monochromatic_or_laue_m_l   M 
_diffrn_radiation.pdbx_scattering_type             x-ray 
# 
_diffrn_radiation_wavelength.id           1 
_diffrn_radiation_wavelength.wavelength   0.99 
_diffrn_radiation_wavelength.wt           1.0 
# 
_diffrn_source.diffrn_id                   1 
_diffrn_source.source                      SYNCHROTRON 
_diffrn_source.type                        'AUSTRALIAN SYNCHROTRON BEAMLINE MX2' 
_diffrn_source.pdbx_wavelength_list        0.99 
_diffrn_source.pdbx_wavelength             ? 
_diffrn_source.pdbx_synchrotron_site       'Australian Synchrotron' 
_diffrn_source.pdbx_synchrotron_beamline   MX2 
# 
_reflns.entry_id                     4GWJ 
_reflns.d_resolution_high            1.600 
_reflns.d_resolution_low             50.000 
_reflns.number_obs                   29510 
_reflns.pdbx_Rmerge_I_obs            0.109 
_reflns.pdbx_netI_over_sigmaI        16.000 
_reflns.pdbx_chi_squared             1.072 
_reflns.pdbx_redundancy              13.700 
_reflns.percent_possible_obs         96.700 
_reflns.observed_criterion_sigma_F   2.0 
_reflns.observed_criterion_sigma_I   2.0 
_reflns.number_all                   30517 
_reflns.pdbx_Rsym_value              ? 
_reflns.B_iso_Wilson_estimate        ? 
_reflns.R_free_details               ? 
_reflns.limit_h_max                  ? 
_reflns.limit_h_min                  ? 
_reflns.limit_k_max                  ? 
_reflns.limit_k_min                  ? 
_reflns.limit_l_max                  ? 
_reflns.limit_l_min                  ? 
_reflns.observed_criterion_F_max     ? 
_reflns.observed_criterion_F_min     ? 
_reflns.pdbx_scaling_rejects         ? 
_reflns.pdbx_ordinal                 1 
_reflns.pdbx_diffrn_id               1 
# 
loop_
_reflns_shell.d_res_high 
_reflns_shell.d_res_low 
_reflns_shell.number_measured_obs 
_reflns_shell.number_measured_all 
_reflns_shell.number_unique_obs 
_reflns_shell.pdbx_rejects 
_reflns_shell.Rmerge_I_obs 
_reflns_shell.meanI_over_sigI_obs 
_reflns_shell.pdbx_Rsym_value 
_reflns_shell.pdbx_chi_squared 
_reflns_shell.pdbx_redundancy 
_reflns_shell.percent_possible_obs 
_reflns_shell.pdbx_netI_over_sigmaI_obs 
_reflns_shell.number_possible 
_reflns_shell.number_unique_all 
_reflns_shell.Rmerge_F_all 
_reflns_shell.Rmerge_F_obs 
_reflns_shell.Rmerge_I_all 
_reflns_shell.meanI_over_sigI_all 
_reflns_shell.percent_possible_all 
_reflns_shell.pdbx_Rrim_I_all 
_reflns_shell.pdbx_Rpim_I_all 
_reflns_shell.pdbx_ordinal 
_reflns_shell.pdbx_diffrn_id 
1.600 1.660  ? ? ? ? 0.571 ? ? 1.181 13.700 ? ? ? 2952 ? ? ? ? 99.500 ? ? 1  1 
1.660 1.720  ? ? ? ? 0.439 ? ? 1.147 14.200 ? ? ? 2980 ? ? ? ? 99.700 ? ? 2  1 
1.720 1.800  ? ? ? ? 0.311 ? ? 1.080 14.300 ? ? ? 2986 ? ? ? ? 99.800 ? ? 3  1 
1.800 1.900  ? ? ? ? 0.227 ? ? 1.109 14.300 ? ? ? 3010 ? ? ? ? 99.800 ? ? 4  1 
1.900 2.020  ? ? ? ? 0.178 ? ? 1.023 14.300 ? ? ? 3005 ? ? ? ? 99.800 ? ? 5  1 
2.020 2.170  ? ? ? ? 0.152 ? ? 1.031 14.200 ? ? ? 3014 ? ? ? ? 99.900 ? ? 6  1 
2.170 2.390  ? ? ? ? 0.130 ? ? 1.011 13.900 ? ? ? 3028 ? ? ? ? 99.400 ? ? 7  1 
2.390 2.740  ? ? ? ? 0.114 ? ? 1.000 13.800 ? ? ? 3027 ? ? ? ? 99.200 ? ? 8  1 
2.740 3.450  ? ? ? ? 0.099 ? ? 1.076 12.700 ? ? ? 2889 ? ? ? ? 92.700 ? ? 9  1 
3.450 50.000 ? ? ? ? 0.080 ? ? 1.064 11.200 ? ? ? 2619 ? ? ? ? 79.300 ? ? 10 1 
# 
_refine.entry_id                                 4GWJ 
_refine.ls_d_res_high                            1.6000 
_refine.ls_d_res_low                             39.90 
_refine.pdbx_ls_sigma_F                          ? 
_refine.pdbx_data_cutoff_high_absF               ? 
_refine.pdbx_data_cutoff_low_absF                ? 
_refine.ls_percent_reflns_obs                    96.6900 
_refine.ls_number_reflns_obs                     27957 
_refine.ls_number_reflns_all                     29456 
_refine.pdbx_ls_cross_valid_method               THROUGHOUT 
_refine.pdbx_R_Free_selection_details            RANDOM 
_refine.details                                  
;HYDROGENS HAVE BEEN USED IF PRESENT IN THE INPUT   
U VALUES: REFINED INDIVIDUALLY
;
_refine.ls_R_factor_obs                          0.18068 
_refine.ls_R_factor_all                          ? 
_refine.ls_R_factor_R_work                       0.17905 
_refine.ls_R_factor_R_free                       0.21028 
_refine.ls_R_factor_R_free_error                 ? 
_refine.ls_R_factor_R_free_error_details         ? 
_refine.ls_percent_reflns_R_free                 5.1 
_refine.ls_number_reflns_R_free                  1499 
_refine.correlation_coeff_Fo_to_Fc               0.961 
_refine.correlation_coeff_Fo_to_Fc_free          0.943 
_refine.B_iso_mean                               31.135 
_refine.aniso_B[1][1]                            -1.33 
_refine.aniso_B[2][2]                            -1.33 
_refine.aniso_B[3][3]                            2.66 
_refine.aniso_B[1][2]                            0.00 
_refine.aniso_B[1][3]                            0.00 
_refine.aniso_B[2][3]                            0.00 
_refine.pdbx_overall_ESU_R                       0.0710 
_refine.pdbx_overall_ESU_R_Free                  0.0750 
_refine.overall_SU_ML                            0.0420 
_refine.overall_SU_B                             1.1920 
_refine.solvent_model_details                    MASK 
_refine.pdbx_solvent_vdw_probe_radii             1.2000 
_refine.pdbx_solvent_ion_probe_radii             0.8000 
_refine.pdbx_solvent_shrinkage_radii             0.8000 
_refine.pdbx_method_to_determine_struct          'MOLECULAR REPLACEMENT' 
_refine.pdbx_stereochemistry_target_values       'MAXIMUM LIKELIHOOD' 
_refine.pdbx_stereochem_target_val_spec_case     ? 
_refine.overall_FOM_work_R_set                   ? 
_refine.B_iso_max                                107.330 
_refine.B_iso_min                                18.080 
_refine.occupancy_max                            1.000 
_refine.occupancy_min                            0.000 
_refine.pdbx_diffrn_id                           1 
_refine.pdbx_refine_id                           'X-RAY DIFFRACTION' 
_refine.pdbx_ls_sigma_I                          ? 
_refine.ls_redundancy_reflns_obs                 ? 
_refine.ls_number_parameters                     ? 
_refine.ls_number_restraints                     ? 
_refine.pdbx_starting_model                      'PDB ENTRY 4GWI' 
_refine.pdbx_isotropic_thermal_model             ? 
_refine.solvent_model_param_bsol                 ? 
_refine.solvent_model_param_ksol                 ? 
_refine.pdbx_data_cutoff_high_rms_absF           ? 
_refine.pdbx_overall_phase_error                 ? 
_refine.overall_SU_R_Cruickshank_DPI             ? 
_refine.overall_SU_R_free                        ? 
_refine.ls_wR_factor_R_free                      ? 
_refine.ls_wR_factor_R_work                      ? 
_refine.overall_FOM_free_R_set                   ? 
_refine.pdbx_TLS_residual_ADP_flag               ? 
_refine.pdbx_overall_SU_R_free_Cruickshank_DPI   ? 
_refine.pdbx_overall_SU_R_Blow_DPI               ? 
_refine.pdbx_overall_SU_R_free_Blow_DPI          ? 
# 
_refine_hist.pdbx_refine_id                   'X-RAY DIFFRACTION' 
_refine_hist.cycle_id                         LAST 
_refine_hist.pdbx_number_atoms_protein        1105 
_refine_hist.pdbx_number_atoms_nucleic_acid   0 
_refine_hist.pdbx_number_atoms_ligand         50 
_refine_hist.number_atoms_solvent             147 
_refine_hist.number_atoms_total               1302 
_refine_hist.d_res_high                       1.6000 
_refine_hist.d_res_low                        39.90 
# 
loop_
_refine_ls_restr.pdbx_refine_id 
_refine_ls_restr.type 
_refine_ls_restr.number 
_refine_ls_restr.dev_ideal 
_refine_ls_restr.dev_ideal_target 
_refine_ls_restr.weight 
_refine_ls_restr.pdbx_restraint_function 
'X-RAY DIFFRACTION' r_bond_refined_d       1170 0.029  0.020  ? ? 
'X-RAY DIFFRACTION' r_angle_refined_deg    1589 2.983  1.964  ? ? 
'X-RAY DIFFRACTION' r_dihedral_angle_1_deg 141  5.991  5.000  ? ? 
'X-RAY DIFFRACTION' r_dihedral_angle_2_deg 59   34.895 24.915 ? ? 
'X-RAY DIFFRACTION' r_dihedral_angle_3_deg 185  12.548 15.000 ? ? 
'X-RAY DIFFRACTION' r_dihedral_angle_4_deg 7    10.168 15.000 ? ? 
'X-RAY DIFFRACTION' r_chiral_restr         188  0.306  0.200  ? ? 
'X-RAY DIFFRACTION' r_gen_planes_refined   868  0.016  0.021  ? ? 
# 
_refine_ls_shell.d_res_high                       1.6010 
_refine_ls_shell.d_res_low                        1.6420 
_refine_ls_shell.pdbx_total_number_of_bins_used   20 
_refine_ls_shell.percent_reflns_obs               98.4500 
_refine_ls_shell.number_reflns_R_work             1868 
_refine_ls_shell.R_factor_all                     ? 
_refine_ls_shell.R_factor_R_work                  0.2580 
_refine_ls_shell.R_factor_R_free                  0.2850 
_refine_ls_shell.percent_reflns_R_free            ? 
_refine_ls_shell.number_reflns_R_free             103 
_refine_ls_shell.R_factor_R_free_error            ? 
_refine_ls_shell.number_reflns_all                1971 
_refine_ls_shell.number_reflns_obs                ? 
_refine_ls_shell.pdbx_refine_id                   'X-RAY DIFFRACTION' 
_refine_ls_shell.redundancy_reflns_obs            ? 
# 
_struct.entry_id                  4GWJ 
_struct.title                     'His 62 mutant of the lectin binding domain of Lectinolysin complexed with Lewis b' 
_struct.pdbx_model_details        ? 
_struct.pdbx_CASP_flag            ? 
_struct.pdbx_model_type_details   ? 
# 
_struct_keywords.entry_id        4GWJ 
_struct_keywords.text            
'cholesterol-dependent cytolysins, lewis antigens, F-type lectin, glycan binding, SUGAR BINDING PROTEIN' 
_struct_keywords.pdbx_keywords   'SUGAR BINDING PROTEIN' 
# 
loop_
_struct_asym.id 
_struct_asym.pdbx_blank_PDB_chainid_flag 
_struct_asym.pdbx_modified 
_struct_asym.entity_id 
_struct_asym.details 
A N N 1 ? 
B N N 2 ? 
C N N 3 ? 
D N N 3 ? 
E N N 3 ? 
F N N 4 ? 
G N N 5 ? 
# 
_struct_biol.id        1 
_struct_biol.details   ? 
# 
loop_
_struct_conf.conf_type_id 
_struct_conf.id 
_struct_conf.pdbx_PDB_helix_id 
_struct_conf.beg_label_comp_id 
_struct_conf.beg_label_asym_id 
_struct_conf.beg_label_seq_id 
_struct_conf.pdbx_beg_PDB_ins_code 
_struct_conf.end_label_comp_id 
_struct_conf.end_label_asym_id 
_struct_conf.end_label_seq_id 
_struct_conf.pdbx_end_PDB_ins_code 
_struct_conf.beg_auth_comp_id 
_struct_conf.beg_auth_asym_id 
_struct_conf.beg_auth_seq_id 
_struct_conf.end_auth_comp_id 
_struct_conf.end_auth_asym_id 
_struct_conf.end_auth_seq_id 
_struct_conf.pdbx_PDB_helix_class 
_struct_conf.details 
_struct_conf.pdbx_PDB_helix_length 
HELX_P HELX_P1 1 ALA A 28 ? ASP A 34 ? ALA A 65  ASP A 71  5 ? 7 
HELX_P HELX_P2 2 ASP A 40 ? HIS A 44 ? ASP A 77  HIS A 81  5 ? 5 
HELX_P HELX_P3 3 VAL A 80 ? LEU A 84 ? VAL A 117 LEU A 121 5 ? 5 
# 
_struct_conf_type.id          HELX_P 
_struct_conf_type.criteria    ? 
_struct_conf_type.reference   ? 
# 
loop_
_struct_conn.id 
_struct_conn.conn_type_id 
_struct_conn.pdbx_leaving_atom_flag 
_struct_conn.pdbx_PDB_id 
_struct_conn.ptnr1_label_asym_id 
_struct_conn.ptnr1_label_comp_id 
_struct_conn.ptnr1_label_seq_id 
_struct_conn.ptnr1_label_atom_id 
_struct_conn.pdbx_ptnr1_label_alt_id 
_struct_conn.pdbx_ptnr1_PDB_ins_code 
_struct_conn.pdbx_ptnr1_standard_comp_id 
_struct_conn.ptnr1_symmetry 
_struct_conn.ptnr2_label_asym_id 
_struct_conn.ptnr2_label_comp_id 
_struct_conn.ptnr2_label_seq_id 
_struct_conn.ptnr2_label_atom_id 
_struct_conn.pdbx_ptnr2_label_alt_id 
_struct_conn.pdbx_ptnr2_PDB_ins_code 
_struct_conn.ptnr1_auth_asym_id 
_struct_conn.ptnr1_auth_comp_id 
_struct_conn.ptnr1_auth_seq_id 
_struct_conn.ptnr2_auth_asym_id 
_struct_conn.ptnr2_auth_comp_id 
_struct_conn.ptnr2_auth_seq_id 
_struct_conn.ptnr2_symmetry 
_struct_conn.pdbx_ptnr3_label_atom_id 
_struct_conn.pdbx_ptnr3_label_seq_id 
_struct_conn.pdbx_ptnr3_label_comp_id 
_struct_conn.pdbx_ptnr3_label_asym_id 
_struct_conn.pdbx_ptnr3_label_alt_id 
_struct_conn.pdbx_ptnr3_PDB_ins_code 
_struct_conn.details 
_struct_conn.pdbx_dist_value 
_struct_conn.pdbx_value_order 
_struct_conn.pdbx_role 
covale1  covale both ? B NAG .   O3  ? ? ? 1_555 B GAL . C1 ? ? B NAG 1   B GAL 2   1_555 ? ? ? ? ? ? ? 1.379 ? ? 
covale2  covale both ? B NAG .   O4  ? ? ? 1_555 B FUC . C1 ? ? B NAG 1   B FUC 4   1_555 ? ? ? ? ? ? ? 1.379 ? ? 
covale3  covale both ? B GAL .   O2  ? ? ? 1_555 B FUC . C1 ? ? B GAL 2   B FUC 3   1_555 ? ? ? ? ? ? ? 1.423 ? ? 
metalc1  metalc ?    ? A ARG 31  O   ? ? ? 1_555 F CA  . CA ? ? A ARG 68  A CA  204 1_555 ? ? ? ? ? ? ? 2.368 ? ? 
metalc2  metalc ?    ? A ASP 34  OD1 ? ? ? 1_555 F CA  . CA ? ? A ASP 71  A CA  204 1_555 ? ? ? ? ? ? ? 2.533 ? ? 
metalc3  metalc ?    ? A ASN 36  O   ? ? ? 1_555 F CA  . CA ? ? A ASN 73  A CA  204 1_555 ? ? ? ? ? ? ? 2.315 ? ? 
metalc4  metalc ?    ? A SER 45  OG  ? ? ? 1_555 F CA  . CA ? ? A SER 82  A CA  204 1_555 ? ? ? ? ? ? ? 2.429 ? ? 
metalc5  metalc ?    ? A SER 45  O   ? ? ? 1_555 F CA  . CA ? ? A SER 82  A CA  204 1_555 ? ? ? ? ? ? ? 2.566 ? ? 
metalc6  metalc ?    ? A ASP 60  OD2 ? ? ? 1_555 E MG  . MG ? ? A ASP 97  A MG  203 1_555 ? ? ? ? ? ? ? 2.116 ? ? 
metalc7  metalc ?    ? A ALA 139 O   ? ? ? 1_555 F CA  . CA ? ? A ALA 176 A CA  204 1_555 ? ? ? ? ? ? ? 2.348 ? ? 
metalc8  metalc ?    ? A GLU 140 OE1 ? ? ? 1_555 F CA  . CA ? ? A GLU 177 A CA  204 1_555 ? ? ? ? ? ? ? 2.467 ? ? 
metalc9  metalc ?    ? C MG  .   MG  ? ? ? 1_555 G HOH . O  ? ? A MG  201 A HOH 399 1_555 ? ? ? ? ? ? ? 1.905 ? ? 
metalc10 metalc ?    ? C MG  .   MG  ? ? ? 1_555 G HOH . O  ? ? A MG  201 A HOH 434 1_555 ? ? ? ? ? ? ? 2.074 ? ? 
metalc11 metalc ?    ? C MG  .   MG  ? ? ? 1_555 G HOH . O  ? ? A MG  201 A HOH 435 1_555 ? ? ? ? ? ? ? 2.111 ? ? 
metalc12 metalc ?    ? C MG  .   MG  ? ? ? 1_555 G HOH . O  ? ? A MG  201 A HOH 437 1_555 ? ? ? ? ? ? ? 1.950 ? ? 
metalc13 metalc ?    ? C MG  .   MG  ? ? ? 1_555 G HOH . O  ? ? A MG  201 A HOH 438 1_555 ? ? ? ? ? ? ? 2.030 ? ? 
metalc14 metalc ?    ? D MG  .   MG  ? ? ? 1_555 G HOH . O  ? ? A MG  202 A HOH 331 1_555 ? ? ? ? ? ? ? 2.186 ? ? 
metalc15 metalc ?    ? D MG  .   MG  ? ? ? 1_555 G HOH . O  ? ? A MG  202 A HOH 332 1_555 ? ? ? ? ? ? ? 2.102 ? ? 
metalc16 metalc ?    ? D MG  .   MG  ? ? ? 1_555 G HOH . O  ? ? A MG  202 A HOH 333 1_555 ? ? ? ? ? ? ? 2.061 ? ? 
metalc17 metalc ?    ? D MG  .   MG  ? ? ? 1_555 G HOH . O  ? ? A MG  202 A HOH 376 1_555 ? ? ? ? ? ? ? 2.125 ? ? 
metalc18 metalc ?    ? D MG  .   MG  ? ? ? 1_555 G HOH . O  ? ? A MG  202 A HOH 432 1_555 ? ? ? ? ? ? ? 2.054 ? ? 
metalc19 metalc ?    ? E MG  .   MG  ? ? ? 1_555 G HOH . O  ? ? A MG  203 A HOH 375 1_555 ? ? ? ? ? ? ? 2.228 ? ? 
metalc20 metalc ?    ? E MG  .   MG  ? ? ? 1_555 G HOH . O  ? ? A MG  203 A HOH 378 1_555 ? ? ? ? ? ? ? 2.044 ? ? 
metalc21 metalc ?    ? E MG  .   MG  ? ? ? 1_555 G HOH . O  ? ? A MG  203 A HOH 383 1_555 ? ? ? ? ? ? ? 1.967 ? ? 
metalc22 metalc ?    ? E MG  .   MG  ? ? ? 1_555 G HOH . O  ? ? A MG  203 A HOH 417 1_555 ? ? ? ? ? ? ? 1.855 ? ? 
# 
loop_
_struct_conn_type.id 
_struct_conn_type.criteria 
_struct_conn_type.reference 
covale ? ? 
metalc ? ? 
# 
loop_
_struct_sheet.id 
_struct_sheet.type 
_struct_sheet.number_strands 
_struct_sheet.details 
A ? 5 ? 
B ? 3 ? 
# 
loop_
_struct_sheet_order.sheet_id 
_struct_sheet_order.range_id_1 
_struct_sheet_order.range_id_2 
_struct_sheet_order.offset 
_struct_sheet_order.sense 
A 1 2 ? anti-parallel 
A 2 3 ? anti-parallel 
A 3 4 ? anti-parallel 
A 4 5 ? anti-parallel 
B 1 2 ? anti-parallel 
B 2 3 ? anti-parallel 
# 
loop_
_struct_sheet_range.sheet_id 
_struct_sheet_range.id 
_struct_sheet_range.beg_label_comp_id 
_struct_sheet_range.beg_label_asym_id 
_struct_sheet_range.beg_label_seq_id 
_struct_sheet_range.pdbx_beg_PDB_ins_code 
_struct_sheet_range.end_label_comp_id 
_struct_sheet_range.end_label_asym_id 
_struct_sheet_range.end_label_seq_id 
_struct_sheet_range.pdbx_end_PDB_ins_code 
_struct_sheet_range.beg_auth_comp_id 
_struct_sheet_range.beg_auth_asym_id 
_struct_sheet_range.beg_auth_seq_id 
_struct_sheet_range.end_auth_comp_id 
_struct_sheet_range.end_auth_asym_id 
_struct_sheet_range.end_auth_seq_id 
A 1 GLN A 17  ? GLN A 20  ? GLN A 54  GLN A 57  
A 2 TRP A 56  ? ASN A 74  ? TRP A 93  ASN A 111 
A 3 GLU A 112 ? LEU A 129 ? GLU A 149 LEU A 166 
A 4 PHE A 87  ? LEU A 92  ? PHE A 124 LEU A 129 
A 5 GLU A 98  ? PHE A 104 ? GLU A 135 PHE A 141 
B 1 GLN A 17  ? GLN A 20  ? GLN A 54  GLN A 57  
B 2 TRP A 56  ? ASN A 74  ? TRP A 93  ASN A 111 
B 3 LEU A 138 ? ARG A 145 ? LEU A 175 ARG A 182 
# 
loop_
_pdbx_struct_sheet_hbond.sheet_id 
_pdbx_struct_sheet_hbond.range_id_1 
_pdbx_struct_sheet_hbond.range_id_2 
_pdbx_struct_sheet_hbond.range_1_label_atom_id 
_pdbx_struct_sheet_hbond.range_1_label_comp_id 
_pdbx_struct_sheet_hbond.range_1_label_asym_id 
_pdbx_struct_sheet_hbond.range_1_label_seq_id 
_pdbx_struct_sheet_hbond.range_1_PDB_ins_code 
_pdbx_struct_sheet_hbond.range_1_auth_atom_id 
_pdbx_struct_sheet_hbond.range_1_auth_comp_id 
_pdbx_struct_sheet_hbond.range_1_auth_asym_id 
_pdbx_struct_sheet_hbond.range_1_auth_seq_id 
_pdbx_struct_sheet_hbond.range_2_label_atom_id 
_pdbx_struct_sheet_hbond.range_2_label_comp_id 
_pdbx_struct_sheet_hbond.range_2_label_asym_id 
_pdbx_struct_sheet_hbond.range_2_label_seq_id 
_pdbx_struct_sheet_hbond.range_2_PDB_ins_code 
_pdbx_struct_sheet_hbond.range_2_auth_atom_id 
_pdbx_struct_sheet_hbond.range_2_auth_comp_id 
_pdbx_struct_sheet_hbond.range_2_auth_asym_id 
_pdbx_struct_sheet_hbond.range_2_auth_seq_id 
A 1 2 N SER A 19  ? N SER A 56  O GLN A 58  ? O GLN A 95  
A 2 3 N LEU A 61  ? N LEU A 98  O ARG A 123 ? O ARG A 160 
A 3 4 O LYS A 126 ? O LYS A 163 N VAL A 90  ? N VAL A 127 
A 4 5 N LEU A 91  ? N LEU A 128 O VAL A 99  ? O VAL A 136 
B 1 2 N SER A 19  ? N SER A 56  O GLN A 58  ? O GLN A 95  
B 2 3 N LYS A 71  ? N LYS A 108 O GLU A 142 ? O GLU A 179 
# 
_atom_sites.entry_id                    4GWJ 
_atom_sites.fract_transf_matrix[1][1]   0.00121553 
_atom_sites.fract_transf_matrix[1][2]   -0.01461208 
_atom_sites.fract_transf_matrix[1][3]   0.00288148 
_atom_sites.fract_transf_matrix[2][1]   0.01487378 
_atom_sites.fract_transf_matrix[2][2]   0.00133963 
_atom_sites.fract_transf_matrix[2][3]   0.00051892 
_atom_sites.fract_transf_matrix[3][1]   -0.00051562 
_atom_sites.fract_transf_matrix[3][2]   0.00190286 
_atom_sites.fract_transf_matrix[3][3]   0.00986697 
_atom_sites.fract_transf_vector[1]      0.154300 
_atom_sites.fract_transf_vector[2]      -0.267291 
_atom_sites.fract_transf_vector[3]      -0.117242 
# 
loop_
_atom_type.symbol 
C  
CA 
MG 
N  
O  
# 
loop_
_atom_site.group_PDB 
_atom_site.id 
_atom_site.type_symbol 
_atom_site.label_atom_id 
_atom_site.label_alt_id 
_atom_site.label_comp_id 
_atom_site.label_asym_id 
_atom_site.label_entity_id 
_atom_site.label_seq_id 
_atom_site.pdbx_PDB_ins_code 
_atom_site.Cartn_x 
_atom_site.Cartn_y 
_atom_site.Cartn_z 
_atom_site.occupancy 
_atom_site.B_iso_or_equiv 
_atom_site.pdbx_formal_charge 
_atom_site.auth_seq_id 
_atom_site.auth_comp_id 
_atom_site.auth_asym_id 
_atom_site.auth_atom_id 
_atom_site.pdbx_PDB_model_num 
ATOM   1    N  N   . PRO A 1 6   ? -2.075  -9.834  17.501  1.00 50.46  ? 43  PRO A N   1 
ATOM   2    C  CA  . PRO A 1 6   ? -1.085  -10.963 17.299  1.00 51.41  ? 43  PRO A CA  1 
ATOM   3    C  C   . PRO A 1 6   ? -1.057  -11.441 15.811  1.00 46.77  ? 43  PRO A C   1 
ATOM   4    O  O   . PRO A 1 6   ? -2.103  -11.820 15.228  1.00 40.64  ? 43  PRO A O   1 
ATOM   5    C  CB  . PRO A 1 6   ? -1.562  -12.085 18.261  1.00 54.71  ? 43  PRO A CB  1 
ATOM   6    C  CG  . PRO A 1 6   ? -2.922  -11.625 18.749  1.00 58.90  ? 43  PRO A CG  1 
ATOM   7    C  CD  . PRO A 1 6   ? -3.350  -10.322 18.041  1.00 60.14  ? 43  PRO A CD  1 
ATOM   8    N  N   . VAL A 1 7   ? 0.119   -11.353 15.197  1.00 42.01  ? 44  VAL A N   1 
ATOM   9    C  CA  . VAL A 1 7   ? 0.284   -11.599 13.736  1.00 37.09  ? 44  VAL A CA  1 
ATOM   10   C  C   . VAL A 1 7   ? 1.512   -12.420 13.456  1.00 37.38  ? 44  VAL A C   1 
ATOM   11   O  O   . VAL A 1 7   ? 2.490   -12.387 14.260  1.00 43.03  ? 44  VAL A O   1 
ATOM   12   C  CB  . VAL A 1 7   ? 0.254   -10.228 12.850  1.00 37.51  ? 44  VAL A CB  1 
ATOM   13   C  CG1 . VAL A 1 7   ? -0.996  -9.402  13.159  1.00 39.69  ? 44  VAL A CG1 1 
ATOM   14   C  CG2 . VAL A 1 7   ? 1.496   -9.375  13.028  1.00 39.62  ? 44  VAL A CG2 1 
ATOM   15   N  N   . GLU A 1 8   ? 1.463   -13.143 12.354  1.00 33.18  ? 45  GLU A N   1 
ATOM   16   C  CA  . GLU A 1 8   ? 2.550   -13.955 11.859  1.00 36.24  ? 45  GLU A CA  1 
ATOM   17   C  C   . GLU A 1 8   ? 3.662   -13.083 11.370  1.00 37.24  ? 45  GLU A C   1 
ATOM   18   O  O   . GLU A 1 8   ? 3.471   -11.925 11.183  1.00 37.14  ? 45  GLU A O   1 
ATOM   19   C  CB  . GLU A 1 8   ? 2.112   -14.759 10.667  1.00 44.58  ? 45  GLU A CB  1 
ATOM   20   C  CG  . GLU A 1 8   ? 1.162   -15.885 10.917  1.00 55.60  ? 45  GLU A CG  1 
ATOM   21   C  CD  . GLU A 1 8   ? 0.969   -16.715 9.669   1.00 63.08  ? 45  GLU A CD  1 
ATOM   22   O  OE1 . GLU A 1 8   ? 1.600   -16.424 8.623   1.00 50.54  ? 45  GLU A OE1 1 
ATOM   23   O  OE2 . GLU A 1 8   ? 0.208   -17.670 9.752   1.00 58.81  ? 45  GLU A OE2 1 
ATOM   24   N  N   . THR A 1 9   ? 4.820   -13.668 11.128  1.00 35.58  ? 46  THR A N   1 
ATOM   25   C  CA  . THR A 1 9   ? 5.943   -12.854 10.729  1.00 36.73  ? 46  THR A CA  1 
ATOM   26   C  C   . THR A 1 9   ? 6.132   -12.863 9.190   1.00 33.24  ? 46  THR A C   1 
ATOM   27   O  O   . THR A 1 9   ? 6.841   -12.010 8.735   1.00 38.47  ? 46  THR A O   1 
ATOM   28   C  CB  . THR A 1 9   ? 7.247   -13.392 11.370  1.00 41.23  ? 46  THR A CB  1 
ATOM   29   O  OG1 . THR A 1 9   ? 7.424   -14.754 10.954  1.00 45.36  ? 46  THR A OG1 1 
ATOM   30   C  CG2 . THR A 1 9   ? 7.154   -13.261 12.907  1.00 49.13  ? 46  THR A CG2 1 
ATOM   31   N  N   . GLU A 1 10  ? 5.541   -13.796 8.432   1.00 35.38  ? 47  GLU A N   1 
ATOM   32   C  CA  . GLU A 1 10  ? 5.789   -13.928 6.997   1.00 33.13  ? 47  GLU A CA  1 
ATOM   33   C  C   . GLU A 1 10  ? 5.063   -12.718 6.289   1.00 31.18  ? 47  GLU A C   1 
ATOM   34   O  O   . GLU A 1 10  ? 3.849   -12.550 6.434   1.00 29.99  ? 47  GLU A O   1 
ATOM   35   C  CB  . GLU A 1 10  ? 5.206   -15.209 6.432   1.00 34.98  ? 47  GLU A CB  1 
ATOM   36   C  CG  . GLU A 1 10  ? 5.541   -15.340 4.939   1.00 41.18  ? 47  GLU A CG  1 
ATOM   37   C  CD  . GLU A 1 10  ? 4.875   -16.496 4.142   1.00 58.72  ? 47  GLU A CD  1 
ATOM   38   O  OE1 . GLU A 1 10  ? 4.100   -17.343 4.678   1.00 63.27  ? 47  GLU A OE1 1 
ATOM   39   O  OE2 . GLU A 1 10  ? 5.105   -16.557 2.893   1.00 69.28  ? 47  GLU A OE2 1 
ATOM   40   N  N   . ASN A 1 11  ? 5.809   -11.969 5.462   1.00 29.31  ? 48  ASN A N   1 
ATOM   41   C  CA  . ASN A 1 11  ? 5.135   -10.956 4.638   1.00 24.40  ? 48  ASN A CA  1 
ATOM   42   C  C   . ASN A 1 11  ? 4.549   -11.638 3.389   1.00 25.15  ? 48  ASN A C   1 
ATOM   43   O  O   . ASN A 1 11  ? 5.313   -11.989 2.401   1.00 26.29  ? 48  ASN A O   1 
ATOM   44   C  CB  . ASN A 1 11  ? 6.185   -9.874  4.264   1.00 23.66  ? 48  ASN A CB  1 
ATOM   45   C  CG  . ASN A 1 11  ? 5.683   -9.002  3.068   1.00 23.43  ? 48  ASN A CG  1 
ATOM   46   O  OD1 . ASN A 1 11  ? 4.470   -8.851  2.924   1.00 23.04  ? 48  ASN A OD1 1 
ATOM   47   N  ND2 . ASN A 1 11  ? 6.558   -8.356  2.362   1.00 25.99  ? 48  ASN A ND2 1 
ATOM   48   N  N   . ILE A 1 12  ? 3.222   -11.808 3.356   1.00 24.68  ? 49  ILE A N   1 
ATOM   49   C  CA  . ILE A 1 12  ? 2.592   -12.619 2.266   1.00 25.27  ? 49  ILE A CA  1 
ATOM   50   C  C   . ILE A 1 12  ? 2.380   -11.741 1.065   1.00 25.18  ? 49  ILE A C   1 
ATOM   51   O  O   . ILE A 1 12  ? 1.957   -12.301 -0.019  1.00 27.85  ? 49  ILE A O   1 
ATOM   52   C  CB  . ILE A 1 12  ? 1.247   -13.288 2.696   1.00 27.40  ? 49  ILE A CB  1 
ATOM   53   C  CG1 . ILE A 1 12  ? 0.243   -12.260 3.257   1.00 27.69  ? 49  ILE A CG1 1 
ATOM   54   C  CG2 . ILE A 1 12  ? 1.548   -14.358 3.758   1.00 30.44  ? 49  ILE A CG2 1 
ATOM   55   C  CD1 . ILE A 1 12  ? -1.203  -12.842 3.309   1.00 29.84  ? 49  ILE A CD1 1 
ATOM   56   N  N   . ALA A 1 13  ? 2.678   -10.419 1.149   1.00 22.75  ? 50  ALA A N   1 
ATOM   57   C  CA  . ALA A 1 13  ? 2.519   -9.606  -0.094  1.00 22.00  ? 50  ALA A CA  1 
ATOM   58   C  C   . ALA A 1 13  ? 3.742   -9.712  -0.981  1.00 25.06  ? 50  ALA A C   1 
ATOM   59   O  O   . ALA A 1 13  ? 3.626   -9.378  -2.199  1.00 23.74  ? 50  ALA A O   1 
ATOM   60   C  CB  . ALA A 1 13  ? 2.303   -8.118  0.309   1.00 24.05  ? 50  ALA A CB  1 
ATOM   61   N  N   . ARG A 1 14  ? 4.909   -10.110 -0.478  1.00 26.11  ? 51  ARG A N   1 
ATOM   62   C  CA  . ARG A 1 14  ? 6.115   -10.166 -1.289  1.00 25.27  ? 51  ARG A CA  1 
ATOM   63   C  C   . ARG A 1 14  ? 5.963   -10.943 -2.555  1.00 23.07  ? 51  ARG A C   1 
ATOM   64   O  O   . ARG A 1 14  ? 5.547   -12.110 -2.555  1.00 26.51  ? 51  ARG A O   1 
ATOM   65   C  CB  . ARG A 1 14  ? 7.222   -10.755 -0.358  1.00 30.37  ? 51  ARG A CB  1 
ATOM   66   C  CG  . ARG A 1 14  ? 8.407   -11.116 -1.206  1.00 39.58  ? 51  ARG A CG  1 
ATOM   67   C  CD  . ARG A 1 14  ? 9.165   -9.852  -1.273  1.00 39.45  ? 51  ARG A CD  1 
ATOM   68   N  NE  . ARG A 1 14  ? 10.480  -10.201 -1.912  1.00 54.38  ? 51  ARG A NE  1 
ATOM   69   C  CZ  . ARG A 1 14  ? 10.701  -10.252 -3.243  1.00 55.91  ? 51  ARG A CZ  1 
ATOM   70   N  NH1 . ARG A 1 14  ? 11.901  -10.636 -3.655  1.00 44.76  ? 51  ARG A NH1 1 
ATOM   71   N  NH2 . ARG A 1 14  ? 9.748   -9.904  -4.171  1.00 46.39  ? 51  ARG A NH2 1 
ATOM   72   N  N   . GLY A 1 15  ? 6.273   -10.279 -3.667  1.00 23.95  ? 52  GLY A N   1 
ATOM   73   C  CA  . GLY A 1 15  ? 6.327   -11.031 -4.922  1.00 23.80  ? 52  GLY A CA  1 
ATOM   74   C  C   . GLY A 1 15  ? 4.978   -11.315 -5.514  1.00 25.87  ? 52  GLY A C   1 
ATOM   75   O  O   . GLY A 1 15  ? 4.871   -11.969 -6.588  1.00 28.69  ? 52  GLY A O   1 
ATOM   76   N  N   . LYS A 1 16  ? 3.903   -10.771 -4.962  1.00 24.15  ? 53  LYS A N   1 
ATOM   77   C  CA  . LYS A 1 16  ? 2.545   -10.971 -5.514  1.00 21.88  ? 53  LYS A CA  1 
ATOM   78   C  C   . LYS A 1 16  ? 2.227   -9.999  -6.657  1.00 23.75  ? 53  LYS A C   1 
ATOM   79   O  O   . LYS A 1 16  ? 2.939   -9.010  -6.873  1.00 26.00  ? 53  LYS A O   1 
ATOM   80   C  CB  . LYS A 1 16  ? 1.530   -10.765 -4.361  1.00 24.66  ? 53  LYS A CB  1 
ATOM   81   C  CG  . LYS A 1 16  ? 1.675   -11.818 -3.298  1.00 22.77  ? 53  LYS A CG  1 
ATOM   82   C  CD  . LYS A 1 16  ? 1.134   -13.178 -3.701  1.00 24.85  ? 53  LYS A CD  1 
ATOM   83   C  CE  . LYS A 1 16  ? 1.089   -14.225 -2.568  1.00 32.09  ? 53  LYS A CE  1 
ATOM   84   N  NZ  . LYS A 1 16  ? 2.335   -14.426 -1.828  1.00 35.49  ? 53  LYS A NZ  1 
ATOM   85   N  N   . GLN A 1 17  ? 1.183   -10.287 -7.440  1.00 24.45  ? 54  GLN A N   1 
ATOM   86   C  CA  . GLN A 1 17  ? 0.750   -9.379  -8.413  1.00 22.70  ? 54  GLN A CA  1 
ATOM   87   C  C   . GLN A 1 17  ? 0.280   -8.043  -7.867  1.00 26.65  ? 54  GLN A C   1 
ATOM   88   O  O   . GLN A 1 17  ? -0.368  -8.043  -6.807  1.00 28.72  ? 54  GLN A O   1 
ATOM   89   C  CB  . GLN A 1 17  ? -0.375  -10.061 -9.158  1.00 28.27  ? 54  GLN A CB  1 
ATOM   90   C  CG  . GLN A 1 17  ? -0.861  -9.210  -10.292 1.00 36.28  ? 54  GLN A CG  1 
ATOM   91   C  CD  . GLN A 1 17  ? -2.071  -9.866  -10.948 1.00 50.13  ? 54  GLN A CD  1 
ATOM   92   O  OE1 . GLN A 1 17  ? -2.063  -10.013 -12.174 1.00 51.65  ? 54  GLN A OE1 1 
ATOM   93   N  NE2 . GLN A 1 17  ? -3.146  -10.249 -10.146 1.00 35.66  ? 54  GLN A NE2 1 
ATOM   94   N  N   . ALA A 1 18  ? 0.681   -6.955  -8.431  1.00 23.09  ? 55  ALA A N   1 
ATOM   95   C  CA  . ALA A 1 18  ? 0.291   -5.611  -7.978  1.00 22.92  ? 55  ALA A CA  1 
ATOM   96   C  C   . ALA A 1 18  ? -0.073  -4.770  -9.132  1.00 25.72  ? 55  ALA A C   1 
ATOM   97   O  O   . ALA A 1 18  ? 0.380   -4.982  -10.307 1.00 27.38  ? 55  ALA A O   1 
ATOM   98   C  CB  . ALA A 1 18  ? 1.376   -4.918  -7.107  1.00 24.95  ? 55  ALA A CB  1 
ATOM   99   N  N   . SER A 1 19  ? -0.956  -3.856  -8.875  1.00 22.51  ? 56  SER A N   1 
ATOM   100  C  CA  . SER A 1 19  ? -1.318  -2.882  -9.949  1.00 22.78  ? 56  SER A CA  1 
ATOM   101  C  C   . SER A 1 19  ? -1.667  -1.551  -9.389  1.00 22.68  ? 56  SER A C   1 
ATOM   102  O  O   . SER A 1 19  ? -1.749  -1.401  -8.105  1.00 21.62  ? 56  SER A O   1 
ATOM   103  C  CB  . SER A 1 19  ? -2.564  -3.398  -10.682 1.00 26.67  ? 56  SER A CB  1 
ATOM   104  O  OG  . SER A 1 19  ? -3.664  -3.572  -9.806  1.00 28.77  ? 56  SER A OG  1 
ATOM   105  N  N   . GLN A 1 20  ? -1.869  -0.524  -10.186 1.00 21.78  ? 57  GLN A N   1 
ATOM   106  C  CA  . GLN A 1 20  ? -2.185  0.810   -9.620  1.00 20.06  ? 57  GLN A CA  1 
ATOM   107  C  C   . GLN A 1 20  ? -2.932  1.587   -10.718 1.00 23.20  ? 57  GLN A C   1 
ATOM   108  O  O   . GLN A 1 20  ? -2.966  1.128   -11.945 1.00 24.42  ? 57  GLN A O   1 
ATOM   109  C  CB  . GLN A 1 20  ? -0.862  1.463   -9.131  1.00 20.23  ? 57  GLN A CB  1 
ATOM   110  C  CG  . GLN A 1 20  ? 0.171   1.745   -10.293 1.00 20.42  ? 57  GLN A CG  1 
ATOM   111  C  CD  . GLN A 1 20  ? 1.532   2.054   -9.823  1.00 21.72  ? 57  GLN A CD  1 
ATOM   112  O  OE1 . GLN A 1 20  ? 1.802   2.114   -8.555  1.00 22.11  ? 57  GLN A OE1 1 
ATOM   113  N  NE2 . GLN A 1 20  ? 2.417   2.388   -10.705 1.00 22.72  ? 57  GLN A NE2 1 
ATOM   114  N  N   . SER A 1 21  ? -3.441  2.713   -10.304 1.00 23.11  ? 58  SER A N   1 
ATOM   115  C  CA  . SER A 1 21  ? -4.324  3.521   -11.199 1.00 23.32  ? 58  SER A CA  1 
ATOM   116  C  C   . SER A 1 21  ? -3.625  4.052   -12.422 1.00 26.24  ? 58  SER A C   1 
ATOM   117  O  O   . SER A 1 21  ? -4.320  4.139   -13.475 1.00 26.94  ? 58  SER A O   1 
ATOM   118  C  CB  . SER A 1 21  ? -4.910  4.649   -10.311 1.00 24.19  ? 58  SER A CB  1 
ATOM   119  O  OG  . SER A 1 21  ? -3.911  5.393   -9.734  1.00 24.29  ? 58  SER A OG  1 
ATOM   120  N  N   . SER A 1 22  ? -2.368  4.330   -12.401 1.00 21.91  ? 59  SER A N   1 
ATOM   121  C  CA  . SER A 1 22  ? -1.591  4.774   -13.556 1.00 23.78  ? 59  SER A CA  1 
ATOM   122  C  C   . SER A 1 22  ? -0.129  4.640   -13.139 1.00 23.83  ? 59  SER A C   1 
ATOM   123  O  O   . SER A 1 22  ? 0.174   4.509   -11.899 1.00 23.23  ? 59  SER A O   1 
ATOM   124  C  CB  . SER A 1 22  ? -1.892  6.225   -13.968 1.00 25.45  ? 59  SER A CB  1 
ATOM   125  O  OG  . SER A 1 22  ? -1.649  7.160   -12.833 1.00 24.10  ? 59  SER A OG  1 
ATOM   126  N  N   . THR A 1 23  ? 0.808   4.817   -14.076 1.00 22.35  ? 60  THR A N   1 
ATOM   127  C  CA  . THR A 1 23  ? 2.197   4.722   -13.774 1.00 20.93  ? 60  THR A CA  1 
ATOM   128  C  C   . THR A 1 23  ? 2.923   5.886   -14.297 1.00 24.43  ? 60  THR A C   1 
ATOM   129  O  O   . THR A 1 23  ? 2.715   6.193   -15.516 1.00 24.96  ? 60  THR A O   1 
ATOM   130  C  CB  . THR A 1 23  ? 2.841   3.340   -14.297 1.00 22.10  ? 60  THR A CB  1 
ATOM   131  O  OG1 . THR A 1 23  ? 2.092   2.249   -13.716 1.00 24.07  ? 60  THR A OG1 1 
ATOM   132  C  CG2 . THR A 1 23  ? 4.327   3.282   -13.975 1.00 21.73  ? 60  THR A CG2 1 
ATOM   133  N  N   . ALA A 1 24  ? 3.782   6.566   -13.562 1.00 22.22  ? 61  ALA A N   1 
ATOM   134  C  CA  . ALA A 1 24  ? 4.560   7.703   -14.007 1.00 21.93  ? 61  ALA A CA  1 
ATOM   135  C  C   . ALA A 1 24  ? 6.006   7.544   -13.534 1.00 22.63  ? 61  ALA A C   1 
ATOM   136  O  O   . ALA A 1 24  ? 6.268   6.761   -12.555 1.00 21.73  ? 61  ALA A O   1 
ATOM   137  C  CB  . ALA A 1 24  ? 4.020   9.035   -13.491 1.00 24.95  ? 61  ALA A CB  1 
ATOM   138  N  N   . HIS A 1 25  ? 6.960   8.205   -14.197 1.00 21.84  ? 62  HIS A N   1 
ATOM   139  C  CA  . HIS A 1 25  ? 8.334   8.188   -13.799 1.00 20.80  ? 62  HIS A CA  1 
ATOM   140  C  C   . HIS A 1 25  ? 8.883   6.781   -13.612 1.00 22.39  ? 62  HIS A C   1 
ATOM   141  O  O   . HIS A 1 25  ? 9.831   6.567   -12.816 1.00 24.87  ? 62  HIS A O   1 
ATOM   142  C  CB  . HIS A 1 25  ? 8.488   8.989   -12.446 1.00 21.62  ? 62  HIS A CB  1 
ATOM   143  C  CG  . HIS A 1 25  ? 8.287   10.451  -12.658 1.00 24.76  ? 62  HIS A CG  1 
ATOM   144  N  ND1 . HIS A 1 25  ? 7.272   11.196  -12.114 1.00 31.01  ? 62  HIS A ND1 1 
ATOM   145  C  CD2 . HIS A 1 25  ? 8.956   11.253  -13.495 1.00 22.55  ? 62  HIS A CD2 1 
ATOM   146  C  CE1 . HIS A 1 25  ? 7.366   12.468  -12.620 1.00 26.24  ? 62  HIS A CE1 1 
ATOM   147  N  NE2 . HIS A 1 25  ? 8.444   12.504  -13.380 1.00 30.65  ? 62  HIS A NE2 1 
ATOM   148  N  N   . GLY A 1 26  ? 8.396   5.791   -14.362 1.00 21.57  ? 63  GLY A N   1 
ATOM   149  C  CA  . GLY A 1 26  ? 8.883   4.426   -14.273 1.00 22.03  ? 63  GLY A CA  1 
ATOM   150  C  C   . GLY A 1 26  ? 8.502   3.698   -12.950 1.00 21.73  ? 63  GLY A C   1 
ATOM   151  O  O   . GLY A 1 26  ? 9.044   2.631   -12.720 1.00 22.96  ? 63  GLY A O   1 
ATOM   152  N  N   . GLY A 1 27  ? 7.598   4.289   -12.174 1.00 22.69  ? 64  GLY A N   1 
ATOM   153  C  CA  . GLY A 1 27  ? 7.405   3.724   -10.786 1.00 23.25  ? 64  GLY A CA  1 
ATOM   154  C  C   . GLY A 1 27  ? 6.405   2.572   -10.710 1.00 20.45  ? 64  GLY A C   1 
ATOM   155  O  O   . GLY A 1 27  ? 5.282   2.641   -10.150 1.00 21.08  ? 64  GLY A O   1 
ATOM   156  N  N   . ALA A 1 28  ? 6.847   1.422   -11.310 1.00 19.89  ? 65  ALA A N   1 
ATOM   157  C  CA  . ALA A 1 28  ? 6.018   0.252   -11.420 1.00 18.74  ? 65  ALA A CA  1 
ATOM   158  C  C   . ALA A 1 28  ? 5.373   -0.189  -10.087 1.00 21.17  ? 65  ALA A C   1 
ATOM   159  O  O   . ALA A 1 28  ? 6.078   -0.159  -9.033  1.00 21.50  ? 65  ALA A O   1 
ATOM   160  C  CB  . ALA A 1 28  ? 6.929   -0.906  -11.919 1.00 23.08  ? 65  ALA A CB  1 
ATOM   161  N  N   . ALA A 1 29  ? 4.142   -0.576  -10.180 1.00 20.59  ? 66  ALA A N   1 
ATOM   162  C  CA  . ALA A 1 29  ? 3.336   -1.009  -8.987  1.00 19.56  ? 66  ALA A CA  1 
ATOM   163  C  C   . ALA A 1 29  ? 4.071   -2.119  -8.270  1.00 20.44  ? 66  ALA A C   1 
ATOM   164  O  O   . ALA A 1 29  ? 4.005   -2.233  -6.996  1.00 21.00  ? 66  ALA A O   1 
ATOM   165  C  CB  . ALA A 1 29  ? 1.947   -1.514  -9.322  1.00 22.29  ? 66  ALA A CB  1 
ATOM   166  N  N   . THR A 1 30  ? 4.819   -2.989  -8.926  1.00 19.48  ? 67  THR A N   1 
ATOM   167  C  CA  . THR A 1 30  ? 5.510   -4.128  -8.289  1.00 19.85  ? 67  THR A CA  1 
ATOM   168  C  C   . THR A 1 30  ? 6.676   -3.672  -7.369  1.00 20.73  ? 67  THR A C   1 
ATOM   169  O  O   . THR A 1 30  ? 7.119   -4.481  -6.553  1.00 21.96  ? 67  THR A O   1 
ATOM   170  C  CB  . THR A 1 30  ? 6.009   -5.147  -9.318  1.00 23.76  ? 67  THR A CB  1 
ATOM   171  O  OG1 . THR A 1 30  ? 6.687   -4.476  -10.366 1.00 24.34  ? 67  THR A OG1 1 
ATOM   172  C  CG2 . THR A 1 30  ? 4.790   -5.803  -9.908  1.00 27.02  ? 67  THR A CG2 1 
ATOM   173  N  N   . ARG A 1 31  ? 7.052   -2.420  -7.429  1.00 20.91  ? 68  ARG A N   1 
ATOM   174  C  CA  . ARG A 1 31  ? 8.102   -1.937  -6.571  1.00 19.08  ? 68  ARG A CA  1 
ATOM   175  C  C   . ARG A 1 31  ? 7.644   -1.915  -5.130  1.00 19.53  ? 68  ARG A C   1 
ATOM   176  O  O   . ARG A 1 31  ? 8.455   -1.880  -4.254  1.00 20.14  ? 68  ARG A O   1 
ATOM   177  C  CB  . ARG A 1 31  ? 8.571   -0.561  -6.986  1.00 19.29  ? 68  ARG A CB  1 
ATOM   178  C  CG  . ARG A 1 31  ? 9.323   -0.531  -8.305  1.00 19.42  ? 68  ARG A CG  1 
ATOM   179  C  CD  . ARG A 1 31  ? 9.618   0.864   -8.782  1.00 18.36  ? 68  ARG A CD  1 
ATOM   180  N  NE  . ARG A 1 31  ? 10.388  0.845   -10.007 1.00 20.49  ? 68  ARG A NE  1 
ATOM   181  C  CZ  . ARG A 1 31  ? 11.012  1.894   -10.494 1.00 21.40  ? 68  ARG A CZ  1 
ATOM   182  N  NH1 . ARG A 1 31  ? 11.715  1.773   -11.596 1.00 22.32  ? 68  ARG A NH1 1 
ATOM   183  N  NH2 . ARG A 1 31  ? 10.952  3.048   -9.865  1.00 20.89  ? 68  ARG A NH2 1 
ATOM   184  N  N   . ALA A 1 32  ? 6.346   -1.917  -4.908  1.00 19.21  ? 69  ALA A N   1 
ATOM   185  C  CA  . ALA A 1 32  ? 5.922   -1.917  -3.430  1.00 18.08  ? 69  ALA A CA  1 
ATOM   186  C  C   . ALA A 1 32  ? 5.862   -3.310  -2.881  1.00 20.77  ? 69  ALA A C   1 
ATOM   187  O  O   . ALA A 1 32  ? 5.626   -3.504  -1.633  1.00 21.03  ? 69  ALA A O   1 
ATOM   188  C  CB  . ALA A 1 32  ? 4.566   -1.193  -3.265  1.00 19.39  ? 69  ALA A CB  1 
ATOM   189  N  N   . VAL A 1 33  ? 6.103   -4.337  -3.665  1.00 19.46  ? 70  VAL A N   1 
ATOM   190  C  CA  . VAL A 1 33  ? 6.115   -5.725  -3.186  1.00 20.37  ? 70  VAL A CA  1 
ATOM   191  C  C   . VAL A 1 33  ? 7.391   -6.491  -3.607  1.00 19.39  ? 70  VAL A C   1 
ATOM   192  O  O   . VAL A 1 33  ? 7.449   -7.729  -3.667  1.00 22.23  ? 70  VAL A O   1 
ATOM   193  C  CB  . VAL A 1 33  ? 4.836   -6.529  -3.532  1.00 22.26  ? 70  VAL A CB  1 
ATOM   194  C  CG1 . VAL A 1 33  ? 3.619   -5.918  -2.830  1.00 21.28  ? 70  VAL A CG1 1 
ATOM   195  C  CG2 . VAL A 1 33  ? 4.606   -6.546  -5.068  1.00 25.69  ? 70  VAL A CG2 1 
ATOM   196  N  N   . ASP A 1 34  ? 8.490   -5.770  -3.741  1.00 19.88  ? 71  ASP A N   1 
ATOM   197  C  CA  . ASP A 1 34  ? 9.761   -6.336  -4.190  1.00 21.41  ? 71  ASP A CA  1 
ATOM   198  C  C   . ASP A 1 34  ? 10.653  -6.730  -3.074  1.00 24.02  ? 71  ASP A C   1 
ATOM   199  O  O   . ASP A 1 34  ? 11.800  -7.137  -3.322  1.00 26.54  ? 71  ASP A O   1 
ATOM   200  C  CB  . ASP A 1 34  ? 10.471  -5.433  -5.209  1.00 22.01  ? 71  ASP A CB  1 
ATOM   201  C  CG  . ASP A 1 34  ? 10.946  -4.129  -4.684  1.00 22.33  ? 71  ASP A CG  1 
ATOM   202  O  OD1 . ASP A 1 34  ? 10.691  -3.815  -3.451  1.00 20.68  ? 71  ASP A OD1 1 
ATOM   203  O  OD2 . ASP A 1 34  ? 11.626  -3.320  -5.375  1.00 23.66  ? 71  ASP A OD2 1 
ATOM   204  N  N   . GLY A 1 35  ? 10.174  -6.543  -1.828  1.00 21.99  ? 72  GLY A N   1 
ATOM   205  C  CA  . GLY A 1 35  ? 11.074  -6.965  -0.774  1.00 24.34  ? 72  GLY A CA  1 
ATOM   206  C  C   . GLY A 1 35  ? 12.115  -5.981  -0.349  1.00 25.62  ? 72  GLY A C   1 
ATOM   207  O  O   . GLY A 1 35  ? 13.106  -6.384  0.306   1.00 28.39  ? 72  GLY A O   1 
ATOM   208  N  N   . ASN A 1 36  ? 11.952  -4.709  -0.695  1.00 21.32  ? 73  ASN A N   1 
ATOM   209  C  CA  . ASN A 1 36  ? 12.961  -3.722  -0.439  1.00 20.76  ? 73  ASN A CA  1 
ATOM   210  C  C   . ASN A 1 36  ? 12.299  -2.449  -0.025  1.00 20.87  ? 73  ASN A C   1 
ATOM   211  O  O   . ASN A 1 36  ? 11.482  -1.757  -0.728  1.00 21.24  ? 73  ASN A O   1 
ATOM   212  C  CB  . ASN A 1 36  ? 13.721  -3.444  -1.792  1.00 21.37  ? 73  ASN A CB  1 
ATOM   213  C  CG  . ASN A 1 36  ? 14.842  -2.479  -1.609  1.00 25.34  ? 73  ASN A CG  1 
ATOM   214  O  OD1 . ASN A 1 36  ? 14.985  -1.810  -0.570  1.00 22.97  ? 73  ASN A OD1 1 
ATOM   215  N  ND2 . ASN A 1 36  ? 15.596  -2.285  -2.664  1.00 25.79  ? 73  ASN A ND2 1 
ATOM   216  N  N   . VAL A 1 37  ? 12.387  -2.063  1.309   1.00 21.71  ? 74  VAL A N   1 
ATOM   217  C  CA  . VAL A 1 37  ? 11.754  -0.911  1.771   1.00 21.79  ? 74  VAL A CA  1 
ATOM   218  C  C   . VAL A 1 37  ? 12.489  0.427   1.639   1.00 22.21  ? 74  VAL A C   1 
ATOM   219  O  O   . VAL A 1 37  ? 12.064  1.482   2.118   1.00 25.03  ? 74  VAL A O   1 
ATOM   220  C  CB  . VAL A 1 37  ? 11.419  -1.077  3.346   1.00 21.56  ? 74  VAL A CB  1 
ATOM   221  C  CG1 . VAL A 1 37  ? 10.608  -2.350  3.596   1.00 24.97  ? 74  VAL A CG1 1 
ATOM   222  C  CG2 . VAL A 1 37  ? 12.721  -1.074  4.217   1.00 24.08  ? 74  VAL A CG2 1 
ATOM   223  N  N   . ASP A 1 38  ? 13.610  0.372   0.909   1.00 21.21  ? 75  ASP A N   1 
ATOM   224  C  CA  . ASP A 1 38  ? 14.361  1.598   0.620   1.00 21.82  ? 75  ASP A CA  1 
ATOM   225  C  C   . ASP A 1 38  ? 13.495  2.701   0.074   1.00 23.97  ? 75  ASP A C   1 
ATOM   226  O  O   . ASP A 1 38  ? 12.824  2.509   -0.973  1.00 23.33  ? 75  ASP A O   1 
ATOM   227  C  CB  . ASP A 1 38  ? 15.499  1.304   -0.360  1.00 21.70  ? 75  ASP A CB  1 
ATOM   228  C  CG  . ASP A 1 38  ? 16.444  2.453   -0.518  1.00 21.94  ? 75  ASP A CG  1 
ATOM   229  O  OD1 . ASP A 1 38  ? 17.684  2.117   -0.799  1.00 26.25  ? 75  ASP A OD1 1 
ATOM   230  O  OD2 . ASP A 1 38  ? 16.140  3.638   -0.479  1.00 25.99  ? 75  ASP A OD2 1 
ATOM   231  N  N   . SER A 1 39  ? 13.402  3.815   0.802   1.00 24.36  ? 76  SER A N   1 
ATOM   232  C  CA  . SER A 1 39  ? 12.445  4.843   0.465   1.00 23.17  ? 76  SER A CA  1 
ATOM   233  C  C   . SER A 1 39  ? 12.889  5.938   -0.468  1.00 20.15  ? 76  SER A C   1 
ATOM   234  O  O   . SER A 1 39  ? 12.147  6.881   -0.762  1.00 23.94  ? 76  SER A O   1 
ATOM   235  C  CB  . SER A 1 39  ? 11.898  5.435   1.775   1.00 26.15  ? 76  SER A CB  1 
ATOM   236  O  OG  . SER A 1 39  ? 12.937  6.194   2.363   1.00 28.33  ? 76  SER A OG  1 
ATOM   237  N  N   . ASP A 1 40  ? 14.121  5.831   -1.025  1.00 23.07  ? 77  ASP A N   1 
ATOM   238  C  CA  . ASP A 1 40  ? 14.604  6.869   -1.916  1.00 23.78  ? 77  ASP A CA  1 
ATOM   239  C  C   . ASP A 1 40  ? 14.179  6.516   -3.356  1.00 22.32  ? 77  ASP A C   1 
ATOM   240  O  O   . ASP A 1 40  ? 14.570  5.448   -3.788  1.00 23.58  ? 77  ASP A O   1 
ATOM   241  C  CB  . ASP A 1 40  ? 16.140  6.810   -1.867  1.00 25.62  ? 77  ASP A CB  1 
ATOM   242  C  CG  . ASP A 1 40  ? 16.791  7.968   -2.596  1.00 31.47  ? 77  ASP A CG  1 
ATOM   243  O  OD1 . ASP A 1 40  ? 17.854  8.556   -2.010  1.00 27.67  ? 77  ASP A OD1 1 
ATOM   244  O  OD2 . ASP A 1 40  ? 16.328  8.355   -3.684  1.00 28.57  ? 77  ASP A OD2 1 
ATOM   245  N  N   . TYR A 1 41  ? 13.377  7.394   -3.942  1.00 23.39  ? 78  TYR A N   1 
ATOM   246  C  CA  . TYR A 1 41  ? 12.842  7.061   -5.334  1.00 21.62  ? 78  TYR A CA  1 
ATOM   247  C  C   . TYR A 1 41  ? 14.002  6.749   -6.260  1.00 25.15  ? 78  TYR A C   1 
ATOM   248  O  O   . TYR A 1 41  ? 13.809  5.936   -7.183  1.00 22.81  ? 78  TYR A O   1 
ATOM   249  C  CB  . TYR A 1 41  ? 12.027  8.290   -5.836  1.00 21.76  ? 78  TYR A CB  1 
ATOM   250  C  CG  . TYR A 1 41  ? 11.217  7.837   -7.033  1.00 21.23  ? 78  TYR A CG  1 
ATOM   251  C  CD1 . TYR A 1 41  ? 11.721  8.050   -8.314  1.00 23.18  ? 78  TYR A CD1 1 
ATOM   252  C  CD2 . TYR A 1 41  ? 10.029  7.205   -6.830  1.00 21.50  ? 78  TYR A CD2 1 
ATOM   253  C  CE1 . TYR A 1 41  ? 10.981  7.547   -9.382  1.00 23.36  ? 78  TYR A CE1 1 
ATOM   254  C  CE2 . TYR A 1 41  ? 9.244   6.674   -7.920  1.00 21.40  ? 78  TYR A CE2 1 
ATOM   255  C  CZ  . TYR A 1 41  ? 9.804   6.910   -9.153  1.00 24.72  ? 78  TYR A CZ  1 
ATOM   256  O  OH  . TYR A 1 41  ? 9.028   6.359   -10.170 1.00 23.66  ? 78  TYR A OH  1 
ATOM   257  N  N   . GLY A 1 42  ? 15.177  7.354   -6.040  1.00 23.53  ? 79  GLY A N   1 
ATOM   258  C  CA  . GLY A 1 42  ? 16.297  7.098   -7.001  1.00 24.12  ? 79  GLY A CA  1 
ATOM   259  C  C   . GLY A 1 42  ? 16.861  5.746   -6.895  1.00 24.54  ? 79  GLY A C   1 
ATOM   260  O  O   . GLY A 1 42  ? 17.717  5.373   -7.742  1.00 25.92  ? 79  GLY A O   1 
ATOM   261  N  N   . HIS A 1 43  ? 16.565  4.962   -5.832  1.00 22.35  ? 80  HIS A N   1 
ATOM   262  C  CA  . HIS A 1 43  ? 17.063  3.611   -5.735  1.00 22.35  ? 80  HIS A CA  1 
ATOM   263  C  C   . HIS A 1 43  ? 16.089  2.539   -6.323  1.00 21.26  ? 80  HIS A C   1 
ATOM   264  O  O   . HIS A 1 43  ? 16.289  1.338   -6.167  1.00 22.64  ? 80  HIS A O   1 
ATOM   265  C  CB  . HIS A 1 43  ? 17.302  3.341   -4.253  1.00 23.00  ? 80  HIS A CB  1 
ATOM   266  C  CG  . HIS A 1 43  ? 18.382  4.214   -3.725  1.00 22.54  ? 80  HIS A CG  1 
ATOM   267  N  ND1 . HIS A 1 43  ? 18.636  4.242   -2.346  1.00 23.30  ? 80  HIS A ND1 1 
ATOM   268  C  CD2 . HIS A 1 43  ? 19.202  5.130   -4.301  1.00 24.19  ? 80  HIS A CD2 1 
ATOM   269  C  CE1 . HIS A 1 43  ? 19.605  5.187   -2.119  1.00 23.82  ? 80  HIS A CE1 1 
ATOM   270  N  NE2 . HIS A 1 43  ? 19.969  5.728   -3.282  1.00 26.21  ? 80  HIS A NE2 1 
ATOM   271  N  N   . HIS A 1 44  ? 15.003  3.057   -7.012  1.00 22.90  ? 81  HIS A N   1 
ATOM   272  C  CA  . HIS A 1 44  ? 14.109  2.270   -7.883  1.00 22.83  ? 81  HIS A CA  1 
ATOM   273  C  C   . HIS A 1 44  ? 13.155  1.319   -7.243  1.00 21.48  ? 81  HIS A C   1 
ATOM   274  O  O   . HIS A 1 44  ? 12.664  0.354   -7.805  1.00 23.20  ? 81  HIS A O   1 
ATOM   275  C  CB  . HIS A 1 44  ? 14.937  1.431   -8.930  1.00 22.55  ? 81  HIS A CB  1 
ATOM   276  C  CG  . HIS A 1 44  ? 15.961  2.228   -9.653  1.00 25.34  ? 81  HIS A CG  1 
ATOM   277  N  ND1 . HIS A 1 44  ? 15.639  3.323   -10.380 1.00 28.18  ? 81  HIS A ND1 1 
ATOM   278  C  CD2 . HIS A 1 44  ? 17.320  2.012   -9.768  1.00 29.17  ? 81  HIS A CD2 1 
ATOM   279  C  CE1 . HIS A 1 44  ? 16.851  3.789   -10.928 1.00 31.83  ? 81  HIS A CE1 1 
ATOM   280  N  NE2 . HIS A 1 44  ? 17.832  2.997   -10.548 1.00 31.75  ? 81  HIS A NE2 1 
ATOM   281  N  N   . SER A 1 45  ? 12.976  1.487   -5.888  1.00 21.54  ? 82  SER A N   1 
ATOM   282  C  CA  . SER A 1 45  ? 12.079  0.539   -5.178  1.00 21.89  ? 82  SER A CA  1 
ATOM   283  C  C   . SER A 1 45  ? 10.790  1.238   -4.659  1.00 20.88  ? 82  SER A C   1 
ATOM   284  O  O   . SER A 1 45  ? 10.127  0.711   -3.748  1.00 21.66  ? 82  SER A O   1 
ATOM   285  C  CB  . SER A 1 45  ? 12.849  -0.220  -4.019  1.00 20.72  ? 82  SER A CB  1 
ATOM   286  O  OG  . SER A 1 45  ? 12.157  -1.404  -3.720  1.00 21.04  ? 82  SER A OG  1 
ATOM   287  N  N   . VAL A 1 46  ? 10.425  2.384   -5.251  1.00 19.20  ? 83  VAL A N   1 
ATOM   288  C  CA  . VAL A 1 46  ? 9.254   3.129   -4.811  1.00 19.10  ? 83  VAL A CA  1 
ATOM   289  C  C   . VAL A 1 46  ? 8.333   3.286   -6.013  1.00 20.40  ? 83  VAL A C   1 
ATOM   290  O  O   . VAL A 1 46  ? 8.815   3.610   -7.141  1.00 21.12  ? 83  VAL A O   1 
ATOM   291  C  CB  . VAL A 1 46  ? 9.669   4.525   -4.283  1.00 21.80  ? 83  VAL A CB  1 
ATOM   292  C  CG1 . VAL A 1 46  ? 8.444   5.428   -3.881  1.00 22.54  ? 83  VAL A CG1 1 
ATOM   293  C  CG2 . VAL A 1 46  ? 10.725  4.387   -3.073  1.00 21.23  ? 83  VAL A CG2 1 
ATOM   294  N  N   . THR A 1 47  ? 7.045   3.116   -5.749  1.00 18.84  ? 84  THR A N   1 
ATOM   295  C  CA  . THR A 1 47  ? 6.055   3.222   -6.890  1.00 18.84  ? 84  THR A CA  1 
ATOM   296  C  C   . THR A 1 47  ? 5.747   4.700   -7.203  1.00 21.03  ? 84  THR A C   1 
ATOM   297  O  O   . THR A 1 47  ? 6.110   5.621   -6.424  1.00 20.14  ? 84  THR A O   1 
ATOM   298  C  CB  . THR A 1 47  ? 4.728   2.554   -6.529  1.00 19.42  ? 84  THR A CB  1 
ATOM   299  O  OG1 . THR A 1 47  ? 4.102   3.305   -5.434  1.00 20.64  ? 84  THR A OG1 1 
ATOM   300  C  CG2 . THR A 1 47  ? 4.878   1.065   -6.070  1.00 20.25  ? 84  THR A CG2 1 
ATOM   301  N  N   . HIS A 1 48  ? 5.046   4.964   -8.343  1.00 20.67  ? 85  HIS A N   1 
ATOM   302  C  CA  . HIS A 1 48  ? 4.559   6.327   -8.622  1.00 19.88  ? 85  HIS A CA  1 
ATOM   303  C  C   . HIS A 1 48  ? 3.495   6.314   -9.646  1.00 23.05  ? 85  HIS A C   1 
ATOM   304  O  O   . HIS A 1 48  ? 3.678   5.666   -10.721 1.00 22.89  ? 85  HIS A O   1 
ATOM   305  C  CB  . HIS A 1 48  ? 5.801   7.096   -9.201  1.00 20.51  ? 85  HIS A CB  1 
ATOM   306  C  CG  . HIS A 1 48  ? 5.759   8.612   -9.063  1.00 22.64  ? 85  HIS A CG  1 
ATOM   307  N  ND1 . HIS A 1 48  ? 4.684   9.382   -9.400  1.00 22.35  ? 85  HIS A ND1 1 
ATOM   308  C  CD2 . HIS A 1 48  ? 6.775   9.456   -8.586  1.00 23.94  ? 85  HIS A CD2 1 
ATOM   309  C  CE1 . HIS A 1 48  ? 5.015   10.679  -9.127  1.00 22.60  ? 85  HIS A CE1 1 
ATOM   310  N  NE2 . HIS A 1 48  ? 6.271   10.738  -8.627  1.00 22.98  ? 85  HIS A NE2 1 
ATOM   311  N  N   . THR A 1 49  ? 2.357   6.872   -9.302  1.00 21.65  ? 86  THR A N   1 
ATOM   312  C  CA  . THR A 1 49  ? 1.257   6.963   -10.287 1.00 21.84  ? 86  THR A CA  1 
ATOM   313  C  C   . THR A 1 49  ? 1.379   8.403   -10.930 1.00 22.38  ? 86  THR A C   1 
ATOM   314  O  O   . THR A 1 49  ? 2.201   9.249   -10.581 1.00 23.73  ? 86  THR A O   1 
ATOM   315  C  CB  . THR A 1 49  ? -0.148  6.893   -9.643  1.00 24.41  ? 86  THR A CB  1 
ATOM   316  O  OG1 . THR A 1 49  ? -0.353  8.032   -8.767  1.00 24.08  ? 86  THR A OG1 1 
ATOM   317  C  CG2 . THR A 1 49  ? -0.319  5.620   -8.731  1.00 23.49  ? 86  THR A CG2 1 
ATOM   318  N  N   . ASN A 1 50  ? 0.479   8.665   -11.915 1.00 25.62  ? 87  ASN A N   1 
ATOM   319  C  CA  . ASN A 1 50  ? 0.386   10.010  -12.396 1.00 23.15  ? 87  ASN A CA  1 
ATOM   320  C  C   . ASN A 1 50  ? -0.161  10.919  -11.255 1.00 24.61  ? 87  ASN A C   1 
ATOM   321  O  O   . ASN A 1 50  ? -0.721  10.447  -10.249 1.00 26.12  ? 87  ASN A O   1 
ATOM   322  C  CB  . ASN A 1 50  ? -0.682  10.034  -13.440 1.00 23.27  ? 87  ASN A CB  1 
ATOM   323  C  CG  . ASN A 1 50  ? -0.190  9.326   -14.734 1.00 22.64  ? 87  ASN A CG  1 
ATOM   324  O  OD1 . ASN A 1 50  ? 0.984   9.213   -14.957 1.00 28.17  ? 87  ASN A OD1 1 
ATOM   325  N  ND2 . ASN A 1 50  ? -1.136  8.999   -15.587 1.00 27.01  ? 87  ASN A ND2 1 
ATOM   326  N  N   . PHE A 1 51  ? 0.039   12.214  -11.431 1.00 24.12  ? 88  PHE A N   1 
ATOM   327  C  CA  . PHE A 1 51  ? -0.738  13.205  -10.626 1.00 25.71  ? 88  PHE A CA  1 
ATOM   328  C  C   . PHE A 1 51  ? -2.166  13.077  -11.130 1.00 29.92  ? 88  PHE A C   1 
ATOM   329  O  O   . PHE A 1 51  ? -2.479  13.288  -12.373 1.00 31.93  ? 88  PHE A O   1 
ATOM   330  C  CB  . PHE A 1 51  ? -0.240  14.609  -10.874 1.00 23.93  ? 88  PHE A CB  1 
ATOM   331  C  CG  . PHE A 1 51  ? 1.036   14.985  -10.247 1.00 28.42  ? 88  PHE A CG  1 
ATOM   332  C  CD1 . PHE A 1 51  ? 1.024   15.945  -9.138  1.00 32.93  ? 88  PHE A CD1 1 
ATOM   333  C  CD2 . PHE A 1 51  ? 2.262   14.468  -10.660 1.00 31.50  ? 88  PHE A CD2 1 
ATOM   334  C  CE1 . PHE A 1 51  ? 2.254   16.248  -8.580  1.00 33.22  ? 88  PHE A CE1 1 
ATOM   335  C  CE2 . PHE A 1 51  ? 3.452   14.739  -10.008 1.00 37.33  ? 88  PHE A CE2 1 
ATOM   336  C  CZ  . PHE A 1 51  ? 3.450   15.667  -8.974  1.00 36.40  ? 88  PHE A CZ  1 
ATOM   337  N  N   . GLU A 1 52  ? -3.087  12.626  -10.303 1.00 26.02  ? 89  GLU A N   1 
ATOM   338  C  CA  . GLU A 1 52  ? -4.467  12.349  -10.698 1.00 24.88  ? 89  GLU A CA  1 
ATOM   339  C  C   . GLU A 1 52  ? -5.363  12.358  -9.451  1.00 27.88  ? 89  GLU A C   1 
ATOM   340  O  O   . GLU A 1 52  ? -4.835  12.477  -8.323  1.00 30.24  ? 89  GLU A O   1 
ATOM   341  C  CB  . GLU A 1 52  ? -4.627  11.036  -11.420 1.00 26.98  ? 89  GLU A CB  1 
ATOM   342  C  CG  . GLU A 1 52  ? -4.279  9.802   -10.510 1.00 28.80  ? 89  GLU A CG  1 
ATOM   343  C  CD  . GLU A 1 52  ? -4.332  8.490   -11.316 1.00 35.37  ? 89  GLU A CD  1 
ATOM   344  O  OE1 . GLU A 1 52  ? -5.137  8.340   -12.251 1.00 39.10  ? 89  GLU A OE1 1 
ATOM   345  O  OE2 . GLU A 1 52  ? -3.502  7.630   -11.074 1.00 36.65  ? 89  GLU A OE2 1 
ATOM   346  N  N   . ASP A 1 53  ? -6.648  12.399  -9.680  1.00 29.38  ? 90  ASP A N   1 
ATOM   347  C  CA  . ASP A 1 53  ? -7.574  12.304  -8.556  1.00 29.40  ? 90  ASP A CA  1 
ATOM   348  C  C   . ASP A 1 53  ? -7.727  10.869  -8.134  1.00 28.81  ? 90  ASP A C   1 
ATOM   349  O  O   . ASP A 1 53  ? -7.913  9.915   -8.917  1.00 28.66  ? 90  ASP A O   1 
ATOM   350  C  CB  . ASP A 1 53  ? -8.949  12.810  -8.994  1.00 31.13  ? 90  ASP A CB  1 
ATOM   351  C  CG  . ASP A 1 53  ? -8.901  14.348  -9.366  1.00 34.15  ? 90  ASP A CG  1 
ATOM   352  O  OD1 . ASP A 1 53  ? -7.907  15.082  -9.131  1.00 35.52  ? 90  ASP A OD1 1 
ATOM   353  O  OD2 . ASP A 1 53  ? -9.920  14.766  -9.970  1.00 42.57  ? 90  ASP A OD2 1 
ATOM   354  N  N   . ASN A 1 54  ? -7.710  10.731  -6.806  1.00 29.54  ? 91  ASN A N   1 
ATOM   355  C  CA  . ASN A 1 54  ? -8.058  9.420   -6.242  1.00 29.02  ? 91  ASN A CA  1 
ATOM   356  C  C   . ASN A 1 54  ? -7.165  8.244   -6.832  1.00 25.98  ? 91  ASN A C   1 
ATOM   357  O  O   . ASN A 1 54  ? -7.662  7.184   -7.158  1.00 28.54  ? 91  ASN A O   1 
ATOM   358  C  CB  . ASN A 1 54  ? -9.555  9.047   -6.479  1.00 33.69  ? 91  ASN A CB  1 
ATOM   359  C  CG  . ASN A 1 54  ? -10.496 10.116  -5.899  1.00 42.78  ? 91  ASN A CG  1 
ATOM   360  O  OD1 . ASN A 1 54  ? -10.328 10.589  -4.797  1.00 42.87  ? 91  ASN A OD1 1 
ATOM   361  N  ND2 . ASN A 1 54  ? -11.395 10.584  -6.719  1.00 46.76  ? 91  ASN A ND2 1 
ATOM   362  N  N   . ALA A 1 55  ? -5.872  8.526   -6.763  1.00 25.96  ? 92  ALA A N   1 
ATOM   363  C  CA  . ALA A 1 55  ? -4.856  7.529   -7.164  1.00 24.86  ? 92  ALA A CA  1 
ATOM   364  C  C   . ALA A 1 55  ? -4.988  6.336   -6.242  1.00 25.55  ? 92  ALA A C   1 
ATOM   365  O  O   . ALA A 1 55  ? -5.302  6.480   -5.046  1.00 25.50  ? 92  ALA A O   1 
ATOM   366  C  CB  . ALA A 1 55  ? -3.507  8.163   -7.054  1.00 23.82  ? 92  ALA A CB  1 
ATOM   367  N  N   . TRP A 1 56  ? -4.710  5.147   -6.753  1.00 23.44  ? 93  TRP A N   1 
ATOM   368  C  CA  . TRP A 1 56  ? -4.733  3.940   -5.942  1.00 22.23  ? 93  TRP A CA  1 
ATOM   369  C  C   . TRP A 1 56  ? -3.670  2.922   -6.330  1.00 22.74  ? 93  TRP A C   1 
ATOM   370  O  O   . TRP A 1 56  ? -3.130  2.968   -7.395  1.00 23.57  ? 93  TRP A O   1 
ATOM   371  C  CB  . TRP A 1 56  ? -6.125  3.308   -5.912  1.00 22.52  ? 93  TRP A CB  1 
ATOM   372  C  CG  . TRP A 1 56  ? -6.614  2.885   -7.256  1.00 24.89  ? 93  TRP A CG  1 
ATOM   373  C  CD1 . TRP A 1 56  ? -7.472  3.557   -8.088  1.00 26.89  ? 93  TRP A CD1 1 
ATOM   374  C  CD2 . TRP A 1 56  ? -6.263  1.683   -7.979  1.00 25.11  ? 93  TRP A CD2 1 
ATOM   375  N  NE1 . TRP A 1 56  ? -7.674  2.874   -9.230  1.00 26.46  ? 93  TRP A NE1 1 
ATOM   376  C  CE2 . TRP A 1 56  ? -6.974  1.751   -9.239  1.00 25.41  ? 93  TRP A CE2 1 
ATOM   377  C  CE3 . TRP A 1 56  ? -5.469  0.606   -7.725  1.00 23.16  ? 93  TRP A CE3 1 
ATOM   378  C  CZ2 . TRP A 1 56  ? -6.861  0.774   -10.179 1.00 27.26  ? 93  TRP A CZ2 1 
ATOM   379  C  CZ3 . TRP A 1 56  ? -5.364  -0.369  -8.682  1.00 25.64  ? 93  TRP A CZ3 1 
ATOM   380  C  CH2 . TRP A 1 56  ? -6.044  -0.286  -9.880  1.00 28.26  ? 93  TRP A CH2 1 
ATOM   381  N  N   . TRP A 1 57  ? -3.407  1.996   -5.429  1.00 21.21  ? 94  TRP A N   1 
ATOM   382  C  CA  . TRP A 1 57  ? -2.474  0.902   -5.605  1.00 20.06  ? 94  TRP A CA  1 
ATOM   383  C  C   . TRP A 1 57  ? -3.056  -0.328  -4.941  1.00 22.16  ? 94  TRP A C   1 
ATOM   384  O  O   . TRP A 1 57  ? -3.719  -0.191  -3.949  1.00 22.93  ? 94  TRP A O   1 
ATOM   385  C  CB  . TRP A 1 57  ? -1.138  1.253   -4.986  1.00 20.02  ? 94  TRP A CB  1 
ATOM   386  C  CG  . TRP A 1 57  ? -0.147  0.129   -4.985  1.00 20.19  ? 94  TRP A CG  1 
ATOM   387  C  CD1 . TRP A 1 57  ? 0.877   -0.097  -5.887  1.00 19.10  ? 94  TRP A CD1 1 
ATOM   388  C  CD2 . TRP A 1 57  ? -0.030  -0.947  -4.025  1.00 20.69  ? 94  TRP A CD2 1 
ATOM   389  N  NE1 . TRP A 1 57  ? 1.560   -1.203  -5.576  1.00 19.26  ? 94  TRP A NE1 1 
ATOM   390  C  CE2 . TRP A 1 57  ? 1.079   -1.757  -4.467  1.00 21.80  ? 94  TRP A CE2 1 
ATOM   391  C  CE3 . TRP A 1 57  ? -0.705  -1.310  -2.885  1.00 21.37  ? 94  TRP A CE3 1 
ATOM   392  C  CZ2 . TRP A 1 57  ? 1.468   -2.875  -3.794  1.00 20.76  ? 94  TRP A CZ2 1 
ATOM   393  C  CZ3 . TRP A 1 57  ? -0.310  -2.440  -2.233  1.00 20.81  ? 94  TRP A CZ3 1 
ATOM   394  C  CH2 . TRP A 1 57  ? 0.753   -3.204  -2.670  1.00 21.29  ? 94  TRP A CH2 1 
ATOM   395  N  N   . GLN A 1 58  ? -2.827  -1.520  -5.490  1.00 21.76  ? 95  GLN A N   1 
ATOM   396  C  CA  . GLN A 1 58  ? -3.452  -2.734  -4.980  1.00 20.89  ? 95  GLN A CA  1 
ATOM   397  C  C   . GLN A 1 58  ? -2.496  -3.890  -5.117  1.00 23.56  ? 95  GLN A C   1 
ATOM   398  O  O   . GLN A 1 58  ? -1.714  -3.937  -6.091  1.00 25.36  ? 95  GLN A O   1 
ATOM   399  C  CB  . GLN A 1 58  ? -4.713  -3.040  -5.791  1.00 27.63  ? 95  GLN A CB  1 
ATOM   400  C  CG  . GLN A 1 58  ? -5.441  -4.319  -5.374  1.00 32.89  ? 95  GLN A CG  1 
ATOM   401  C  CD  . GLN A 1 58  ? -6.711  -4.334  -6.192  1.00 36.53  ? 95  GLN A CD  1 
ATOM   402  O  OE1 . GLN A 1 58  ? -6.704  -4.904  -7.304  1.00 38.67  ? 95  GLN A OE1 1 
ATOM   403  N  NE2 . GLN A 1 58  ? -7.720  -3.626  -5.687  1.00 34.59  ? 95  GLN A NE2 1 
ATOM   404  N  N   . VAL A 1 59  ? -2.531  -4.816  -4.161  1.00 22.06  ? 96  VAL A N   1 
ATOM   405  C  CA  . VAL A 1 59  ? -1.875  -6.107  -4.342  1.00 22.63  ? 96  VAL A CA  1 
ATOM   406  C  C   . VAL A 1 59  ? -2.938  -7.208  -4.261  1.00 25.09  ? 96  VAL A C   1 
ATOM   407  O  O   . VAL A 1 59  ? -3.875  -7.212  -3.442  1.00 23.28  ? 96  VAL A O   1 
ATOM   408  C  CB  . VAL A 1 59  ? -0.739  -6.294  -3.308  1.00 22.16  ? 96  VAL A CB  1 
ATOM   409  C  CG1 . VAL A 1 59  ? -1.279  -6.104  -1.825  1.00 21.66  ? 96  VAL A CG1 1 
ATOM   410  C  CG2 . VAL A 1 59  ? -0.052  -7.667  -3.448  1.00 23.00  ? 96  VAL A CG2 1 
ATOM   411  N  N   . ASP A 1 60  ? -2.764  -8.216  -5.130  1.00 22.37  ? 97  ASP A N   1 
ATOM   412  C  CA  . ASP A 1 60  ? -3.611  -9.427  -5.096  1.00 21.54  ? 97  ASP A CA  1 
ATOM   413  C  C   . ASP A 1 60  ? -2.886  -10.508 -4.400  1.00 23.57  ? 97  ASP A C   1 
ATOM   414  O  O   . ASP A 1 60  ? -1.796  -11.027 -4.873  1.00 26.31  ? 97  ASP A O   1 
ATOM   415  C  CB  . ASP A 1 60  ? -3.896  -9.784  -6.586  1.00 24.21  ? 97  ASP A CB  1 
ATOM   416  C  CG  . ASP A 1 60  ? -4.727  -10.993 -6.726  1.00 28.80  ? 97  ASP A CG  1 
ATOM   417  O  OD1 . ASP A 1 60  ? -5.025  -11.625 -5.759  1.00 26.51  ? 97  ASP A OD1 1 
ATOM   418  O  OD2 . ASP A 1 60  ? -5.037  -11.380 -7.921  1.00 28.67  ? 97  ASP A OD2 1 
ATOM   419  N  N   . LEU A 1 61  ? -3.320  -10.911 -3.169  1.00 24.29  ? 98  LEU A N   1 
ATOM   420  C  CA  . LEU A 1 61  ? -2.680  -11.977 -2.427  1.00 23.43  ? 98  LEU A CA  1 
ATOM   421  C  C   . LEU A 1 61  ? -2.784  -13.367 -3.072  1.00 23.79  ? 98  LEU A C   1 
ATOM   422  O  O   . LEU A 1 61  ? -2.101  -14.283 -2.583  1.00 29.70  ? 98  LEU A O   1 
ATOM   423  C  CB  . LEU A 1 61  ? -3.192  -12.045 -0.989  1.00 23.54  ? 98  LEU A CB  1 
ATOM   424  C  CG  . LEU A 1 61  ? -3.077  -10.693 -0.291  1.00 26.02  ? 98  LEU A CG  1 
ATOM   425  C  CD1 . LEU A 1 61  ? -3.772  -10.756 1.079   1.00 26.46  ? 98  LEU A CD1 1 
ATOM   426  C  CD2 . LEU A 1 61  ? -1.619  -10.220 -0.035  1.00 27.09  ? 98  LEU A CD2 1 
ATOM   427  N  N   . GLY A 1 62  ? -3.663  -13.455 -4.081  1.00 25.35  ? 99  GLY A N   1 
ATOM   428  C  CA  . GLY A 1 62  ? -3.729  -14.694 -4.849  1.00 29.31  ? 99  GLY A CA  1 
ATOM   429  C  C   . GLY A 1 62  ? -4.761  -15.691 -4.359  1.00 33.49  ? 99  GLY A C   1 
ATOM   430  O  O   . GLY A 1 62  ? -5.143  -16.599 -5.083  1.00 32.00  ? 99  GLY A O   1 
ATOM   431  N  N   . LYS A 1 63  ? -5.224  -15.479 -3.127  1.00 27.34  ? 100 LYS A N   1 
ATOM   432  C  CA  . LYS A 1 63  ? -6.182  -16.357 -2.426  1.00 27.54  ? 100 LYS A CA  1 
ATOM   433  C  C   . LYS A 1 63  ? -6.667  -15.519 -1.248  1.00 26.68  ? 100 LYS A C   1 
ATOM   434  O  O   . LYS A 1 63  ? -6.061  -14.472 -0.957  1.00 26.82  ? 100 LYS A O   1 
ATOM   435  C  CB  . LYS A 1 63  ? -5.569  -17.686 -1.950  1.00 30.03  ? 100 LYS A CB  1 
ATOM   436  C  CG  . LYS A 1 63  ? -4.445  -17.542 -0.954  1.00 38.12  ? 100 LYS A CG  1 
ATOM   437  C  CD  . LYS A 1 63  ? -3.780  -18.916 -0.694  1.00 50.58  ? 100 LYS A CD  1 
ATOM   438  C  CE  . LYS A 1 63  ? -2.257  -18.721 -0.565  1.00 69.46  ? 100 LYS A CE  1 
ATOM   439  N  NZ  . LYS A 1 63  ? -1.482  -19.902 -0.062  1.00 82.55  ? 100 LYS A NZ  1 
ATOM   440  N  N   . THR A 1 64  ? -7.802  -15.914 -0.660  1.00 27.03  ? 101 THR A N   1 
ATOM   441  C  CA  . THR A 1 64  ? -8.290  -15.211 0.563   1.00 25.43  ? 101 THR A CA  1 
ATOM   442  C  C   . THR A 1 64  ? -7.476  -15.600 1.763   1.00 25.36  ? 101 THR A C   1 
ATOM   443  O  O   . THR A 1 64  ? -7.323  -16.804 2.048   1.00 27.28  ? 101 THR A O   1 
ATOM   444  C  CB  . THR A 1 64  ? -9.772  -15.553 0.718   1.00 25.49  ? 101 THR A CB  1 
ATOM   445  O  OG1 . THR A 1 64  ? -10.436 -15.060 -0.458  1.00 27.95  ? 101 THR A OG1 1 
ATOM   446  C  CG2 . THR A 1 64  ? -10.375 -14.797 1.942   1.00 26.62  ? 101 THR A CG2 1 
ATOM   447  N  N   . GLU A 1 65  ? -6.978  -14.568 2.485   1.00 24.78  ? 102 GLU A N   1 
ATOM   448  C  CA  . GLU A 1 65  ? -6.151  -14.890 3.646   1.00 26.98  ? 102 GLU A CA  1 
ATOM   449  C  C   . GLU A 1 65  ? -6.772  -14.163 4.803   1.00 24.63  ? 102 GLU A C   1 
ATOM   450  O  O   . GLU A 1 65  ? -7.400  -13.119 4.673   1.00 25.34  ? 102 GLU A O   1 
ATOM   451  C  CB  . GLU A 1 65  ? -4.788  -14.232 3.419   1.00 28.14  ? 102 GLU A CB  1 
ATOM   452  C  CG  . GLU A 1 65  ? -4.071  -14.877 2.235   1.00 31.00  ? 102 GLU A CG  1 
ATOM   453  C  CD  . GLU A 1 65  ? -3.318  -16.136 2.622   1.00 39.69  ? 102 GLU A CD  1 
ATOM   454  O  OE1 . GLU A 1 65  ? -2.515  -16.628 1.772   1.00 37.59  ? 102 GLU A OE1 1 
ATOM   455  O  OE2 . GLU A 1 65  ? -3.503  -16.675 3.741   1.00 35.41  ? 102 GLU A OE2 1 
ATOM   456  N  N   . ASN A 1 66  ? -6.410  -14.613 6.023   1.00 25.90  ? 103 ASN A N   1 
ATOM   457  C  CA  . ASN A 1 66  ? -6.927  -13.860 7.163   1.00 25.03  ? 103 ASN A CA  1 
ATOM   458  C  C   . ASN A 1 66  ? -5.901  -12.808 7.614   1.00 27.22  ? 103 ASN A C   1 
ATOM   459  O  O   . ASN A 1 66  ? -4.807  -13.167 8.156   1.00 27.85  ? 103 ASN A O   1 
ATOM   460  C  CB  . ASN A 1 66  ? -7.216  -14.841 8.286   1.00 27.83  ? 103 ASN A CB  1 
ATOM   461  C  CG  . ASN A 1 66  ? -8.099  -14.238 9.372   1.00 34.05  ? 103 ASN A CG  1 
ATOM   462  O  OD1 . ASN A 1 66  ? -7.552  -13.594 10.222  1.00 36.27  ? 103 ASN A OD1 1 
ATOM   463  N  ND2 . ASN A 1 66  ? -9.452  -14.286 9.268   1.00 33.49  ? 103 ASN A ND2 1 
ATOM   464  N  N   . VAL A 1 67  ? -6.201  -11.565 7.226   1.00 26.99  ? 104 VAL A N   1 
ATOM   465  C  CA  . VAL A 1 67  ? -5.240  -10.436 7.336   1.00 25.93  ? 104 VAL A CA  1 
ATOM   466  C  C   . VAL A 1 67  ? -5.374  -9.838  8.705   1.00 27.16  ? 104 VAL A C   1 
ATOM   467  O  O   . VAL A 1 67  ? -6.452  -9.449  9.160   1.00 27.81  ? 104 VAL A O   1 
ATOM   468  C  CB  . VAL A 1 67  ? -5.544  -9.392  6.297   1.00 28.39  ? 104 VAL A CB  1 
ATOM   469  C  CG1 . VAL A 1 67  ? -4.595  -8.171  6.456   1.00 26.77  ? 104 VAL A CG1 1 
ATOM   470  C  CG2 . VAL A 1 67  ? -5.324  -10.097 4.917   1.00 28.79  ? 104 VAL A CG2 1 
ATOM   471  N  N   . GLY A 1 68  ? -4.202  -9.730  9.347   1.00 27.97  ? 105 GLY A N   1 
ATOM   472  C  CA  . GLY A 1 68  ? -4.168  -9.028  10.601  1.00 28.23  ? 105 GLY A CA  1 
ATOM   473  C  C   . GLY A 1 68  ? -3.387  -7.707  10.621  1.00 26.32  ? 105 GLY A C   1 
ATOM   474  O  O   . GLY A 1 68  ? -3.587  -6.875  11.542  1.00 26.69  ? 105 GLY A O   1 
ATOM   475  N  N   . LYS A 1 69  ? -2.428  -7.513  9.669   1.00 26.83  ? 106 LYS A N   1 
ATOM   476  C  CA  . LYS A 1 69  ? -1.622  -6.269  9.722   1.00 24.95  ? 106 LYS A CA  1 
ATOM   477  C  C   . LYS A 1 69  ? -1.223  -5.887  8.272   1.00 23.12  ? 106 LYS A C   1 
ATOM   478  O  O   . LYS A 1 69  ? -0.893  -6.794  7.527   1.00 26.69  ? 106 LYS A O   1 
ATOM   479  C  CB  . LYS A 1 69  ? -0.362  -6.412  10.569  1.00 26.80  ? 106 LYS A CB  1 
ATOM   480  C  CG  . LYS A 1 69  ? 0.442   -5.135  10.789  1.00 26.95  ? 106 LYS A CG  1 
ATOM   481  C  CD  . LYS A 1 69  ? 1.755   -5.612  11.488  1.00 32.78  ? 106 LYS A CD  1 
ATOM   482  C  CE  . LYS A 1 69  ? 2.684   -4.517  11.916  1.00 42.97  ? 106 LYS A CE  1 
ATOM   483  N  NZ  . LYS A 1 69  ? 3.767   -5.218  12.713  1.00 41.09  ? 106 LYS A NZ  1 
ATOM   484  N  N   . VAL A 1 70  ? -1.329  -4.626  8.009   1.00 22.95  ? 107 VAL A N   1 
ATOM   485  C  CA  . VAL A 1 70  ? -0.748  -4.126  6.708   1.00 23.89  ? 107 VAL A CA  1 
ATOM   486  C  C   . VAL A 1 70  ? 0.214   -3.014  7.134   1.00 25.59  ? 107 VAL A C   1 
ATOM   487  O  O   . VAL A 1 70  ? -0.176  -2.100  7.895   1.00 25.93  ? 107 VAL A O   1 
ATOM   488  C  CB  . VAL A 1 70  ? -1.854  -3.562  5.819   1.00 23.79  ? 107 VAL A CB  1 
ATOM   489  C  CG1 . VAL A 1 70  ? -1.247  -2.922  4.504   1.00 25.52  ? 107 VAL A CG1 1 
ATOM   490  C  CG2 . VAL A 1 70  ? -2.842  -4.681  5.400   1.00 23.89  ? 107 VAL A CG2 1 
ATOM   491  N  N   . LYS A 1 71  ? 1.455   -3.060  6.601   1.00 23.24  ? 108 LYS A N   1 
ATOM   492  C  CA  . LYS A 1 71  ? 2.448   -2.023  6.950   1.00 23.48  ? 108 LYS A CA  1 
ATOM   493  C  C   . LYS A 1 71  ? 2.797   -1.226  5.732   1.00 24.03  ? 108 LYS A C   1 
ATOM   494  O  O   . LYS A 1 71  ? 3.127   -1.898  4.694   1.00 24.87  ? 108 LYS A O   1 
ATOM   495  C  CB  . LYS A 1 71  ? 3.669   -2.714  7.569   1.00 29.34  ? 108 LYS A CB  1 
ATOM   496  C  CG  . LYS A 1 71  ? 4.598   -1.728  8.234   1.00 31.16  ? 108 LYS A CG  1 
ATOM   497  C  CD  . LYS A 1 71  ? 5.586   -2.562  9.097   1.00 31.83  ? 108 LYS A CD  1 
ATOM   498  C  CE  . LYS A 1 71  ? 6.551   -1.514  9.698   1.00 42.08  ? 108 LYS A CE  1 
ATOM   499  N  NZ  . LYS A 1 71  ? 7.781   -2.186  10.267  1.00 41.40  ? 108 LYS A NZ  1 
ATOM   500  N  N   . LEU A 1 72  ? 2.644   0.052   5.809   1.00 22.43  ? 109 LEU A N   1 
ATOM   501  C  CA  . LEU A 1 72  ? 2.970   0.899   4.635   1.00 21.55  ? 109 LEU A CA  1 
ATOM   502  C  C   . LEU A 1 72  ? 4.314   1.563   4.939   1.00 25.33  ? 109 LEU A C   1 
ATOM   503  O  O   . LEU A 1 72  ? 4.543   2.139   6.031   1.00 26.43  ? 109 LEU A O   1 
ATOM   504  C  CB  . LEU A 1 72  ? 1.953   1.998   4.365   1.00 22.94  ? 109 LEU A CB  1 
ATOM   505  C  CG  . LEU A 1 72  ? 0.505   1.577   4.215   1.00 29.58  ? 109 LEU A CG  1 
ATOM   506  C  CD1 . LEU A 1 72  ? -0.287  2.852   3.861   1.00 29.93  ? 109 LEU A CD1 1 
ATOM   507  C  CD2 . LEU A 1 72  ? 0.232   0.498   3.235   1.00 33.07  ? 109 LEU A CD2 1 
ATOM   508  N  N   . TYR A 1 73  ? 5.160   1.668   3.897   1.00 22.34  ? 110 TYR A N   1 
ATOM   509  C  CA  . TYR A 1 73  ? 6.441   2.356   4.024   1.00 22.21  ? 110 TYR A CA  1 
ATOM   510  C  C   . TYR A 1 73  ? 6.407   3.470   3.033   1.00 25.50  ? 110 TYR A C   1 
ATOM   511  O  O   . TYR A 1 73  ? 6.193   3.242   1.798   1.00 23.97  ? 110 TYR A O   1 
ATOM   512  C  CB  . TYR A 1 73  ? 7.641   1.437   3.703   1.00 21.45  ? 110 TYR A CB  1 
ATOM   513  C  CG  . TYR A 1 73  ? 7.813   0.290   4.656   1.00 22.34  ? 110 TYR A CG  1 
ATOM   514  C  CD1 . TYR A 1 73  ? 8.857   0.390   5.636   1.00 24.64  ? 110 TYR A CD1 1 
ATOM   515  C  CD2 . TYR A 1 73  ? 6.961   -0.793  4.685   1.00 23.96  ? 110 TYR A CD2 1 
ATOM   516  C  CE1 . TYR A 1 73  ? 9.043   -0.689  6.465   1.00 25.01  ? 110 TYR A CE1 1 
ATOM   517  C  CE2 . TYR A 1 73  ? 7.113   -1.858  5.600   1.00 24.73  ? 110 TYR A CE2 1 
ATOM   518  C  CZ  . TYR A 1 73  ? 8.157   -1.728  6.487   1.00 26.80  ? 110 TYR A CZ  1 
ATOM   519  O  OH  . TYR A 1 73  ? 8.416   -2.792  7.330   1.00 29.97  ? 110 TYR A OH  1 
ATOM   520  N  N   . ASN A 1 74  ? 6.491   4.688   3.488   1.00 23.45  ? 111 ASN A N   1 
ATOM   521  C  CA  . ASN A 1 74  ? 6.388   5.855   2.671   1.00 23.55  ? 111 ASN A CA  1 
ATOM   522  C  C   . ASN A 1 74  ? 7.651   6.151   1.836   1.00 23.14  ? 111 ASN A C   1 
ATOM   523  O  O   . ASN A 1 74  ? 8.721   5.698   2.152   1.00 24.18  ? 111 ASN A O   1 
ATOM   524  C  CB  . ASN A 1 74  ? 6.016   7.115   3.564   1.00 25.71  ? 111 ASN A CB  1 
ATOM   525  C  CG  . ASN A 1 74  ? 5.365   8.243   2.798   1.00 27.58  ? 111 ASN A CG  1 
ATOM   526  O  OD1 . ASN A 1 74  ? 5.064   8.181   1.581   1.00 26.14  ? 111 ASN A OD1 1 
ATOM   527  N  ND2 . ASN A 1 74  ? 5.106   9.351   3.488   1.00 25.85  ? 111 ASN A ND2 1 
ATOM   528  N  N   . ARG A 1 75  ? 7.445   6.952   0.758   1.00 25.06  ? 112 ARG A N   1 
ATOM   529  C  CA  . ARG A 1 75  ? 8.591   7.581   0.093   1.00 23.86  ? 112 ARG A CA  1 
ATOM   530  C  C   . ARG A 1 75  ? 9.316   8.516   1.060   1.00 28.72  ? 112 ARG A C   1 
ATOM   531  O  O   . ARG A 1 75  ? 8.642   9.195   1.830   1.00 30.11  ? 112 ARG A O   1 
ATOM   532  C  CB  . ARG A 1 75  ? 8.121   8.300   -1.178  1.00 23.65  ? 112 ARG A CB  1 
ATOM   533  C  CG  . ARG A 1 75  ? 9.309   8.922   -1.916  1.00 23.47  ? 112 ARG A CG  1 
ATOM   534  C  CD  . ARG A 1 75  ? 8.777   9.590   -3.217  1.00 26.17  ? 112 ARG A CD  1 
ATOM   535  N  NE  . ARG A 1 75  ? 9.945   10.266  -3.889  1.00 24.36  ? 112 ARG A NE  1 
ATOM   536  C  CZ  . ARG A 1 75  ? 9.819   11.003  -5.002  1.00 23.58  ? 112 ARG A CZ  1 
ATOM   537  N  NH1 . ARG A 1 75  ? 8.622   11.186  -5.640  1.00 24.55  ? 112 ARG A NH1 1 
ATOM   538  N  NH2 . ARG A 1 75  ? 10.961  11.514  -5.459  1.00 25.35  ? 112 ARG A NH2 1 
ATOM   539  N  N   . GLY A 1 76  ? 10.629  8.538   0.923   1.00 26.21  ? 113 GLY A N   1 
ATOM   540  C  CA  . GLY A 1 76  ? 11.469  9.351   1.876   1.00 27.44  ? 113 GLY A CA  1 
ATOM   541  C  C   . GLY A 1 76  ? 12.284  10.486  1.296   1.00 38.37  ? 113 GLY A C   1 
ATOM   542  O  O   . GLY A 1 76  ? 12.737  11.294  2.063   1.00 39.92  ? 113 GLY A O   1 
ATOM   543  N  N   . ASP A 1 77  ? 12.560  10.544  0.001   1.00 31.24  ? 114 ASP A N   1 
ATOM   544  C  CA  . ASP A 1 77  ? 13.365  11.566  -0.558  1.00 34.06  ? 114 ASP A CA  1 
ATOM   545  C  C   . ASP A 1 77  ? 12.522  12.673  -1.186  1.00 39.78  ? 114 ASP A C   1 
ATOM   546  O  O   . ASP A 1 77  ? 11.296  12.546  -1.391  1.00 37.13  ? 114 ASP A O   1 
ATOM   547  C  CB  . ASP A 1 77  ? 14.181  10.967  -1.722  1.00 31.35  ? 114 ASP A CB  1 
ATOM   548  C  CG  . ASP A 1 77  ? 13.306  10.625  -2.904  1.00 36.30  ? 114 ASP A CG  1 
ATOM   549  O  OD1 . ASP A 1 77  ? 13.453  11.277  -3.993  1.00 35.11  ? 114 ASP A OD1 1 
ATOM   550  O  OD2 . ASP A 1 77  ? 12.463  9.757   -2.694  1.00 28.69  ? 114 ASP A OD2 1 
ATOM   551  N  N   . GLY A 1 78  ? 13.157  13.816  -1.512  1.00 42.16  ? 115 GLY A N   1 
ATOM   552  C  CA  . GLY A 1 78  ? 12.476  14.827  -2.330  1.00 39.44  ? 115 GLY A CA  1 
ATOM   553  C  C   . GLY A 1 78  ? 11.480  15.765  -1.606  1.00 41.71  ? 115 GLY A C   1 
ATOM   554  O  O   . GLY A 1 78  ? 10.818  16.581  -2.255  1.00 42.82  ? 115 GLY A O   1 
ATOM   555  N  N   . ASN A 1 79  ? 11.354  15.660  -0.277  1.00 42.78  ? 116 ASN A N   1 
ATOM   556  C  CA  . ASN A 1 79  ? 10.389  16.495  0.477   1.00 39.22  ? 116 ASN A CA  1 
ATOM   557  C  C   . ASN A 1 79  ? 8.924   16.371  0.000   1.00 42.44  ? 116 ASN A C   1 
ATOM   558  O  O   . ASN A 1 79  ? 8.213   17.339  -0.042  1.00 43.64  ? 116 ASN A O   1 
ATOM   559  C  CB  . ASN A 1 79  ? 10.772  17.989  0.366   1.00 50.54  ? 116 ASN A CB  1 
ATOM   560  C  CG  . ASN A 1 79  ? 11.872  18.375  1.324   1.00 68.60  ? 116 ASN A CG  1 
ATOM   561  O  OD1 . ASN A 1 79  ? 13.004  18.669  0.923   1.00 75.68  ? 116 ASN A OD1 1 
ATOM   562  N  ND2 . ASN A 1 79  ? 11.543  18.374  2.612   1.00 81.35  ? 116 ASN A ND2 1 
ATOM   563  N  N   . VAL A 1 80  ? 8.487   15.170  -0.356  1.00 32.32  ? 117 VAL A N   1 
ATOM   564  C  CA  . VAL A 1 80  ? 7.183   14.963  -0.961  1.00 31.60  ? 117 VAL A CA  1 
ATOM   565  C  C   . VAL A 1 80  ? 6.511   13.797  -0.194  1.00 31.86  ? 117 VAL A C   1 
ATOM   566  O  O   . VAL A 1 80  ? 5.478   13.235  -0.622  1.00 30.77  ? 117 VAL A O   1 
ATOM   567  C  CB  . VAL A 1 80  ? 7.318   14.582  -2.449  1.00 34.70  ? 117 VAL A CB  1 
ATOM   568  C  CG1 . VAL A 1 80  ? 7.756   15.814  -3.260  1.00 35.44  ? 117 VAL A CG1 1 
ATOM   569  C  CG2 . VAL A 1 80  ? 8.227   13.363  -2.633  1.00 34.59  ? 117 VAL A CG2 1 
ATOM   570  N  N   . ALA A 1 81  ? 6.993   13.536  1.027   1.00 32.05  ? 118 ALA A N   1 
ATOM   571  C  CA  . ALA A 1 81  ? 6.378   12.467  1.865   1.00 33.40  ? 118 ALA A CA  1 
ATOM   572  C  C   . ALA A 1 81  ? 4.930   12.742  2.182   1.00 29.89  ? 118 ALA A C   1 
ATOM   573  O  O   . ALA A 1 81  ? 4.089   11.801  2.331   1.00 29.69  ? 118 ALA A O   1 
ATOM   574  C  CB  . ALA A 1 81  ? 7.171   12.232  3.184   1.00 35.41  ? 118 ALA A CB  1 
ATOM   575  N  N   . ASN A 1 82  ? 4.594   14.025  2.224   1.00 31.50  ? 119 ASN A N   1 
ATOM   576  C  CA  . ASN A 1 82  ? 3.229   14.460  2.481   1.00 31.41  ? 119 ASN A CA  1 
ATOM   577  C  C   . ASN A 1 82  ? 2.178   13.864  1.543   1.00 30.90  ? 119 ASN A C   1 
ATOM   578  O  O   . ASN A 1 82  ? 1.032   13.668  1.950   1.00 33.01  ? 119 ASN A O   1 
ATOM   579  C  CB  . ASN A 1 82  ? 3.144   15.989  2.452   1.00 38.34  ? 119 ASN A CB  1 
ATOM   580  C  CG  . ASN A 1 82  ? 3.715   16.579  1.178   0.00 39.02  ? 119 ASN A CG  1 
ATOM   581  O  OD1 . ASN A 1 82  ? 3.901   17.792  1.071   1.00 71.22  ? 119 ASN A OD1 1 
ATOM   582  N  ND2 . ASN A 1 82  ? 3.996   15.723  0.203   0.90 53.25  ? 119 ASN A ND2 1 
ATOM   583  N  N   . ARG A 1 83  ? 2.545   13.578  0.293   1.00 27.49  ? 120 ARG A N   1 
ATOM   584  C  CA  . ARG A 1 83  ? 1.575   13.115  -0.624  1.00 26.15  ? 120 ARG A CA  1 
ATOM   585  C  C   . ARG A 1 83  ? 0.817   11.869  -0.099  1.00 25.68  ? 120 ARG A C   1 
ATOM   586  O  O   . ARG A 1 83  ? -0.335  11.656  -0.551  1.00 28.62  ? 120 ARG A O   1 
ATOM   587  C  CB  . ARG A 1 83  ? 2.310   12.700  -1.912  1.00 24.08  ? 120 ARG A CB  1 
ATOM   588  C  CG  . ARG A 1 83  ? 2.857   13.896  -2.688  1.00 27.56  ? 120 ARG A CG  1 
ATOM   589  C  CD  . ARG A 1 83  ? 3.777   13.419  -3.865  1.00 28.05  ? 120 ARG A CD  1 
ATOM   590  N  NE  . ARG A 1 83  ? 4.234   14.630  -4.588  1.00 30.40  ? 120 ARG A NE  1 
ATOM   591  C  CZ  . ARG A 1 83  ? 5.100   14.629  -5.637  1.00 33.38  ? 120 ARG A CZ  1 
ATOM   592  N  NH1 . ARG A 1 83  ? 5.720   13.513  -6.009  1.00 27.85  ? 120 ARG A NH1 1 
ATOM   593  N  NH2 . ARG A 1 83  ? 5.428   15.824  -6.190  1.00 31.61  ? 120 ARG A NH2 1 
ATOM   594  N  N   . LEU A 1 84  ? 1.436   11.122  0.832   1.00 25.13  ? 121 LEU A N   1 
ATOM   595  C  CA  . LEU A 1 84  ? 0.726   10.007  1.449   1.00 24.05  ? 121 LEU A CA  1 
ATOM   596  C  C   . LEU A 1 84  ? -0.032  10.554  2.668   1.00 27.16  ? 121 LEU A C   1 
ATOM   597  O  O   . LEU A 1 84  ? 0.453   10.429  3.807   1.00 29.06  ? 121 LEU A O   1 
ATOM   598  C  CB  . LEU A 1 84  ? 1.626   8.843   1.827   1.00 23.90  ? 121 LEU A CB  1 
ATOM   599  C  CG  . LEU A 1 84  ? 0.972   7.572   2.334   1.00 23.18  ? 121 LEU A CG  1 
ATOM   600  C  CD1 . LEU A 1 84  ? 0.024   6.961   1.256   1.00 27.33  ? 121 LEU A CD1 1 
ATOM   601  C  CD2 . LEU A 1 84  ? 2.016   6.548   2.712   1.00 26.45  ? 121 LEU A CD2 1 
ATOM   602  N  N   . SER A 1 85  ? -1.169  11.126  2.350   1.00 27.79  ? 122 SER A N   1 
ATOM   603  C  CA  . SER A 1 85  ? -1.983  11.777  3.427   1.00 29.54  ? 122 SER A CA  1 
ATOM   604  C  C   . SER A 1 85  ? -3.407  11.694  2.893   1.00 30.74  ? 122 SER A C   1 
ATOM   605  O  O   . SER A 1 85  ? -3.691  11.590  1.660   1.00 28.93  ? 122 SER A O   1 
ATOM   606  C  CB  . SER A 1 85  ? -1.518  13.201  3.649   1.00 34.38  ? 122 SER A CB  1 
ATOM   607  O  OG  . SER A 1 85  ? -1.843  13.897  2.493   1.00 40.59  ? 122 SER A OG  1 
ATOM   608  N  N   . ASN A 1 86  ? -4.378  11.729  3.819   1.00 27.10  ? 123 ASN A N   1 
ATOM   609  C  CA  . ASN A 1 86  ? -5.802  11.629  3.480   1.00 28.87  ? 123 ASN A CA  1 
ATOM   610  C  C   . ASN A 1 86  ? -6.110  10.439  2.547   1.00 28.44  ? 123 ASN A C   1 
ATOM   611  O  O   . ASN A 1 86  ? -6.516  10.628  1.401   1.00 27.00  ? 123 ASN A O   1 
ATOM   612  C  CB  . ASN A 1 86  ? -6.303  12.949  2.862   1.00 32.27  ? 123 ASN A CB  1 
ATOM   613  C  CG  . ASN A 1 86  ? -7.842  13.039  2.724   1.00 37.51  ? 123 ASN A CG  1 
ATOM   614  O  OD1 . ASN A 1 86  ? -8.638  12.295  3.268   1.00 38.40  ? 123 ASN A OD1 1 
ATOM   615  N  ND2 . ASN A 1 86  ? -8.252  13.993  1.940   1.00 43.71  ? 123 ASN A ND2 1 
ATOM   616  N  N   . PHE A 1 87  ? -5.891  9.266   3.105   1.00 25.99  ? 124 PHE A N   1 
ATOM   617  C  CA  . PHE A 1 87  ? -6.080  8.042   2.286   1.00 26.35  ? 124 PHE A CA  1 
ATOM   618  C  C   . PHE A 1 87  ? -6.736  6.967   3.109   1.00 28.40  ? 124 PHE A C   1 
ATOM   619  O  O   . PHE A 1 87  ? -6.771  6.953   4.367   1.00 27.13  ? 124 PHE A O   1 
ATOM   620  C  CB  . PHE A 1 87  ? -4.692  7.538   1.838   1.00 26.97  ? 124 PHE A CB  1 
ATOM   621  C  CG  . PHE A 1 87  ? -3.753  7.151   2.969   1.00 25.05  ? 124 PHE A CG  1 
ATOM   622  C  CD1 . PHE A 1 87  ? -2.918  8.118   3.571   1.00 26.77  ? 124 PHE A CD1 1 
ATOM   623  C  CD2 . PHE A 1 87  ? -3.682  5.819   3.416   1.00 24.60  ? 124 PHE A CD2 1 
ATOM   624  C  CE1 . PHE A 1 87  ? -2.046  7.753   4.609   1.00 26.12  ? 124 PHE A CE1 1 
ATOM   625  C  CE2 . PHE A 1 87  ? -2.800  5.461   4.398   1.00 26.58  ? 124 PHE A CE2 1 
ATOM   626  C  CZ  . PHE A 1 87  ? -1.970  6.408   5.010   1.00 26.41  ? 124 PHE A CZ  1 
ATOM   627  N  N   . ASP A 1 88  ? -7.213  5.991   2.375   1.00 24.51  ? 125 ASP A N   1 
ATOM   628  C  CA  . ASP A 1 88  ? -7.834  4.778   2.976   1.00 25.74  ? 125 ASP A CA  1 
ATOM   629  C  C   . ASP A 1 88  ? -6.960  3.580   2.726   1.00 25.63  ? 125 ASP A C   1 
ATOM   630  O  O   . ASP A 1 88  ? -6.297  3.462   1.633   1.00 27.52  ? 125 ASP A O   1 
ATOM   631  C  CB  . ASP A 1 88  ? -9.208  4.473   2.360   1.00 26.61  ? 125 ASP A CB  1 
ATOM   632  C  CG  . ASP A 1 88  ? -10.320 5.455   2.758   1.00 33.94  ? 125 ASP A CG  1 
ATOM   633  O  OD1 . ASP A 1 88  ? -11.345 5.429   2.060   1.00 36.47  ? 125 ASP A OD1 1 
ATOM   634  O  OD2 . ASP A 1 88  ? -10.124 6.171   3.717   1.00 32.49  ? 125 ASP A OD2 1 
ATOM   635  N  N   . VAL A 1 89  ? -6.932  2.651   3.652   1.00 22.71  ? 126 VAL A N   1 
ATOM   636  C  CA  . VAL A 1 89  ? -6.387  1.246   3.435   1.00 21.86  ? 126 VAL A CA  1 
ATOM   637  C  C   . VAL A 1 89  ? -7.611  0.352   3.416   1.00 25.62  ? 126 VAL A C   1 
ATOM   638  O  O   . VAL A 1 89  ? -8.419  0.289   4.392   1.00 24.89  ? 126 VAL A O   1 
ATOM   639  C  CB  . VAL A 1 89  ? -5.337  0.851   4.460   1.00 22.22  ? 126 VAL A CB  1 
ATOM   640  C  CG1 . VAL A 1 89  ? -4.853  -0.586  4.197   1.00 24.27  ? 126 VAL A CG1 1 
ATOM   641  C  CG2 . VAL A 1 89  ? -4.225  1.880   4.509   1.00 23.90  ? 126 VAL A CG2 1 
ATOM   642  N  N   . VAL A 1 90  ? -7.782  -0.399  2.325   1.00 23.02  ? 127 VAL A N   1 
ATOM   643  C  CA  . VAL A 1 90  ? -9.007  -1.148  2.148   1.00 24.48  ? 127 VAL A CA  1 
ATOM   644  C  C   . VAL A 1 90  ? -8.686  -2.603  1.906   1.00 25.82  ? 127 VAL A C   1 
ATOM   645  O  O   . VAL A 1 90  ? -7.661  -3.005  1.297   1.00 25.63  ? 127 VAL A O   1 
ATOM   646  C  CB  . VAL A 1 90  ? -9.700  -0.681  0.822   1.00 24.58  ? 127 VAL A CB  1 
ATOM   647  C  CG1 . VAL A 1 90  ? -11.101 -1.285  0.774   1.00 28.58  ? 127 VAL A CG1 1 
ATOM   648  C  CG2 . VAL A 1 90  ? -9.766  0.838   0.805   1.00 27.98  ? 127 VAL A CG2 1 
ATOM   649  N  N   . LEU A 1 91  ? -9.461  -3.498  2.512   1.00 22.89  ? 128 LEU A N   1 
ATOM   650  C  CA  . LEU A 1 91  ? -9.372  -4.937  2.199   1.00 23.52  ? 128 LEU A CA  1 
ATOM   651  C  C   . LEU A 1 91  ? -10.586 -5.387  1.410   1.00 23.56  ? 128 LEU A C   1 
ATOM   652  O  O   . LEU A 1 91  ? -11.697 -4.956  1.677   1.00 22.47  ? 128 LEU A O   1 
ATOM   653  C  CB  . LEU A 1 91  ? -9.394  -5.763  3.509   1.00 23.06  ? 128 LEU A CB  1 
ATOM   654  C  CG  . LEU A 1 91  ? -8.242  -5.453  4.528   1.00 23.61  ? 128 LEU A CG  1 
ATOM   655  C  CD1 . LEU A 1 91  ? -8.359  -6.485  5.669   1.00 24.90  ? 128 LEU A CD1 1 
ATOM   656  C  CD2 . LEU A 1 91  ? -6.872  -5.541  3.828   1.00 25.15  ? 128 LEU A CD2 1 
ATOM   657  N  N   . LEU A 1 92  ? -10.367 -6.134  0.298   1.00 23.64  ? 129 LEU A N   1 
ATOM   658  C  CA  . LEU A 1 92  ? -11.470 -6.602  -0.516  1.00 22.52  ? 129 LEU A CA  1 
ATOM   659  C  C   . LEU A 1 92  ? -11.459 -8.120  -0.571  1.00 26.37  ? 129 LEU A C   1 
ATOM   660  O  O   . LEU A 1 92  ? -10.438 -8.781  -0.525  1.00 24.23  ? 129 LEU A O   1 
ATOM   661  C  CB  . LEU A 1 92  ? -11.248 -6.138  -1.980  1.00 23.73  ? 129 LEU A CB  1 
ATOM   662  C  CG  . LEU A 1 92  ? -10.846 -4.726  -2.232  1.00 25.99  ? 129 LEU A CG  1 
ATOM   663  C  CD1 . LEU A 1 92  ? -10.741 -4.528  -3.799  1.00 28.79  ? 129 LEU A CD1 1 
ATOM   664  C  CD2 . LEU A 1 92  ? -11.932 -3.827  -1.766  1.00 27.28  ? 129 LEU A CD2 1 
ATOM   665  N  N   . ASN A 1 93  ? -12.671 -8.726  -0.737  1.00 23.69  ? 130 ASN A N   1 
ATOM   666  C  CA  . ASN A 1 93  ? -12.782 -10.145 -0.852  1.00 21.63  ? 130 ASN A CA  1 
ATOM   667  C  C   . ASN A 1 93  ? -12.487 -10.564 -2.322  1.00 24.17  ? 130 ASN A C   1 
ATOM   668  O  O   . ASN A 1 93  ? -12.141 -9.686  -3.137  1.00 25.29  ? 130 ASN A O   1 
ATOM   669  C  CB  . ASN A 1 93  ? -14.213 -10.585 -0.370  1.00 23.72  ? 130 ASN A CB  1 
ATOM   670  C  CG  . ASN A 1 93  ? -15.374 -10.128 -1.249  1.00 26.96  ? 130 ASN A CG  1 
ATOM   671  O  OD1 . ASN A 1 93  ? -16.590 -10.276 -0.839  1.00 26.60  ? 130 ASN A OD1 1 
ATOM   672  N  ND2 . ASN A 1 93  ? -15.132 -9.574  -2.372  1.00 21.18  ? 130 ASN A ND2 1 
ATOM   673  N  N   . GLU A 1 94  ? -12.707 -11.830 -2.567  1.00 24.90  ? 131 GLU A N   1 
ATOM   674  C  CA  . GLU A 1 94  ? -12.287 -12.373 -3.926  1.00 25.12  ? 131 GLU A CA  1 
ATOM   675  C  C   . GLU A 1 94  ? -13.183 -11.807 -4.995  1.00 27.33  ? 131 GLU A C   1 
ATOM   676  O  O   . GLU A 1 94  ? -12.786 -11.728 -6.225  1.00 30.48  ? 131 GLU A O   1 
ATOM   677  C  CB  . GLU A 1 94  ? -12.234 -13.872 -3.744  1.00 32.12  ? 131 GLU A CB  1 
ATOM   678  C  CG  . GLU A 1 94  ? -13.449 -14.562 -4.153  1.00 55.76  ? 131 GLU A CG  1 
ATOM   679  C  CD  . GLU A 1 94  ? -13.182 -14.856 -5.606  1.00 72.53  ? 131 GLU A CD  1 
ATOM   680  O  OE1 . GLU A 1 94  ? -11.981 -15.198 -5.815  1.00 71.61  ? 131 GLU A OE1 1 
ATOM   681  O  OE2 . GLU A 1 94  ? -14.077 -14.662 -6.484  1.00 79.94  ? 131 GLU A OE2 1 
ATOM   682  N  N   . ALA A 1 95  ? -14.398 -11.335 -4.678  1.00 27.60  ? 132 ALA A N   1 
ATOM   683  C  CA  . ALA A 1 95  ? -15.291 -10.648 -5.570  1.00 26.95  ? 132 ALA A CA  1 
ATOM   684  C  C   . ALA A 1 95  ? -15.080 -9.166  -5.694  1.00 25.00  ? 132 ALA A C   1 
ATOM   685  O  O   . ALA A 1 95  ? -15.851 -8.349  -6.293  1.00 27.50  ? 132 ALA A O   1 
ATOM   686  C  CB  . ALA A 1 95  ? -16.732 -10.917 -5.084  1.00 28.66  ? 132 ALA A CB  1 
ATOM   687  N  N   . LYS A 1 96  ? -13.966 -8.690  -5.058  1.00 26.33  ? 133 LYS A N   1 
ATOM   688  C  CA  . LYS A 1 96  ? -13.589 -7.265  -5.054  1.00 27.29  ? 133 LYS A CA  1 
ATOM   689  C  C   . LYS A 1 96  ? -14.543 -6.326  -4.331  1.00 26.46  ? 133 LYS A C   1 
ATOM   690  O  O   . LYS A 1 96  ? -14.606 -5.153  -4.569  1.00 29.77  ? 133 LYS A O   1 
ATOM   691  C  CB  . LYS A 1 96  ? -13.275 -6.750  -6.509  1.00 28.39  ? 133 LYS A CB  1 
ATOM   692  C  CG  . LYS A 1 96  ? -11.963 -7.363  -6.980  1.00 35.04  ? 133 LYS A CG  1 
ATOM   693  C  CD  . LYS A 1 96  ? -11.521 -6.717  -8.289  1.00 40.97  ? 133 LYS A CD  1 
ATOM   694  C  CE  . LYS A 1 96  ? -10.482 -7.581  -8.932  1.00 52.03  ? 133 LYS A CE  1 
ATOM   695  N  NZ  . LYS A 1 96  ? -9.938  -6.742  -10.044 1.00 52.04  ? 133 LYS A NZ  1 
ATOM   696  N  N   . GLN A 1 97  ? -15.260 -6.872  -3.305  1.00 25.20  ? 134 GLN A N   1 
ATOM   697  C  CA  . GLN A 1 97  ? -16.119 -6.065  -2.466  1.00 25.04  ? 134 GLN A CA  1 
ATOM   698  C  C   . GLN A 1 97  ? -15.350 -5.736  -1.207  1.00 22.34  ? 134 GLN A C   1 
ATOM   699  O  O   . GLN A 1 97  ? -14.604 -6.578  -0.737  1.00 23.85  ? 134 GLN A O   1 
ATOM   700  C  CB  . GLN A 1 97  ? -17.284 -6.952  -1.978  1.00 23.78  ? 134 GLN A CB  1 
ATOM   701  C  CG  . GLN A 1 97  ? -18.198 -7.438  -3.138  1.00 25.85  ? 134 GLN A CG  1 
ATOM   702  C  CD  . GLN A 1 97  ? -19.327 -8.299  -2.542  1.00 24.66  ? 134 GLN A CD  1 
ATOM   703  O  OE1 . GLN A 1 97  ? -19.041 -9.379  -2.047  1.00 23.18  ? 134 GLN A OE1 1 
ATOM   704  N  NE2 . GLN A 1 97  ? -20.626 -7.873  -2.744  1.00 28.36  ? 134 GLN A NE2 1 
ATOM   705  N  N   . GLU A 1 98  ? -15.586 -4.521  -0.687  1.00 25.27  ? 135 GLU A N   1 
ATOM   706  C  CA  . GLU A 1 98  ? -14.915 -4.097  0.576   1.00 24.57  ? 135 GLU A CA  1 
ATOM   707  C  C   . GLU A 1 98  ? -15.307 -4.954  1.751   1.00 27.37  ? 135 GLU A C   1 
ATOM   708  O  O   . GLU A 1 98  ? -16.541 -5.184  2.020   1.00 27.42  ? 135 GLU A O   1 
ATOM   709  C  CB  . GLU A 1 98  ? -15.335 -2.667  0.854   1.00 28.45  ? 135 GLU A CB  1 
ATOM   710  C  CG  . GLU A 1 98  ? -14.975 -2.161  2.231   1.00 38.78  ? 135 GLU A CG  1 
ATOM   711  C  CD  . GLU A 1 98  ? -15.507 -0.716  2.460   1.00 40.22  ? 135 GLU A CD  1 
ATOM   712  O  OE1 . GLU A 1 98  ? -15.661 0.034   1.519   1.00 40.78  ? 135 GLU A OE1 1 
ATOM   713  O  OE2 . GLU A 1 98  ? -15.717 -0.377  3.657   1.00 46.84  ? 135 GLU A OE2 1 
ATOM   714  N  N   . VAL A 1 99  ? -14.308 -5.471  2.479   1.00 23.77  ? 136 VAL A N   1 
ATOM   715  C  CA  . VAL A 1 99  ? -14.620 -6.165  3.730   1.00 25.47  ? 136 VAL A CA  1 
ATOM   716  C  C   . VAL A 1 99  ? -14.080 -5.353  4.885   1.00 24.86  ? 136 VAL A C   1 
ATOM   717  O  O   . VAL A 1 99  ? -14.516 -5.590  6.075   1.00 27.90  ? 136 VAL A O   1 
ATOM   718  C  CB  . VAL A 1 99  ? -14.111 -7.570  3.794   1.00 31.47  ? 136 VAL A CB  1 
ATOM   719  C  CG1 . VAL A 1 99  ? -14.875 -8.425  2.734   1.00 32.68  ? 136 VAL A CG1 1 
ATOM   720  C  CG2 . VAL A 1 99  ? -12.631 -7.660  3.534   1.00 30.52  ? 136 VAL A CG2 1 
ATOM   721  N  N   . ALA A 1 100 ? -13.160 -4.426  4.669   1.00 25.47  ? 137 ALA A N   1 
ATOM   722  C  CA  . ALA A 1 100 ? -12.694 -3.526  5.792   1.00 27.69  ? 137 ALA A CA  1 
ATOM   723  C  C   . ALA A 1 100 ? -12.098 -2.261  5.239   1.00 26.98  ? 137 ALA A C   1 
ATOM   724  O  O   . ALA A 1 100 ? -11.616 -2.294  4.107   1.00 25.66  ? 137 ALA A O   1 
ATOM   725  C  CB  . ALA A 1 100 ? -11.674 -4.269  6.697   1.00 29.53  ? 137 ALA A CB  1 
ATOM   726  N  N   . ARG A 1 101 ? -12.083 -1.143  5.949   1.00 24.78  ? 138 ARG A N   1 
ATOM   727  C  CA  . ARG A 1 101 ? -11.592 0.147   5.443   1.00 22.39  ? 138 ARG A CA  1 
ATOM   728  C  C   . ARG A 1 101 ? -11.183 0.934   6.656   1.00 28.32  ? 138 ARG A C   1 
ATOM   729  O  O   . ARG A 1 101 ? -12.010 1.015   7.575   1.00 28.31  ? 138 ARG A O   1 
ATOM   730  C  CB  . ARG A 1 101 ? -12.614 0.891   4.604   1.00 27.12  ? 138 ARG A CB  1 
ATOM   731  C  CG  . ARG A 1 101 ? -12.218 2.242   4.157   1.00 29.80  ? 138 ARG A CG  1 
ATOM   732  C  CD  . ARG A 1 101 ? -13.342 2.915   3.297   1.00 32.04  ? 138 ARG A CD  1 
ATOM   733  N  NE  . ARG A 1 101 ? -13.774 2.134   2.178   1.00 32.67  ? 138 ARG A NE  1 
ATOM   734  C  CZ  . ARG A 1 101 ? -13.294 2.290   0.934   1.00 31.70  ? 138 ARG A CZ  1 
ATOM   735  N  NH1 . ARG A 1 101 ? -12.362 3.202   0.658   1.00 33.12  ? 138 ARG A NH1 1 
ATOM   736  N  NH2 . ARG A 1 101 ? -13.748 1.442   -0.032  1.00 33.94  ? 138 ARG A NH2 1 
ATOM   737  N  N   . GLN A 1 102 ? -9.967  1.514   6.600   1.00 24.60  ? 139 GLN A N   1 
ATOM   738  C  CA  . GLN A 1 102 ? -9.521  2.498   7.693   1.00 25.19  ? 139 GLN A CA  1 
ATOM   739  C  C   . GLN A 1 102 ? -8.999  3.682   6.993   1.00 31.15  ? 139 GLN A C   1 
ATOM   740  O  O   . GLN A 1 102 ? -8.325  3.604   5.955   1.00 28.08  ? 139 GLN A O   1 
ATOM   741  C  CB  . GLN A 1 102 ? -8.438  1.904   8.497   1.00 22.72  ? 139 GLN A CB  1 
ATOM   742  C  CG  . GLN A 1 102 ? -9.022  0.827   9.417   1.00 28.56  ? 139 GLN A CG  1 
ATOM   743  C  CD  . GLN A 1 102 ? -8.013  0.125   10.348  1.00 26.58  ? 139 GLN A CD  1 
ATOM   744  O  OE1 . GLN A 1 102 ? -7.128  0.810   10.906  1.00 26.94  ? 139 GLN A OE1 1 
ATOM   745  N  NE2 . GLN A 1 102 ? -8.123  -1.203  10.461  1.00 26.58  ? 139 GLN A NE2 1 
ATOM   746  N  N   . HIS A 1 103 ? -9.316  4.855   7.496   1.00 25.85  ? 140 HIS A N   1 
ATOM   747  C  CA  . HIS A 1 103 ? -8.909  6.106   6.968   1.00 27.82  ? 140 HIS A CA  1 
ATOM   748  C  C   . HIS A 1 103 ? -7.817  6.732   7.775   1.00 28.46  ? 140 HIS A C   1 
ATOM   749  O  O   . HIS A 1 103 ? -7.865  6.680   9.070   1.00 28.78  ? 140 HIS A O   1 
ATOM   750  C  CB  . HIS A 1 103 ? -10.111 7.058   6.932   1.00 29.97  ? 140 HIS A CB  1 
ATOM   751  C  CG  . HIS A 1 103 ? -9.743  8.436   6.494   1.00 33.24  ? 140 HIS A CG  1 
ATOM   752  N  ND1 . HIS A 1 103 ? -9.457  8.732   5.193   1.00 35.45  ? 140 HIS A ND1 1 
ATOM   753  C  CD2 . HIS A 1 103 ? -9.549  9.605   7.241   1.00 37.87  ? 140 HIS A CD2 1 
ATOM   754  C  CE1 . HIS A 1 103 ? -9.138  10.057  5.118   1.00 34.31  ? 140 HIS A CE1 1 
ATOM   755  N  NE2 . HIS A 1 103 ? -9.154  10.573  6.393   1.00 43.02  ? 140 HIS A NE2 1 
ATOM   756  N  N   . PHE A 1 104 ? -6.837  7.355   7.144   1.00 25.81  ? 141 PHE A N   1 
ATOM   757  C  CA  . PHE A 1 104 ? -5.730  8.024   7.851   1.00 26.23  ? 141 PHE A CA  1 
ATOM   758  C  C   . PHE A 1 104 ? -5.506  9.417   7.330   1.00 31.03  ? 141 PHE A C   1 
ATOM   759  O  O   . PHE A 1 104 ? -5.449  9.690   6.108   1.00 28.89  ? 141 PHE A O   1 
ATOM   760  C  CB  . PHE A 1 104 ? -4.408  7.224   7.714   1.00 29.75  ? 141 PHE A CB  1 
ATOM   761  C  CG  . PHE A 1 104 ? -4.531  5.858   8.275   1.00 27.80  ? 141 PHE A CG  1 
ATOM   762  C  CD1 . PHE A 1 104 ? -4.284  5.655   9.627   1.00 29.21  ? 141 PHE A CD1 1 
ATOM   763  C  CD2 . PHE A 1 104 ? -5.001  4.795   7.482   1.00 27.11  ? 141 PHE A CD2 1 
ATOM   764  C  CE1 . PHE A 1 104 ? -4.475  4.403   10.169  1.00 30.00  ? 141 PHE A CE1 1 
ATOM   765  C  CE2 . PHE A 1 104 ? -5.226  3.568   8.029   1.00 28.31  ? 141 PHE A CE2 1 
ATOM   766  C  CZ  . PHE A 1 104 ? -4.953  3.397   9.371   1.00 29.18  ? 141 PHE A CZ  1 
ATOM   767  N  N   . ASP A 1 105 ? -5.340  10.369  8.253   1.00 30.04  ? 142 ASP A N   1 
ATOM   768  C  CA  . ASP A 1 105 ? -5.041  11.710  7.783   1.00 29.79  ? 142 ASP A CA  1 
ATOM   769  C  C   . ASP A 1 105 ? -3.603  11.885  7.398   1.00 29.24  ? 142 ASP A C   1 
ATOM   770  O  O   . ASP A 1 105 ? -3.363  12.519  6.369   1.00 35.86  ? 142 ASP A O   1 
ATOM   771  C  CB  . ASP A 1 105 ? -5.419  12.730  8.913   1.00 34.88  ? 142 ASP A CB  1 
ATOM   772  C  CG  . ASP A 1 105 ? -6.969  12.965  8.982   1.00 47.33  ? 142 ASP A CG  1 
ATOM   773  O  OD1 . ASP A 1 105 ? -7.712  12.878  7.945   1.00 49.68  ? 142 ASP A OD1 1 
ATOM   774  O  OD2 . ASP A 1 105 ? -7.433  13.267  10.112  1.00 63.84  ? 142 ASP A OD2 1 
ATOM   775  N  N   . SER A 1 106 ? -2.657  11.295  8.097   1.00 33.13  ? 143 SER A N   1 
ATOM   776  C  CA  . SER A 1 106 ? -1.251  11.411  7.704   1.00 40.53  ? 143 SER A CA  1 
ATOM   777  C  C   . SER A 1 106 ? -0.444  10.357  8.450   1.00 39.93  ? 143 SER A C   1 
ATOM   778  O  O   . SER A 1 106 ? -0.997  9.589   9.235   1.00 41.88  ? 143 SER A O   1 
ATOM   779  C  CB  . SER A 1 106 ? -0.731  12.826  8.018   1.00 43.35  ? 143 SER A CB  1 
ATOM   780  O  OG  . SER A 1 106 ? -0.502  12.843  9.405   1.00 50.74  ? 143 SER A OG  1 
ATOM   781  N  N   . LEU A 1 107 ? 0.849   10.260  8.155   1.00 35.43  ? 144 LEU A N   1 
ATOM   782  C  CA  . LEU A 1 107 ? 1.684   9.365   8.841   1.00 36.71  ? 144 LEU A CA  1 
ATOM   783  C  C   . LEU A 1 107 ? 2.482   10.160  9.924   1.00 50.91  ? 144 LEU A C   1 
ATOM   784  O  O   . LEU A 1 107 ? 3.243   9.537   10.713  1.00 42.90  ? 144 LEU A O   1 
ATOM   785  C  CB  . LEU A 1 107 ? 2.724   8.854   7.845   1.00 35.50  ? 144 LEU A CB  1 
ATOM   786  C  CG  . LEU A 1 107 ? 2.394   7.482   7.273   1.00 37.15  ? 144 LEU A CG  1 
ATOM   787  C  CD1 . LEU A 1 107 ? 1.179   7.551   6.400   1.00 36.00  ? 144 LEU A CD1 1 
ATOM   788  C  CD2 . LEU A 1 107 ? 3.616   6.910   6.533   1.00 32.74  ? 144 LEU A CD2 1 
ATOM   789  N  N   . ASN A 1 108 ? 2.387   11.507  9.824   1.00 50.73  ? 145 ASN A N   1 
ATOM   790  C  CA  . ASN A 1 108 ? 2.955   12.477  10.821  1.00 60.37  ? 145 ASN A CA  1 
ATOM   791  C  C   . ASN A 1 108 ? 4.463   12.542  10.769  1.00 57.98  ? 145 ASN A C   1 
ATOM   792  O  O   . ASN A 1 108 ? 5.151   12.528  11.803  1.00 65.24  ? 145 ASN A O   1 
ATOM   793  C  CB  . ASN A 1 108 ? 2.501   12.098  12.230  1.00 56.78  ? 145 ASN A CB  1 
ATOM   794  C  CG  . ASN A 1 108 ? 1.328   12.938  12.692  1.00 77.56  ? 145 ASN A CG  1 
ATOM   795  O  OD1 . ASN A 1 108 ? 1.344   14.186  12.574  1.00 91.64  ? 145 ASN A OD1 1 
ATOM   796  N  ND2 . ASN A 1 108 ? 0.286   12.272  13.180  1.00 70.13  ? 145 ASN A ND2 1 
ATOM   797  N  N   . GLY A 1 109 ? 4.984   12.546  9.559   1.00 51.30  ? 146 GLY A N   1 
ATOM   798  C  CA  . GLY A 1 109 ? 6.404   12.423  9.404   1.00 53.21  ? 146 GLY A CA  1 
ATOM   799  C  C   . GLY A 1 109 ? 7.046   11.075  9.680   1.00 47.56  ? 146 GLY A C   1 
ATOM   800  O  O   . GLY A 1 109 ? 8.244   10.943  9.387   1.00 49.66  ? 146 GLY A O   1 
ATOM   801  N  N   . LYS A 1 110 ? 6.290   10.088  10.205  1.00 40.74  ? 147 LYS A N   1 
ATOM   802  C  CA  . LYS A 1 110 ? 6.883   8.774   10.442  1.00 37.66  ? 147 LYS A CA  1 
ATOM   803  C  C   . LYS A 1 110 ? 7.132   8.107   9.056   1.00 39.06  ? 147 LYS A C   1 
ATOM   804  O  O   . LYS A 1 110 ? 6.368   8.333   8.113   1.00 40.97  ? 147 LYS A O   1 
ATOM   805  C  CB  . LYS A 1 110 ? 6.014   7.810   11.287  1.00 40.88  ? 147 LYS A CB  1 
ATOM   806  C  CG  . LYS A 1 110 ? 5.754   8.227   12.753  1.00 54.59  ? 147 LYS A CG  1 
ATOM   807  C  CD  . LYS A 1 110 ? 4.265   7.957   13.198  1.00 71.91  ? 147 LYS A CD  1 
ATOM   808  C  CE  . LYS A 1 110 ? 3.480   6.731   12.604  1.00 74.64  ? 147 LYS A CE  1 
ATOM   809  N  NZ  . LYS A 1 110 ? 2.543   6.928   11.427  1.00 66.08  ? 147 LYS A NZ  1 
ATOM   810  N  N   . ALA A 1 111 ? 8.124   7.259   9.020   1.00 31.97  ? 148 ALA A N   1 
ATOM   811  C  CA  . ALA A 1 111 ? 8.505   6.624   7.703   1.00 32.27  ? 148 ALA A CA  1 
ATOM   812  C  C   . ALA A 1 111 ? 7.555   5.458   7.430   1.00 32.18  ? 148 ALA A C   1 
ATOM   813  O  O   . ALA A 1 111 ? 7.498   4.958   6.252   1.00 29.05  ? 148 ALA A O   1 
ATOM   814  C  CB  . ALA A 1 111 ? 9.838   6.030   7.819   1.00 31.93  ? 148 ALA A CB  1 
ATOM   815  N  N   . GLU A 1 112 ? 6.843   4.945   8.438   1.00 27.93  ? 149 GLU A N   1 
ATOM   816  C  CA  . GLU A 1 112 ? 5.986   3.832   8.187   1.00 28.44  ? 149 GLU A CA  1 
ATOM   817  C  C   . GLU A 1 112 ? 4.664   3.976   8.922   1.00 31.45  ? 149 GLU A C   1 
ATOM   818  O  O   . GLU A 1 112 ? 4.557   4.753   9.914   1.00 31.47  ? 149 GLU A O   1 
ATOM   819  C  CB  . GLU A 1 112 ? 6.622   2.559   8.545   1.00 32.60  ? 149 GLU A CB  1 
ATOM   820  C  CG  . GLU A 1 112 ? 7.314   2.611   9.873   1.00 51.64  ? 149 GLU A CG  1 
ATOM   821  C  CD  . GLU A 1 112 ? 8.558   1.737   9.818   1.00 63.29  ? 149 GLU A CD  1 
ATOM   822  O  OE1 . GLU A 1 112 ? 9.582   2.097   9.156   1.00 70.76  ? 149 GLU A OE1 1 
ATOM   823  O  OE2 . GLU A 1 112 ? 8.484   0.661   10.436  1.00 58.71  ? 149 GLU A OE2 1 
ATOM   824  N  N   . LEU A 1 113 ? 3.674   3.164   8.534   1.00 25.87  ? 150 LEU A N   1 
ATOM   825  C  CA  . LEU A 1 113 ? 2.363   3.138   9.228   1.00 26.79  ? 150 LEU A CA  1 
ATOM   826  C  C   . LEU A 1 113 ? 2.004   1.704   9.391   1.00 29.20  ? 150 LEU A C   1 
ATOM   827  O  O   . LEU A 1 113 ? 1.988   0.898   8.402   1.00 24.90  ? 150 LEU A O   1 
ATOM   828  C  CB  . LEU A 1 113 ? 1.267   3.841   8.444   1.00 26.72  ? 150 LEU A CB  1 
ATOM   829  C  CG  . LEU A 1 113 ? -0.170  3.673   8.945   1.00 28.25  ? 150 LEU A CG  1 
ATOM   830  C  CD1 . LEU A 1 113 ? -0.297  4.391   10.312  1.00 32.57  ? 150 LEU A CD1 1 
ATOM   831  C  CD2 . LEU A 1 113 ? -1.164  4.237   7.956   1.00 27.75  ? 150 LEU A CD2 1 
ATOM   832  N  N   . GLU A 1 114 ? 1.641   1.249   10.611  1.00 24.61  ? 151 GLU A N   1 
ATOM   833  C  CA  . GLU A 1 114 ? 1.142   -0.096  10.819  1.00 24.45  ? 151 GLU A CA  1 
ATOM   834  C  C   . GLU A 1 114 ? -0.367  -0.044  11.004  1.00 27.96  ? 151 GLU A C   1 
ATOM   835  O  O   . GLU A 1 114 ? -0.936  0.773   11.849  1.00 30.38  ? 151 GLU A O   1 
ATOM   836  C  CB  . GLU A 1 114 ? 1.721   -0.731  12.144  1.00 29.41  ? 151 GLU A CB  1 
ATOM   837  C  CG  . GLU A 1 114 ? 3.219   -1.076  11.932  1.00 31.71  ? 151 GLU A CG  1 
ATOM   838  C  CD  . GLU A 1 114 ? 3.899   -1.683  13.137  1.00 47.61  ? 151 GLU A CD  1 
ATOM   839  O  OE1 . GLU A 1 114 ? 3.347   -1.569  14.248  1.00 45.46  ? 151 GLU A OE1 1 
ATOM   840  O  OE2 . GLU A 1 114 ? 4.991   -2.253  12.911  1.00 53.45  ? 151 GLU A OE2 1 
ATOM   841  N  N   . VAL A 1 115 ? -1.066  -0.783  10.132  1.00 25.47  ? 152 VAL A N   1 
ATOM   842  C  CA  . VAL A 1 115 ? -2.524  -0.792  10.158  1.00 23.68  ? 152 VAL A CA  1 
ATOM   843  C  C   . VAL A 1 115 ? -2.959  -2.175  10.563  1.00 23.02  ? 152 VAL A C   1 
ATOM   844  O  O   . VAL A 1 115 ? -2.559  -3.254  10.062  1.00 25.24  ? 152 VAL A O   1 
ATOM   845  C  CB  . VAL A 1 115 ? -3.037  -0.522  8.708   1.00 23.77  ? 152 VAL A CB  1 
ATOM   846  C  CG1 . VAL A 1 115 ? -4.575  -0.499  8.793   1.00 26.90  ? 152 VAL A CG1 1 
ATOM   847  C  CG2 . VAL A 1 115 ? -2.528  0.810   8.192   1.00 24.61  ? 152 VAL A CG2 1 
ATOM   848  N  N   . PHE A 1 116 ? -3.733  -2.234  11.696  1.00 24.20  ? 153 PHE A N   1 
ATOM   849  C  CA  . PHE A 1 116 ? -4.137  -3.528  12.192  1.00 24.44  ? 153 PHE A CA  1 
ATOM   850  C  C   . PHE A 1 116 ? -5.602  -3.845  11.843  1.00 22.13  ? 153 PHE A C   1 
ATOM   851  O  O   . PHE A 1 116 ? -6.406  -2.925  12.005  1.00 26.66  ? 153 PHE A O   1 
ATOM   852  C  CB  . PHE A 1 116 ? -3.973  -3.539  13.777  1.00 25.71  ? 153 PHE A CB  1 
ATOM   853  C  CG  . PHE A 1 116 ? -2.487  -3.514  14.184  1.00 27.80  ? 153 PHE A CG  1 
ATOM   854  C  CD1 . PHE A 1 116 ? -1.786  -4.708  14.235  1.00 35.17  ? 153 PHE A CD1 1 
ATOM   855  C  CD2 . PHE A 1 116 ? -1.873  -2.287  14.396  1.00 33.59  ? 153 PHE A CD2 1 
ATOM   856  C  CE1 . PHE A 1 116 ? -0.386  -4.726  14.569  1.00 37.96  ? 153 PHE A CE1 1 
ATOM   857  C  CE2 . PHE A 1 116 ? -0.488  -2.310  14.782  1.00 32.54  ? 153 PHE A CE2 1 
ATOM   858  C  CZ  . PHE A 1 116 ? 0.187   -3.520  14.840  1.00 35.61  ? 153 PHE A CZ  1 
ATOM   859  N  N   . PHE A 1 117 ? -5.874  -5.077  11.412  1.00 23.34  ? 154 PHE A N   1 
ATOM   860  C  CA  . PHE A 1 117 ? -7.256  -5.478  11.049  1.00 23.56  ? 154 PHE A CA  1 
ATOM   861  C  C   . PHE A 1 117 ? -7.698  -6.594  11.942  1.00 24.42  ? 154 PHE A C   1 
ATOM   862  O  O   . PHE A 1 117 ? -6.879  -7.391  12.391  1.00 27.40  ? 154 PHE A O   1 
ATOM   863  C  CB  . PHE A 1 117 ? -7.274  -5.907  9.542   1.00 24.50  ? 154 PHE A CB  1 
ATOM   864  C  CG  . PHE A 1 117 ? -7.226  -4.731  8.623   1.00 23.86  ? 154 PHE A CG  1 
ATOM   865  C  CD1 . PHE A 1 117 ? -8.351  -3.990  8.291   1.00 25.34  ? 154 PHE A CD1 1 
ATOM   866  C  CD2 . PHE A 1 117 ? -5.960  -4.388  7.993   1.00 25.58  ? 154 PHE A CD2 1 
ATOM   867  C  CE1 . PHE A 1 117 ? -8.316  -2.896  7.435   1.00 26.08  ? 154 PHE A CE1 1 
ATOM   868  C  CE2 . PHE A 1 117 ? -5.998  -3.293  7.103   1.00 25.88  ? 154 PHE A CE2 1 
ATOM   869  C  CZ  . PHE A 1 117 ? -7.103  -2.555  6.844   1.00 24.15  ? 154 PHE A CZ  1 
ATOM   870  N  N   . THR A 1 118 ? -9.042  -6.620  12.217  1.00 24.05  ? 155 THR A N   1 
ATOM   871  C  CA  . THR A 1 118 ? -9.569  -7.624  13.120  1.00 26.39  ? 155 THR A CA  1 
ATOM   872  C  C   . THR A 1 118 ? -9.882  -8.902  12.354  1.00 25.20  ? 155 THR A C   1 
ATOM   873  O  O   . THR A 1 118 ? -11.041 -9.170  12.080  1.00 27.16  ? 155 THR A O   1 
ATOM   874  C  CB  . THR A 1 118 ? -10.785 -7.039  13.852  1.00 24.77  ? 155 THR A CB  1 
ATOM   875  O  OG1 . THR A 1 118 ? -10.401 -5.746  14.382  1.00 27.13  ? 155 THR A OG1 1 
ATOM   876  C  CG2 . THR A 1 118 ? -11.162 -8.002  14.990  1.00 27.81  ? 155 THR A CG2 1 
ATOM   877  N  N   . ALA A 1 119 ? -8.824  -9.686  12.101  1.00 24.76  ? 156 ALA A N   1 
ATOM   878  C  CA  . ALA A 1 119 ? -8.888  -11.006 11.538  1.00 25.19  ? 156 ALA A CA  1 
ATOM   879  C  C   . ALA A 1 119 ? -9.805  -11.038 10.328  1.00 25.88  ? 156 ALA A C   1 
ATOM   880  O  O   . ALA A 1 119 ? -10.824 -11.753 10.323  1.00 27.82  ? 156 ALA A O   1 
ATOM   881  C  CB  . ALA A 1 119 ? -9.352  -12.024 12.558  1.00 26.06  ? 156 ALA A CB  1 
ATOM   882  N  N   . LYS A 1 120 ? -9.430  -10.289 9.259   1.00 25.44  ? 157 LYS A N   1 
ATOM   883  C  CA  . LYS A 1 120 ? -10.359 -10.105 8.213   1.00 22.07  ? 157 LYS A CA  1 
ATOM   884  C  C   . LYS A 1 120 ? -9.980  -10.978 7.002   1.00 25.76  ? 157 LYS A C   1 
ATOM   885  O  O   . LYS A 1 120 ? -8.835  -10.943 6.562   1.00 26.81  ? 157 LYS A O   1 
ATOM   886  C  CB  . LYS A 1 120 ? -10.295 -8.666  7.720   1.00 24.35  ? 157 LYS A CB  1 
ATOM   887  C  CG  . LYS A 1 120 ? -10.871 -7.564  8.690   1.00 24.74  ? 157 LYS A CG  1 
ATOM   888  C  CD  . LYS A 1 120 ? -12.399 -7.777  8.813   1.00 26.62  ? 157 LYS A CD  1 
ATOM   889  C  CE  . LYS A 1 120 ? -12.758 -6.931  10.079  1.00 28.23  ? 157 LYS A CE  1 
ATOM   890  N  NZ  . LYS A 1 120 ? -14.242 -7.241  10.222  1.00 30.50  ? 157 LYS A NZ  1 
ATOM   891  N  N   . ASP A 1 121 ? -10.939 -11.700 6.421   1.00 23.60  ? 158 ASP A N   1 
ATOM   892  C  CA  . ASP A 1 121 ? -10.645 -12.603 5.266   1.00 24.61  ? 158 ASP A CA  1 
ATOM   893  C  C   . ASP A 1 121 ? -10.720 -11.763 3.992   1.00 25.55  ? 158 ASP A C   1 
ATOM   894  O  O   . ASP A 1 121 ? -11.820 -11.327 3.581   1.00 25.76  ? 158 ASP A O   1 
ATOM   895  C  CB  . ASP A 1 121 ? -11.615 -13.804 5.296   1.00 24.25  ? 158 ASP A CB  1 
ATOM   896  C  CG  . ASP A 1 121 ? -11.385 -14.629 6.592   1.00 25.68  ? 158 ASP A CG  1 
ATOM   897  O  OD1 . ASP A 1 121 ? -10.334 -15.298 6.779   1.00 26.03  ? 158 ASP A OD1 1 
ATOM   898  O  OD2 . ASP A 1 121 ? -12.333 -14.522 7.436   1.00 26.31  ? 158 ASP A OD2 1 
ATOM   899  N  N   . ALA A 1 122 ? -9.549  -11.607 3.337   1.00 23.89  ? 159 ALA A N   1 
ATOM   900  C  CA  . ALA A 1 122 ? -9.544  -10.754 2.168   1.00 23.68  ? 159 ALA A CA  1 
ATOM   901  C  C   . ALA A 1 122 ? -8.543  -11.347 1.207   1.00 24.77  ? 159 ALA A C   1 
ATOM   902  O  O   . ALA A 1 122 ? -7.577  -11.958 1.583   1.00 26.35  ? 159 ALA A O   1 
ATOM   903  C  CB  . ALA A 1 122 ? -9.067  -9.360  2.546   1.00 27.53  ? 159 ALA A CB  1 
ATOM   904  N  N   . ARG A 1 123 ? -8.775  -11.017 -0.055  1.00 22.76  ? 160 ARG A N   1 
ATOM   905  C  CA  . ARG A 1 123 ? -7.787  -11.386 -1.116  1.00 23.31  ? 160 ARG A CA  1 
ATOM   906  C  C   . ARG A 1 123 ? -7.010  -10.178 -1.586  1.00 23.51  ? 160 ARG A C   1 
ATOM   907  O  O   . ARG A 1 123 ? -5.815  -10.421 -2.048  1.00 24.60  ? 160 ARG A O   1 
ATOM   908  C  CB  . ARG A 1 123 ? -8.546  -12.040 -2.281  1.00 23.69  ? 160 ARG A CB  1 
ATOM   909  C  CG  . ARG A 1 123 ? -7.560  -12.411 -3.433  1.00 26.52  ? 160 ARG A CG  1 
ATOM   910  C  CD  . ARG A 1 123 ? -8.114  -13.395 -4.417  1.00 31.98  ? 160 ARG A CD  1 
ATOM   911  N  NE  . ARG A 1 123 ? -7.222  -13.318 -5.589  1.00 29.76  ? 160 ARG A NE  1 
ATOM   912  C  CZ  . ARG A 1 123 ? -7.448  -14.063 -6.668  1.00 34.54  ? 160 ARG A CZ  1 
ATOM   913  N  NH1 . ARG A 1 123 ? -8.390  -15.063 -6.620  1.00 33.29  ? 160 ARG A NH1 1 
ATOM   914  N  NH2 . ARG A 1 123 ? -6.687  -13.861 -7.743  1.00 32.71  ? 160 ARG A NH2 1 
ATOM   915  N  N   . TYR A 1 124 ? -7.524  -8.973  -1.576  1.00 21.75  ? 161 TYR A N   1 
ATOM   916  C  CA  . TYR A 1 124 ? -6.822  -7.761  -2.114  1.00 21.71  ? 161 TYR A CA  1 
ATOM   917  C  C   . TYR A 1 124 ? -6.583  -6.774  -0.993  1.00 24.32  ? 161 TYR A C   1 
ATOM   918  O  O   . TYR A 1 124 ? -7.479  -6.599  -0.114  1.00 24.23  ? 161 TYR A O   1 
ATOM   919  C  CB  . TYR A 1 124 ? -7.652  -7.091  -3.193  1.00 24.12  ? 161 TYR A CB  1 
ATOM   920  C  CG  . TYR A 1 124 ? -7.937  -7.997  -4.418  1.00 23.69  ? 161 TYR A CG  1 
ATOM   921  C  CD1 . TYR A 1 124 ? -9.097  -8.817  -4.431  1.00 22.55  ? 161 TYR A CD1 1 
ATOM   922  C  CD2 . TYR A 1 124 ? -7.052  -8.071  -5.507  1.00 24.12  ? 161 TYR A CD2 1 
ATOM   923  C  CE1 . TYR A 1 124 ? -9.371  -9.745  -5.470  1.00 25.10  ? 161 TYR A CE1 1 
ATOM   924  C  CE2 . TYR A 1 124 ? -7.389  -8.886  -6.602  1.00 26.76  ? 161 TYR A CE2 1 
ATOM   925  C  CZ  . TYR A 1 124 ? -8.514  -9.659  -6.580  1.00 28.00  ? 161 TYR A CZ  1 
ATOM   926  O  OH  . TYR A 1 124 ? -8.725  -10.538 -7.664  1.00 29.54  ? 161 TYR A OH  1 
ATOM   927  N  N   . VAL A 1 125 ? -5.459  -6.052  -1.078  1.00 21.99  ? 162 VAL A N   1 
ATOM   928  C  CA  . VAL A 1 125 ? -5.143  -4.938  -0.096  1.00 21.45  ? 162 VAL A CA  1 
ATOM   929  C  C   . VAL A 1 125 ? -5.022  -3.733  -1.008  1.00 23.32  ? 162 VAL A C   1 
ATOM   930  O  O   . VAL A 1 125 ? -4.180  -3.790  -1.987  1.00 24.09  ? 162 VAL A O   1 
ATOM   931  C  CB  . VAL A 1 125 ? -3.881  -5.240  0.668   1.00 22.49  ? 162 VAL A CB  1 
ATOM   932  C  CG1 . VAL A 1 125 ? -3.629  -3.991  1.561   1.00 25.05  ? 162 VAL A CG1 1 
ATOM   933  C  CG2 . VAL A 1 125 ? -4.078  -6.523  1.474   1.00 23.81  ? 162 VAL A CG2 1 
ATOM   934  N  N   . LYS A 1 126 ? -5.701  -2.638  -0.753  1.00 21.08  ? 163 LYS A N   1 
ATOM   935  C  CA  . LYS A 1 126 ? -5.686  -1.468  -1.637  1.00 21.51  ? 163 LYS A CA  1 
ATOM   936  C  C   . LYS A 1 126 ? -5.363  -0.241  -0.822  1.00 28.18  ? 163 LYS A C   1 
ATOM   937  O  O   . LYS A 1 126 ? -5.818  -0.163  0.324   1.00 27.51  ? 163 LYS A O   1 
ATOM   938  C  CB  . LYS A 1 126 ? -7.048  -1.355  -2.326  1.00 25.66  ? 163 LYS A CB  1 
ATOM   939  C  CG  . LYS A 1 126 ? -7.101  -0.332  -3.364  1.00 29.97  ? 163 LYS A CG  1 
ATOM   940  C  CD  . LYS A 1 126 ? -8.482  -0.610  -4.114  1.00 32.16  ? 163 LYS A CD  1 
ATOM   941  C  CE  . LYS A 1 126 ? -8.512  0.436   -5.180  1.00 35.18  ? 163 LYS A CE  1 
ATOM   942  N  NZ  . LYS A 1 126 ? -9.952  0.554   -5.559  1.00 36.89  ? 163 LYS A NZ  1 
ATOM   943  N  N   . VAL A 1 127 ? -4.545  0.652   -1.348  1.00 23.21  ? 164 VAL A N   1 
ATOM   944  C  CA  . VAL A 1 127 ? -4.293  1.984   -0.710  1.00 21.14  ? 164 VAL A CA  1 
ATOM   945  C  C   . VAL A 1 127 ? -4.995  2.938   -1.661  1.00 24.84  ? 164 VAL A C   1 
ATOM   946  O  O   . VAL A 1 127 ? -4.656  2.957   -2.882  1.00 24.22  ? 164 VAL A O   1 
ATOM   947  C  CB  . VAL A 1 127 ? -2.814  2.312   -0.573  1.00 21.04  ? 164 VAL A CB  1 
ATOM   948  C  CG1 . VAL A 1 127 ? -2.609  3.751   -0.009  1.00 24.48  ? 164 VAL A CG1 1 
ATOM   949  C  CG2 . VAL A 1 127 ? -2.162  1.218   0.310   1.00 24.99  ? 164 VAL A CG2 1 
ATOM   950  N  N   . GLU A 1 128 ? -5.849  3.822   -1.176  1.00 23.61  ? 165 GLU A N   1 
ATOM   951  C  CA  . GLU A 1 128 ? -6.577  4.780   -2.075  1.00 24.70  ? 165 GLU A CA  1 
ATOM   952  C  C   . GLU A 1 128 ? -6.371  6.181   -1.541  1.00 26.33  ? 165 GLU A C   1 
ATOM   953  O  O   . GLU A 1 128 ? -6.825  6.486   -0.403  1.00 27.84  ? 165 GLU A O   1 
ATOM   954  C  CB  . GLU A 1 128 ? -8.072  4.487   -2.007  1.00 28.31  ? 165 GLU A CB  1 
ATOM   955  C  CG  . GLU A 1 128 ? -8.512  3.150   -2.506  1.00 30.08  ? 165 GLU A CG  1 
ATOM   956  C  CD  . GLU A 1 128 ? -10.052 2.974   -2.490  1.00 39.17  ? 165 GLU A CD  1 
ATOM   957  O  OE1 . GLU A 1 128 ? -10.745 3.664   -1.715  1.00 35.67  ? 165 GLU A OE1 1 
ATOM   958  O  OE2 . GLU A 1 128 ? -10.502 2.008   -3.164  1.00 42.23  ? 165 GLU A OE2 1 
ATOM   959  N  N   . LEU A 1 129 ? -5.794  7.079   -2.348  1.00 23.57  ? 166 LEU A N   1 
ATOM   960  C  CA  . LEU A 1 129 ? -5.742  8.502   -1.963  1.00 24.11  ? 166 LEU A CA  1 
ATOM   961  C  C   . LEU A 1 129 ? -7.112  9.127   -2.153  1.00 28.23  ? 166 LEU A C   1 
ATOM   962  O  O   . LEU A 1 129 ? -7.825  8.739   -3.046  1.00 30.10  ? 166 LEU A O   1 
ATOM   963  C  CB  . LEU A 1 129 ? -4.760  9.282   -2.790  1.00 24.69  ? 166 LEU A CB  1 
ATOM   964  C  CG  . LEU A 1 129 ? -3.293  8.885   -2.582  1.00 23.78  ? 166 LEU A CG  1 
ATOM   965  C  CD1 . LEU A 1 129 ? -2.331  9.856   -3.274  1.00 26.05  ? 166 LEU A CD1 1 
ATOM   966  C  CD2 . LEU A 1 129 ? -2.869  8.831   -1.070  1.00 26.61  ? 166 LEU A CD2 1 
ATOM   967  N  N   . LYS A 1 130 ? -7.467  10.073  -1.236  1.00 27.85  ? 167 LYS A N   1 
ATOM   968  C  CA  . LYS A 1 130 ? -8.771  10.735  -1.451  1.00 30.16  ? 167 LYS A CA  1 
ATOM   969  C  C   . LYS A 1 130 ? -8.589  12.184  -1.913  1.00 37.11  ? 167 LYS A C   1 
ATOM   970  O  O   . LYS A 1 130 ? -9.524  12.979  -1.819  1.00 38.46  ? 167 LYS A O   1 
ATOM   971  C  CB  . LYS A 1 130 ? -9.514  10.806  -0.091  1.00 29.53  ? 167 LYS A CB  1 
ATOM   972  C  CG  . LYS A 1 130 ? -9.722  9.443   0.475   1.00 33.84  ? 167 LYS A CG  1 
ATOM   973  C  CD  . LYS A 1 130 ? -10.555 8.664   -0.471  1.00 36.30  ? 167 LYS A CD  1 
ATOM   974  C  CE  . LYS A 1 130 ? -10.387 7.167   -0.270  1.00 51.76  ? 167 LYS A CE  1 
ATOM   975  N  NZ  . LYS A 1 130 ? -11.288 6.290   -1.100  1.00 41.70  ? 167 LYS A NZ  1 
ATOM   976  N  N   . THR A 1 131 ? -7.416  12.561  -2.365  1.00 30.51  ? 168 THR A N   1 
ATOM   977  C  CA  . THR A 1 131 ? -7.030  13.909  -2.703  1.00 30.73  ? 168 THR A CA  1 
ATOM   978  C  C   . THR A 1 131 ? -6.992  14.102  -4.201  1.00 34.73  ? 168 THR A C   1 
ATOM   979  O  O   . THR A 1 131 ? -6.970  13.133  -4.996  1.00 35.07  ? 168 THR A O   1 
ATOM   980  C  CB  . THR A 1 131 ? -5.659  14.249  -2.152  1.00 35.96  ? 168 THR A CB  1 
ATOM   981  O  OG1 . THR A 1 131 ? -4.759  13.190  -2.606  1.00 37.55  ? 168 THR A OG1 1 
ATOM   982  C  CG2 . THR A 1 131 ? -5.726  14.330  -0.618  1.00 37.08  ? 168 THR A CG2 1 
ATOM   983  N  N   . LYS A 1 132 ? -7.148  15.349  -4.603  1.00 31.62  ? 169 LYS A N   1 
ATOM   984  C  CA  . LYS A 1 132 ? -7.128  15.626  -6.014  1.00 31.58  ? 169 LYS A CA  1 
ATOM   985  C  C   . LYS A 1 132 ? -5.733  15.875  -6.406  1.00 29.50  ? 169 LYS A C   1 
ATOM   986  O  O   . LYS A 1 132 ? -4.870  16.358  -5.639  1.00 31.59  ? 169 LYS A O   1 
ATOM   987  C  CB  . LYS A 1 132 ? -8.013  16.903  -6.271  1.00 38.39  ? 169 LYS A CB  1 
ATOM   988  C  CG  . LYS A 1 132 ? -9.496  16.559  -6.117  1.00 44.66  ? 169 LYS A CG  1 
ATOM   989  C  CD  . LYS A 1 132 ? -10.248 17.879  -5.882  1.00 65.29  ? 169 LYS A CD  1 
ATOM   990  C  CE  . LYS A 1 132 ? -11.777 17.754  -5.919  1.00 73.50  ? 169 LYS A CE  1 
ATOM   991  N  NZ  . LYS A 1 132 ? -12.334 17.679  -7.304  1.00 85.67  ? 169 LYS A NZ  1 
ATOM   992  N  N   . ASN A 1 133 ? -5.462  15.518  -7.678  1.00 31.28  ? 170 ASN A N   1 
ATOM   993  C  CA  . ASN A 1 133 ? -4.217  15.917  -8.321  1.00 34.25  ? 170 ASN A CA  1 
ATOM   994  C  C   . ASN A 1 133 ? -2.923  15.594  -7.571  1.00 30.53  ? 170 ASN A C   1 
ATOM   995  O  O   . ASN A 1 133 ? -2.064  16.410  -7.411  1.00 33.85  ? 170 ASN A O   1 
ATOM   996  C  CB  . ASN A 1 133 ? -4.284  17.453  -8.677  1.00 36.81  ? 170 ASN A CB  1 
ATOM   997  C  CG  . ASN A 1 133 ? -3.159  17.877  -9.581  1.00 44.20  ? 170 ASN A CG  1 
ATOM   998  O  OD1 . ASN A 1 133 ? -2.402  18.819  -9.271  1.00 53.57  ? 170 ASN A OD1 1 
ATOM   999  N  ND2 . ASN A 1 133 ? -3.006  17.169  -10.674 1.00 46.43  ? 170 ASN A ND2 1 
ATOM   1000 N  N   . THR A 1 134 ? -2.839  14.345  -7.082  1.00 28.42  ? 171 THR A N   1 
ATOM   1001 C  CA  . THR A 1 134 ? -1.759  13.913  -6.213  1.00 27.18  ? 171 THR A CA  1 
ATOM   1002 C  C   . THR A 1 134 ? -1.367  12.486  -6.619  1.00 25.16  ? 171 THR A C   1 
ATOM   1003 O  O   . THR A 1 134 ? -2.215  11.662  -6.785  1.00 30.07  ? 171 THR A O   1 
ATOM   1004 C  CB  . THR A 1 134 ? -2.182  13.852  -4.717  1.00 31.13  ? 171 THR A CB  1 
ATOM   1005 O  OG1 . THR A 1 134 ? -2.607  15.211  -4.359  1.00 34.86  ? 171 THR A OG1 1 
ATOM   1006 C  CG2 . THR A 1 134 ? -0.956  13.534  -3.799  1.00 31.61  ? 171 THR A CG2 1 
ATOM   1007 N  N   . PRO A 1 135 ? -0.081  12.292  -6.798  1.00 25.30  ? 172 PRO A N   1 
ATOM   1008 C  CA  . PRO A 1 135 ? 0.388   10.886  -7.127  1.00 23.34  ? 172 PRO A CA  1 
ATOM   1009 C  C   . PRO A 1 135 ? 0.552   10.058  -5.874  1.00 23.47  ? 172 PRO A C   1 
ATOM   1010 O  O   . PRO A 1 135 ? 0.921   10.606  -4.783  1.00 25.86  ? 172 PRO A O   1 
ATOM   1011 C  CB  . PRO A 1 135 ? 1.756   11.086  -7.802  1.00 25.91  ? 172 PRO A CB  1 
ATOM   1012 C  CG  . PRO A 1 135 ? 2.312   12.355  -7.137  1.00 28.25  ? 172 PRO A CG  1 
ATOM   1013 C  CD  . PRO A 1 135 ? 1.081   13.205  -6.739  1.00 27.73  ? 172 PRO A CD  1 
ATOM   1014 N  N   . LEU A 1 136 ? 0.326   8.755   -6.041  1.00 22.94  ? 173 LEU A N   1 
ATOM   1015 C  CA  . LEU A 1 136 ? 0.529   7.801   -4.941  1.00 22.40  ? 173 LEU A CA  1 
ATOM   1016 C  C   . LEU A 1 136 ? 1.915   7.176   -5.171  1.00 24.37  ? 173 LEU A C   1 
ATOM   1017 O  O   . LEU A 1 136 ? 2.145   6.534   -6.192  1.00 23.14  ? 173 LEU A O   1 
ATOM   1018 C  CB  . LEU A 1 136 ? -0.574  6.789   -4.828  1.00 21.15  ? 173 LEU A CB  1 
ATOM   1019 C  CG  . LEU A 1 136 ? -0.395  5.557   -3.915  1.00 20.56  ? 173 LEU A CG  1 
ATOM   1020 C  CD1 . LEU A 1 136 ? -0.246  6.198   -2.489  1.00 25.55  ? 173 LEU A CD1 1 
ATOM   1021 C  CD2 . LEU A 1 136 ? -1.635  4.659   -4.036  1.00 21.73  ? 173 LEU A CD2 1 
ATOM   1022 N  N   . SER A 1 137 ? 2.791   7.275   -4.175  1.00 21.15  ? 174 SER A N   1 
ATOM   1023 C  CA  . SER A 1 137 ? 4.066   6.557   -4.199  1.00 20.02  ? 174 SER A CA  1 
ATOM   1024 C  C   . SER A 1 137 ? 4.291   5.788   -2.893  1.00 22.65  ? 174 SER A C   1 
ATOM   1025 O  O   . SER A 1 137 ? 4.223   6.372   -1.811  1.00 23.70  ? 174 SER A O   1 
ATOM   1026 C  CB  . SER A 1 137 ? 5.223   7.526   -4.448  1.00 22.81  ? 174 SER A CB  1 
ATOM   1027 O  OG  . SER A 1 137 ? 5.103   8.152   -5.713  1.00 22.56  ? 174 SER A OG  1 
ATOM   1028 N  N   . LEU A 1 138 ? 4.557   4.484   -2.985  1.00 20.57  ? 175 LEU A N   1 
ATOM   1029 C  CA  . LEU A 1 138 ? 4.779   3.659   -1.752  1.00 20.61  ? 175 LEU A CA  1 
ATOM   1030 C  C   . LEU A 1 138 ? 6.114   3.013   -1.893  1.00 22.34  ? 175 LEU A C   1 
ATOM   1031 O  O   . LEU A 1 138 ? 6.467   2.417   -2.973  1.00 21.59  ? 175 LEU A O   1 
ATOM   1032 C  CB  . LEU A 1 138 ? 3.672   2.624   -1.674  1.00 21.54  ? 175 LEU A CB  1 
ATOM   1033 C  CG  . LEU A 1 138 ? 2.311   3.204   -1.485  1.00 20.74  ? 175 LEU A CG  1 
ATOM   1034 C  CD1 . LEU A 1 138 ? 1.271   2.208   -1.858  1.00 23.97  ? 175 LEU A CD1 1 
ATOM   1035 C  CD2 . LEU A 1 138 ? 2.149   3.435   0.046   1.00 24.05  ? 175 LEU A CD2 1 
ATOM   1036 N  N   . ALA A 1 139 ? 6.967   3.013   -0.869  1.00 21.00  ? 176 ALA A N   1 
ATOM   1037 C  CA  . ALA A 1 139 ? 8.207   2.264   -0.960  1.00 20.96  ? 176 ALA A CA  1 
ATOM   1038 C  C   . ALA A 1 139 ? 7.994   0.791   -0.812  1.00 21.79  ? 176 ALA A C   1 
ATOM   1039 O  O   . ALA A 1 139 ? 8.695   -0.036  -1.342  1.00 21.80  ? 176 ALA A O   1 
ATOM   1040 C  CB  . ALA A 1 139 ? 9.196   2.751   0.178   1.00 22.17  ? 176 ALA A CB  1 
ATOM   1041 N  N   . GLU A 1 140 ? 6.980   0.397   0.020   1.00 21.26  ? 177 GLU A N   1 
ATOM   1042 C  CA  . GLU A 1 140 ? 6.720   -1.047  0.166   1.00 18.67  ? 177 GLU A CA  1 
ATOM   1043 C  C   . GLU A 1 140 ? 5.371   -1.139  0.920   1.00 21.23  ? 177 GLU A C   1 
ATOM   1044 O  O   . GLU A 1 140 ? 5.034   -0.201  1.703   1.00 22.29  ? 177 GLU A O   1 
ATOM   1045 C  CB  . GLU A 1 140 ? 7.860   -1.749  1.005   1.00 22.05  ? 177 GLU A CB  1 
ATOM   1046 C  CG  . GLU A 1 140 ? 7.834   -3.260  0.976   1.00 20.54  ? 177 GLU A CG  1 
ATOM   1047 C  CD  . GLU A 1 140 ? 8.411   -3.959  -0.294  1.00 22.06  ? 177 GLU A CD  1 
ATOM   1048 O  OE1 . GLU A 1 140 ? 8.800   -3.158  -1.137  1.00 22.92  ? 177 GLU A OE1 1 
ATOM   1049 O  OE2 . GLU A 1 140 ? 8.390   -5.166  -0.303  1.00 22.55  ? 177 GLU A OE2 1 
ATOM   1050 N  N   . VAL A 1 141 ? 4.665   -2.217  0.609   1.00 19.75  ? 178 VAL A N   1 
ATOM   1051 C  CA  . VAL A 1 141 ? 3.480   -2.588  1.434   1.00 20.35  ? 178 VAL A CA  1 
ATOM   1052 C  C   . VAL A 1 141 ? 3.674   -4.028  1.792   1.00 23.01  ? 178 VAL A C   1 
ATOM   1053 O  O   . VAL A 1 141 ? 3.880   -4.922  1.010   1.00 23.00  ? 178 VAL A O   1 
ATOM   1054 C  CB  . VAL A 1 141 ? 2.172   -2.447  0.606   1.00 21.26  ? 178 VAL A CB  1 
ATOM   1055 C  CG1 . VAL A 1 141 ? 1.014   -3.029  1.409   1.00 23.81  ? 178 VAL A CG1 1 
ATOM   1056 C  CG2 . VAL A 1 141 ? 1.947   -1.011  0.127   1.00 20.07  ? 178 VAL A CG2 1 
ATOM   1057 N  N   . GLU A 1 142 ? 3.616   -4.278  3.141   1.00 20.07  ? 179 GLU A N   1 
ATOM   1058 C  CA  . GLU A 1 142 ? 3.828   -5.676  3.665   1.00 20.98  ? 179 GLU A CA  1 
ATOM   1059 C  C   . GLU A 1 142 ? 2.538   -6.115  4.325   1.00 19.79  ? 179 GLU A C   1 
ATOM   1060 O  O   . GLU A 1 142 ? 1.807   -5.221  4.834   1.00 23.06  ? 179 GLU A O   1 
ATOM   1061 C  CB  . GLU A 1 142 ? 4.961   -5.703  4.763   1.00 23.36  ? 179 GLU A CB  1 
ATOM   1062 C  CG  . GLU A 1 142 ? 6.319   -5.318  4.137   1.00 23.57  ? 179 GLU A CG  1 
ATOM   1063 C  CD  . GLU A 1 142 ? 7.434   -5.264  5.122   1.00 29.37  ? 179 GLU A CD  1 
ATOM   1064 O  OE1 . GLU A 1 142 ? 7.150   -5.060  6.334   1.00 28.08  ? 179 GLU A OE1 1 
ATOM   1065 O  OE2 . GLU A 1 142 ? 8.594   -5.297  4.626   1.00 30.48  ? 179 GLU A OE2 1 
ATOM   1066 N  N   . VAL A 1 143 ? 2.212   -7.366  4.226   1.00 20.64  ? 180 VAL A N   1 
ATOM   1067 C  CA  . VAL A 1 143 ? 0.863   -7.813  4.764   1.00 22.63  ? 180 VAL A CA  1 
ATOM   1068 C  C   . VAL A 1 143 ? 1.144   -9.096  5.516   1.00 24.09  ? 180 VAL A C   1 
ATOM   1069 O  O   . VAL A 1 143 ? 1.889   -9.970  5.082   1.00 23.69  ? 180 VAL A O   1 
ATOM   1070 C  CB  . VAL A 1 143 ? -0.054  -8.177  3.525   1.00 22.35  ? 180 VAL A CB  1 
ATOM   1071 C  CG1 . VAL A 1 143 ? -1.414  -8.722  4.067   1.00 26.26  ? 180 VAL A CG1 1 
ATOM   1072 C  CG2 . VAL A 1 143 ? -0.306  -6.909  2.684   1.00 22.51  ? 180 VAL A CG2 1 
ATOM   1073 N  N   . PHE A 1 144 ? 0.510   -9.204  6.718   1.00 23.94  ? 181 PHE A N   1 
ATOM   1074 C  CA  . PHE A 1 144 ? 0.758   -10.337 7.616   1.00 25.54  ? 181 PHE A CA  1 
ATOM   1075 C  C   . PHE A 1 144 ? -0.559  -10.950 8.045   1.00 24.07  ? 181 PHE A C   1 
ATOM   1076 O  O   . PHE A 1 144 ? -1.514  -10.219 8.292   1.00 25.15  ? 181 PHE A O   1 
ATOM   1077 C  CB  . PHE A 1 144 ? 1.502   -9.813  8.874   1.00 25.29  ? 181 PHE A CB  1 
ATOM   1078 C  CG  . PHE A 1 144 ? 2.812   -9.090  8.519   1.00 23.92  ? 181 PHE A CG  1 
ATOM   1079 C  CD1 . PHE A 1 144 ? 3.979   -9.839  8.322   1.00 25.35  ? 181 PHE A CD1 1 
ATOM   1080 C  CD2 . PHE A 1 144 ? 2.809   -7.718  8.265   1.00 25.98  ? 181 PHE A CD2 1 
ATOM   1081 C  CE1 . PHE A 1 144 ? 5.157   -9.142  7.965   1.00 25.91  ? 181 PHE A CE1 1 
ATOM   1082 C  CE2 . PHE A 1 144 ? 4.006   -6.998  7.913   1.00 25.32  ? 181 PHE A CE2 1 
ATOM   1083 C  CZ  . PHE A 1 144 ? 5.136   -7.770  7.730   1.00 26.19  ? 181 PHE A CZ  1 
ATOM   1084 N  N   . ARG A 1 145 ? -0.529  -12.269 8.180   1.00 25.64  ? 182 ARG A N   1 
ATOM   1085 C  CA  . ARG A 1 145 ? -1.741  -13.008 8.577   1.00 27.11  ? 182 ARG A CA  1 
ATOM   1086 C  C   . ARG A 1 145 ? -1.927  -12.841 10.090  1.00 30.59  ? 182 ARG A C   1 
ATOM   1087 O  O   . ARG A 1 145 ? -0.966  -12.688 10.816  1.00 31.70  ? 182 ARG A O   1 
ATOM   1088 C  CB  . ARG A 1 145 ? -1.608  -14.457 8.312   1.00 30.13  ? 182 ARG A CB  1 
ATOM   1089 C  CG  . ARG A 1 145 ? -1.586  -14.839 6.851   1.00 35.61  ? 182 ARG A CG  1 
ATOM   1090 C  CD  . ARG A 1 145 ? -1.346  -16.371 6.748   1.00 40.16  ? 182 ARG A CD  1 
ATOM   1091 N  NE  . ARG A 1 145 ? -1.214  -16.819 5.363   1.00 37.36  ? 182 ARG A NE  1 
ATOM   1092 C  CZ  . ARG A 1 145 ? -0.100  -17.268 4.786   1.00 37.05  ? 182 ARG A CZ  1 
ATOM   1093 N  NH1 . ARG A 1 145 ? -0.111  -17.594 3.473   1.00 38.76  ? 182 ARG A NH1 1 
ATOM   1094 N  NH2 . ARG A 1 145 ? 1.035   -17.349 5.461   1.00 40.01  ? 182 ARG A NH2 1 
ATOM   1095 N  N   . SER A 1 146 ? -3.179  -12.858 10.486  1.00 27.29  ? 183 SER A N   1 
ATOM   1096 C  CA  . SER A 1 146 ? -3.528  -13.052 11.957  1.00 34.71  ? 183 SER A CA  1 
ATOM   1097 C  C   . SER A 1 146 ? -2.917  -14.299 12.462  1.00 36.56  ? 183 SER A C   1 
ATOM   1098 O  O   . SER A 1 146 ? -2.859  -15.302 11.783  1.00 38.22  ? 183 SER A O   1 
ATOM   1099 C  CB  . SER A 1 146 ? -5.030  -13.290 12.005  1.00 36.60  ? 183 SER A CB  1 
ATOM   1100 O  OG  . SER A 1 146 ? -5.591  -12.080 11.734  1.00 40.59  ? 183 SER A OG  1 
ATOM   1101 N  N   . ALA A 1 147 ? -2.437  -14.244 13.710  1.00 41.33  ? 184 ALA A N   1 
ATOM   1102 C  CA  . ALA A 1 147 ? -1.747  -15.449 14.252  1.00 49.10  ? 184 ALA A CA  1 
ATOM   1103 C  C   . ALA A 1 147 ? -2.698  -16.543 14.794  1.00 60.17  ? 184 ALA A C   1 
ATOM   1104 O  O   . ALA A 1 147 ? -3.892  -16.297 14.996  1.00 59.32  ? 184 ALA A O   1 
ATOM   1105 C  CB  . ALA A 1 147 ? -0.765  -15.024 15.317  1.00 48.72  ? 184 ALA A CB  1 
HETATM 1106 C  C1  . NAG B 2 .   ? 12.006  14.007  -14.156 1.00 47.66  ? 1   NAG B C1  1 
HETATM 1107 C  C2  . NAG B 2 .   ? 11.844  14.440  -12.686 1.00 43.16  ? 1   NAG B C2  1 
HETATM 1108 C  C3  . NAG B 2 .   ? 12.891  13.807  -11.775 1.00 38.62  ? 1   NAG B C3  1 
HETATM 1109 C  C4  . NAG B 2 .   ? 13.515  12.473  -12.188 1.00 42.26  ? 1   NAG B C4  1 
HETATM 1110 C  C5  . NAG B 2 .   ? 13.651  12.294  -13.702 1.00 53.93  ? 1   NAG B C5  1 
HETATM 1111 C  C6  . NAG B 2 .   ? 14.300  11.018  -14.157 1.00 62.10  ? 1   NAG B C6  1 
HETATM 1112 C  C7  . NAG B 2 .   ? 10.209  16.169  -11.861 1.00 48.03  ? 1   NAG B C7  1 
HETATM 1113 C  C8  . NAG B 2 .   ? 9.989   17.539  -11.250 1.00 49.34  ? 1   NAG B C8  1 
HETATM 1114 N  N2  . NAG B 2 .   ? 11.481  15.827  -12.401 1.00 43.75  ? 1   NAG B N2  1 
HETATM 1115 O  O1  . NAG B 2 .   ? 10.947  14.338  -14.967 1.00 55.71  ? 1   NAG B O1  1 
HETATM 1116 O  O3  . NAG B 2 .   ? 12.772  13.949  -10.349 1.00 36.21  ? 1   NAG B O3  1 
HETATM 1117 O  O4  . NAG B 2 .   ? 14.756  12.328  -11.586 1.00 46.79  ? 1   NAG B O4  1 
HETATM 1118 O  O5  . NAG B 2 .   ? 12.439  12.666  -14.295 1.00 46.51  ? 1   NAG B O5  1 
HETATM 1119 O  O6  . NAG B 2 .   ? 13.525  9.932   -13.710 1.00 58.99  ? 1   NAG B O6  1 
HETATM 1120 O  O7  . NAG B 2 .   ? 9.357   15.268  -11.828 1.00 44.34  ? 1   NAG B O7  1 
HETATM 1121 C  C1  . GAL B 2 .   ? 13.296  15.045  -9.696  1.00 33.70  ? 2   GAL B C1  1 
HETATM 1122 C  C2  . GAL B 2 .   ? 12.807  15.071  -8.225  1.00 33.48  ? 2   GAL B C2  1 
HETATM 1123 C  C3  . GAL B 2 .   ? 13.586  16.031  -7.361  1.00 40.62  ? 2   GAL B C3  1 
HETATM 1124 C  C4  . GAL B 2 .   ? 15.043  15.859  -7.549  1.00 37.60  ? 2   GAL B C4  1 
HETATM 1125 C  C5  . GAL B 2 .   ? 15.501  15.929  -8.988  1.00 48.19  ? 2   GAL B C5  1 
HETATM 1126 C  C6  . GAL B 2 .   ? 16.979  15.987  -9.260  1.00 49.84  ? 2   GAL B C6  1 
HETATM 1127 O  O2  . GAL B 2 .   ? 11.439  15.339  -8.273  1.00 34.60  ? 2   GAL B O2  1 
HETATM 1128 O  O3  . GAL B 2 .   ? 13.306  15.793  -6.029  1.00 41.31  ? 2   GAL B O3  1 
HETATM 1129 O  O4  . GAL B 2 .   ? 15.527  14.680  -7.011  1.00 40.98  ? 2   GAL B O4  1 
HETATM 1130 O  O5  . GAL B 2 .   ? 14.730  14.980  -9.791  1.00 40.70  ? 2   GAL B O5  1 
HETATM 1131 O  O6  . GAL B 2 .   ? 17.155  16.289  -10.596 1.00 54.49  ? 2   GAL B O6  1 
HETATM 1132 C  C1  . FUC B 2 .   ? 10.666  14.559  -7.367  1.00 37.31  ? 3   FUC B C1  1 
HETATM 1133 C  C2  . FUC B 2 .   ? 9.283   15.237  -7.330  1.00 35.11  ? 3   FUC B C2  1 
HETATM 1134 C  C3  . FUC B 2 .   ? 8.409   14.928  -8.533  1.00 28.61  ? 3   FUC B C3  1 
HETATM 1135 C  C4  . FUC B 2 .   ? 8.505   13.441  -8.847  1.00 28.59  ? 3   FUC B C4  1 
HETATM 1136 C  C5  . FUC B 2 .   ? 9.927   12.943  -9.030  1.00 30.04  ? 3   FUC B C5  1 
HETATM 1137 C  C6  . FUC B 2 .   ? 10.234  11.506  -9.399  1.00 29.49  ? 3   FUC B C6  1 
HETATM 1138 O  O2  . FUC B 2 .   ? 9.421   16.573  -6.871  1.00 38.02  ? 3   FUC B O2  1 
HETATM 1139 O  O3  . FUC B 2 .   ? 7.151   15.431  -8.487  1.00 31.40  ? 3   FUC B O3  1 
HETATM 1140 O  O4  . FUC B 2 .   ? 7.738   12.783  -7.834  1.00 27.31  ? 3   FUC B O4  1 
HETATM 1141 O  O5  . FUC B 2 .   ? 10.637  13.163  -7.730  1.00 28.98  ? 3   FUC B O5  1 
HETATM 1142 C  C1  . FUC B 2 .   ? 15.113  11.105  -11.057 1.00 51.79  ? 4   FUC B C1  1 
HETATM 1143 C  C2  . FUC B 2 .   ? 16.650  10.926  -10.882 1.00 48.90  ? 4   FUC B C2  1 
HETATM 1144 C  C3  . FUC B 2 .   ? 17.153  11.728  -9.680  1.00 53.09  ? 4   FUC B C3  1 
HETATM 1145 C  C4  . FUC B 2 .   ? 16.288  11.408  -8.495  1.00 44.83  ? 4   FUC B C4  1 
HETATM 1146 C  C5  . FUC B 2 .   ? 14.783  11.543  -8.714  1.00 41.06  ? 4   FUC B C5  1 
HETATM 1147 C  C6  . FUC B 2 .   ? 14.022  11.394  -7.470  1.00 39.36  ? 4   FUC B C6  1 
HETATM 1148 O  O2  . FUC B 2 .   ? 17.441  10.764  -11.991 1.00 70.37  ? 4   FUC B O2  1 
HETATM 1149 O  O3  . FUC B 2 .   ? 18.509  11.901  -9.460  1.00 51.45  ? 4   FUC B O3  1 
HETATM 1150 O  O4  . FUC B 2 .   ? 16.704  10.252  -7.881  1.00 47.19  ? 4   FUC B O4  1 
HETATM 1151 O  O5  . FUC B 2 .   ? 14.399  10.726  -9.845  1.00 41.26  ? 4   FUC B O5  1 
HETATM 1152 MG MG  . MG  C 3 .   ? 20.115  3.288   -10.602 0.70 25.59  ? 201 MG  A MG  1 
HETATM 1153 MG MG  . MG  D 3 .   ? 21.578  7.129   -3.495  1.00 28.24  ? 202 MG  A MG  1 
HETATM 1154 MG MG  . MG  E 3 .   ? -5.200  -10.730 -9.928  0.70 29.23  ? 203 MG  A MG  1 
HETATM 1155 CA CA  . CA  F 4 .   ? 10.043  -1.546  -2.530  1.00 21.38  ? 204 CA  A CA  1 
HETATM 1156 O  O   . HOH G 5 .   ? 5.804   10.822  -4.845  1.00 24.83  ? 301 HOH A O   1 
HETATM 1157 O  O   . HOH G 5 .   ? -9.564  -2.387  -7.051  1.00 47.23  ? 302 HOH A O   1 
HETATM 1158 O  O   . HOH G 5 .   ? 1.535   3.685   -6.310  1.00 22.41  ? 303 HOH A O   1 
HETATM 1159 O  O   . HOH G 5 .   ? 2.285   -10.102 16.828  1.00 55.81  ? 304 HOH A O   1 
HETATM 1160 O  O   . HOH G 5 .   ? 11.570  4.232   -7.212  1.00 22.68  ? 305 HOH A O   1 
HETATM 1161 O  O   . HOH G 5 .   ? -12.820 -13.604 -0.220  1.00 28.69  ? 306 HOH A O   1 
HETATM 1162 O  O   . HOH G 5 .   ? 9.173   19.298  -2.207  1.00 70.67  ? 307 HOH A O   1 
HETATM 1163 O  O   . HOH G 5 .   ? 6.193   5.507   -16.480 1.00 20.06  ? 308 HOH A O   1 
HETATM 1164 O  O   . HOH G 5 .   ? -0.341  -1.169  -12.829 1.00 28.30  ? 309 HOH A O   1 
HETATM 1165 O  O   . HOH G 5 .   ? 1.864   -13.711 7.773   1.00 33.47  ? 310 HOH A O   1 
HETATM 1166 O  O   . HOH G 5 .   ? -4.768  11.104  -5.690  1.00 30.14  ? 311 HOH A O   1 
HETATM 1167 O  O   . HOH G 5 .   ? -0.687  -12.538 -6.826  1.00 28.56  ? 312 HOH A O   1 
HETATM 1168 O  O   . HOH G 5 .   ? -9.080  -18.501 -1.413  1.00 38.09  ? 313 HOH A O   1 
HETATM 1169 O  O   . HOH G 5 .   ? 4.652   -14.421 -3.914  1.00 48.20  ? 314 HOH A O   1 
HETATM 1170 O  O   . HOH G 5 .   ? 13.304  5.011   -10.203 1.00 33.62  ? 315 HOH A O   1 
HETATM 1171 O  O   . HOH G 5 .   ? -2.315  15.958  -1.531  1.00 56.47  ? 316 HOH A O   1 
HETATM 1172 O  O   . HOH G 5 .   ? -10.595 -4.047  11.585  1.00 21.45  ? 317 HOH A O   1 
HETATM 1173 O  O   . HOH G 5 .   ? -1.282  -15.370 -0.117  1.00 41.72  ? 318 HOH A O   1 
HETATM 1174 O  O   . HOH G 5 .   ? 5.600   10.828  -2.177  1.00 26.93  ? 319 HOH A O   1 
HETATM 1175 O  O   . HOH G 5 .   ? -6.065  -17.487 6.055   1.00 46.10  ? 320 HOH A O   1 
HETATM 1176 O  O   . HOH G 5 .   ? 6.087   -6.544  0.252   1.00 24.99  ? 321 HOH A O   1 
HETATM 1177 O  O   . HOH G 5 .   ? -8.035  9.344   -11.202 1.00 53.04  ? 322 HOH A O   1 
HETATM 1178 O  O   . HOH G 5 .   ? -5.076  0.205   12.623  1.00 30.85  ? 323 HOH A O   1 
HETATM 1179 O  O   . HOH G 5 .   ? 1.712   11.709  5.668   1.00 41.42  ? 324 HOH A O   1 
HETATM 1180 O  O   . HOH G 5 .   ? 2.117   3.076   12.912  1.00 36.13  ? 325 HOH A O   1 
HETATM 1181 O  O   . HOH G 5 .   ? 13.931  2.776   -3.538  1.00 23.72  ? 326 HOH A O   1 
HETATM 1182 O  O   . HOH G 5 .   ? -0.322  18.015  -6.009  1.00 62.27  ? 327 HOH A O   1 
HETATM 1183 O  O   . HOH G 5 .   ? 7.870   -7.204  -6.956  1.00 30.43  ? 328 HOH A O   1 
HETATM 1184 O  O   . HOH G 5 .   ? 3.707   18.119  -4.555  1.00 55.11  ? 329 HOH A O   1 
HETATM 1185 O  O   . HOH G 5 .   ? 5.881   9.554   -16.464 1.00 34.79  ? 330 HOH A O   1 
HETATM 1186 O  O   . HOH G 5 .   ? 22.959  5.508   -3.987  1.00 30.42  ? 331 HOH A O   1 
HETATM 1187 O  O   . HOH G 5 .   ? 22.091  6.841   -1.477  1.00 28.14  ? 332 HOH A O   1 
HETATM 1188 O  O   . HOH G 5 .   ? 21.102  7.346   -5.489  1.00 31.27  ? 333 HOH A O   1 
HETATM 1189 O  O   . HOH G 5 .   ? 10.946  16.957  -4.714  1.00 45.36  ? 334 HOH A O   1 
HETATM 1190 O  O   . HOH G 5 .   ? 1.797   9.207   -2.207  1.00 25.26  ? 335 HOH A O   1 
HETATM 1191 O  O   . HOH G 5 .   ? 5.375   -6.907  11.323  1.00 51.22  ? 336 HOH A O   1 
HETATM 1192 O  O   . HOH G 5 .   ? 2.682   -17.966 2.235   1.00 64.06  ? 337 HOH A O   1 
HETATM 1193 O  O   . HOH G 5 .   ? 5.685   -8.887  -7.518  1.00 38.42  ? 338 HOH A O   1 
HETATM 1194 O  O   . HOH G 5 .   ? 8.669   -12.560 5.100   1.00 42.11  ? 339 HOH A O   1 
HETATM 1195 O  O   . HOH G 5 .   ? 8.735   5.430   11.505  1.00 62.23  ? 340 HOH A O   1 
HETATM 1196 O  O   . HOH G 5 .   ? 15.125  12.961  -4.696  1.00 49.99  ? 341 HOH A O   1 
HETATM 1197 O  O   . HOH G 5 .   ? 4.165   8.956   -0.790  1.00 25.09  ? 342 HOH A O   1 
HETATM 1198 O  O   . HOH G 5 .   ? 18.224  -0.352  -2.114  1.00 27.22  ? 343 HOH A O   1 
HETATM 1199 O  O   . HOH G 5 .   ? 10.547  -1.064  10.260  1.00 55.80  ? 344 HOH A O   1 
HETATM 1200 O  O   . HOH G 5 .   ? 13.395  -1.919  -9.227  1.00 24.05  ? 345 HOH A O   1 
HETATM 1201 O  O   . HOH G 5 .   ? -6.177  -3.826  -11.067 1.00 42.32  ? 346 HOH A O   1 
HETATM 1202 O  O   . HOH G 5 .   ? 0.321   -15.112 -6.651  1.00 50.63  ? 347 HOH A O   1 
HETATM 1203 O  O   . HOH G 5 .   ? 14.840  7.783   -10.488 0.50 37.38  ? 348 HOH A O   1 
HETATM 1204 O  O   . HOH G 5 .   ? 9.600   -4.176  -9.751  1.00 20.79  ? 349 HOH A O   1 
HETATM 1205 O  O   . HOH G 5 .   ? -3.559  -6.461  -8.630  1.00 29.89  ? 350 HOH A O   1 
HETATM 1206 O  O   . HOH G 5 .   ? -8.935  -3.681  -9.365  1.00 52.39  ? 351 HOH A O   1 
HETATM 1207 O  O   . HOH G 5 .   ? -9.386  13.000  5.969   1.00 58.61  ? 352 HOH A O   1 
HETATM 1208 O  O   . HOH G 5 .   ? -13.150 1.430   -2.690  1.00 44.96  ? 353 HOH A O   1 
HETATM 1209 O  O   . HOH G 5 .   ? -8.101  17.428  -10.720 1.00 65.02  ? 354 HOH A O   1 
HETATM 1210 O  O   . HOH G 5 .   ? -5.037  16.140  -11.574 1.00 52.20  ? 355 HOH A O   1 
HETATM 1211 O  O   . HOH G 5 .   ? -5.202  9.788   11.240  1.00 45.95  ? 356 HOH A O   1 
HETATM 1212 O  O   . HOH G 5 .   ? 2.935   -0.491  -13.008 1.00 25.02  ? 357 HOH A O   1 
HETATM 1213 O  O   . HOH G 5 .   ? 11.168  -1.846  -10.942 1.00 23.54  ? 358 HOH A O   1 
HETATM 1214 O  O   . HOH G 5 .   ? -7.946  17.360  -2.354  1.00 46.07  ? 359 HOH A O   1 
HETATM 1215 O  O   . HOH G 5 .   ? -23.580 -8.260  -1.790  1.00 26.61  ? 360 HOH A O   1 
HETATM 1216 O  O   . HOH G 5 .   ? -13.679 -1.737  8.461   1.00 28.81  ? 361 HOH A O   1 
HETATM 1217 O  O   . HOH G 5 .   ? 8.701   -7.884  0.655   1.00 107.33 ? 362 HOH A O   1 
HETATM 1218 O  O   . HOH G 5 .   ? 8.800   9.115   4.525   1.00 37.31  ? 363 HOH A O   1 
HETATM 1219 O  O   . HOH G 5 .   ? -14.880 -4.382  8.606   1.00 29.87  ? 364 HOH A O   1 
HETATM 1220 O  O   . HOH G 5 .   ? 11.583  2.591   4.480   1.00 29.64  ? 365 HOH A O   1 
HETATM 1221 O  O   . HOH G 5 .   ? -15.774 -7.504  7.713   1.00 44.35  ? 366 HOH A O   1 
HETATM 1222 O  O   . HOH G 5 .   ? 12.633  14.176  1.808   1.00 42.78  ? 367 HOH A O   1 
HETATM 1223 O  O   . HOH G 5 .   ? 9.700   4.702   4.437   1.00 27.74  ? 368 HOH A O   1 
HETATM 1224 O  O   . HOH G 5 .   ? -11.150 -1.838  9.778   1.00 31.23  ? 369 HOH A O   1 
HETATM 1225 O  O   . HOH G 5 .   ? -17.528 -2.838  -2.243  1.00 43.26  ? 370 HOH A O   1 
HETATM 1226 O  O   . HOH G 5 .   ? 16.063  14.516  -0.880  1.00 53.07  ? 371 HOH A O   1 
HETATM 1227 O  O   . HOH G 5 .   ? 6.239   9.996   6.103   1.00 35.00  ? 372 HOH A O   1 
HETATM 1228 O  O   . HOH G 5 .   ? 11.995  -3.968  -8.013  1.00 30.26  ? 373 HOH A O   1 
HETATM 1229 O  O   . HOH G 5 .   ? 15.946  -4.248  -7.166  1.00 59.31  ? 374 HOH A O   1 
HETATM 1230 O  O   . HOH G 5 .   ? -7.418  -10.927 -9.856  1.00 35.28  ? 375 HOH A O   1 
HETATM 1231 O  O   . HOH G 5 .   ? 23.212  8.477   -3.660  1.00 31.16  ? 376 HOH A O   1 
HETATM 1232 O  O   . HOH G 5 .   ? -10.487 -12.487 -7.370  1.00 33.24  ? 377 HOH A O   1 
HETATM 1233 O  O   . HOH G 5 .   ? -5.361  -10.577 -11.959 1.00 37.00  ? 378 HOH A O   1 
HETATM 1234 O  O   . HOH G 5 .   ? -13.434 4.596   7.073   1.00 52.15  ? 379 HOH A O   1 
HETATM 1235 O  O   . HOH G 5 .   ? -0.456  1.600   -14.203 1.00 35.81  ? 380 HOH A O   1 
HETATM 1236 O  O   . HOH G 5 .   ? -0.185  4.931   -16.926 1.00 33.06  ? 381 HOH A O   1 
HETATM 1237 O  O   . HOH G 5 .   ? -4.014  9.229   -14.851 1.00 36.60  ? 382 HOH A O   1 
HETATM 1238 O  O   . HOH G 5 .   ? -5.372  -8.794  -9.623  1.00 36.28  ? 383 HOH A O   1 
HETATM 1239 O  O   . HOH G 5 .   ? -7.733  3.124   12.174  1.00 38.06  ? 384 HOH A O   1 
HETATM 1240 O  O   . HOH G 5 .   ? 10.182  7.248   11.374  1.00 53.42  ? 385 HOH A O   1 
HETATM 1241 O  O   . HOH G 5 .   ? -7.722  12.730  -12.383 1.00 39.66  ? 386 HOH A O   1 
HETATM 1242 O  O   . HOH G 5 .   ? 6.568   16.305  2.726   1.00 56.17  ? 387 HOH A O   1 
HETATM 1243 O  O   . HOH G 5 .   ? 4.897   -16.536 12.197  1.00 51.47  ? 388 HOH A O   1 
HETATM 1244 O  O   . HOH G 5 .   ? 10.664  -5.545  6.519   1.00 43.96  ? 389 HOH A O   1 
HETATM 1245 O  O   . HOH G 5 .   ? -6.061  6.465   -13.767 1.00 40.84  ? 390 HOH A O   1 
HETATM 1246 O  O   . HOH G 5 .   ? -15.648 -13.205 -2.445  1.00 36.59  ? 391 HOH A O   1 
HETATM 1247 O  O   . HOH G 5 .   ? -10.714 -14.228 -9.098  1.00 53.95  ? 392 HOH A O   1 
HETATM 1248 O  O   . HOH G 5 .   ? -16.214 -14.682 -4.434  1.00 47.98  ? 393 HOH A O   1 
HETATM 1249 O  O   . HOH G 5 .   ? 17.649  12.480  -4.260  1.00 54.71  ? 394 HOH A O   1 
HETATM 1250 O  O   . HOH G 5 .   ? 17.438  -0.624  -4.781  1.00 31.12  ? 395 HOH A O   1 
HETATM 1251 O  O   . HOH G 5 .   ? 4.732   -13.567 -0.406  1.00 37.25  ? 396 HOH A O   1 
HETATM 1252 O  O   . HOH G 5 .   ? 2.943   -6.142  15.245  1.00 50.19  ? 397 HOH A O   1 
HETATM 1253 O  O   . HOH G 5 .   ? -10.109 -16.510 -2.881  1.00 46.96  ? 398 HOH A O   1 
HETATM 1254 O  O   . HOH G 5 .   ? 21.993  3.577   -10.742 1.00 36.66  ? 399 HOH A O   1 
HETATM 1255 O  O   . HOH G 5 .   ? -4.358  -7.752  14.023  1.00 39.33  ? 400 HOH A O   1 
HETATM 1256 O  O   . HOH G 5 .   ? 18.608  8.071   0.439   1.00 37.97  ? 401 HOH A O   1 
HETATM 1257 O  O   . HOH G 5 .   ? 12.126  1.756   6.983   1.00 45.39  ? 402 HOH A O   1 
HETATM 1258 O  O   . HOH G 5 .   ? 10.099  -12.169 0.516   1.00 63.09  ? 403 HOH A O   1 
HETATM 1259 O  O   . HOH G 5 .   ? 1.648   -4.594  -12.443 1.00 43.25  ? 404 HOH A O   1 
HETATM 1260 O  O   . HOH G 5 .   ? 17.817  11.395  -1.988  1.00 47.22  ? 405 HOH A O   1 
HETATM 1261 O  O   . HOH G 5 .   ? 11.907  -3.921  7.452   1.00 57.37  ? 406 HOH A O   1 
HETATM 1262 O  O   . HOH G 5 .   ? 4.335   12.231  6.393   1.00 44.67  ? 407 HOH A O   1 
HETATM 1263 O  O   . HOH G 5 .   ? 6.510   15.161  -11.685 1.00 45.96  ? 408 HOH A O   1 
HETATM 1264 O  O   . HOH G 5 .   ? -8.742  5.628   -5.030  1.00 47.13  ? 409 HOH A O   1 
HETATM 1265 O  O   . HOH G 5 .   ? -12.808 6.459   4.764   1.00 48.35  ? 410 HOH A O   1 
HETATM 1266 O  O   . HOH G 5 .   ? 11.699  6.649   4.868   1.00 42.09  ? 411 HOH A O   1 
HETATM 1267 O  O   . HOH G 5 .   ? 13.078  -6.428  -7.631  1.00 43.66  ? 412 HOH A O   1 
HETATM 1268 O  O   . HOH G 5 .   ? -3.980  12.208  -14.934 1.00 47.94  ? 413 HOH A O   1 
HETATM 1269 O  O   . HOH G 5 .   ? 15.328  4.051   3.132   1.00 43.83  ? 414 HOH A O   1 
HETATM 1270 O  O   . HOH G 5 .   ? -6.136  -10.270 13.484  1.00 43.39  ? 415 HOH A O   1 
HETATM 1271 O  O   . HOH G 5 .   ? 4.945   -9.448  11.833  1.00 54.14  ? 416 HOH A O   1 
HETATM 1272 O  O   . HOH G 5 .   ? -4.904  -12.546 -10.169 1.00 47.21  ? 417 HOH A O   1 
HETATM 1273 O  O   . HOH G 5 .   ? -10.380 -17.514 8.449   1.00 43.65  ? 418 HOH A O   1 
HETATM 1274 O  O   . HOH G 5 .   ? -7.182  -18.552 -5.400  1.00 46.30  ? 419 HOH A O   1 
HETATM 1275 O  O   . HOH G 5 .   ? 1.229   -16.327 -0.154  1.00 42.26  ? 420 HOH A O   1 
HETATM 1276 O  O   . HOH G 5 .   ? -2.899  -19.565 15.301  1.00 66.19  ? 421 HOH A O   1 
HETATM 1277 O  O   . HOH G 5 .   ? -15.714 -2.061  5.343   1.00 51.93  ? 422 HOH A O   1 
HETATM 1278 O  O   . HOH G 5 .   ? -4.865  7.581   -16.662 1.00 52.18  ? 423 HOH A O   1 
HETATM 1279 O  O   . HOH G 5 .   ? -3.125  2.091   12.707  1.00 43.73  ? 424 HOH A O   1 
HETATM 1280 O  O   . HOH G 5 .   ? -3.890  4.386   -16.397 1.00 47.56  ? 425 HOH A O   1 
HETATM 1281 O  O   . HOH G 5 .   ? -12.239 11.474  -2.713  1.00 56.14  ? 426 HOH A O   1 
HETATM 1282 O  O   . HOH G 5 .   ? 3.983   -3.312  16.155  1.00 53.32  ? 427 HOH A O   1 
HETATM 1283 O  O   . HOH G 5 .   ? -7.588  -18.462 9.617   1.00 56.09  ? 428 HOH A O   1 
HETATM 1284 O  O   . HOH G 5 .   ? 9.503   -8.752  2.737   1.00 31.03  ? 429 HOH A O   1 
HETATM 1285 O  O   . HOH G 5 .   ? 4.130   -3.220  -11.981 1.00 29.53  ? 430 HOH A O   1 
HETATM 1286 O  O   . HOH G 5 .   ? 14.721  -3.643  -5.255  1.00 42.22  ? 431 HOH A O   1 
HETATM 1287 O  O   . HOH G 5 .   ? 20.400  8.701   -2.891  1.00 28.89  ? 432 HOH A O   1 
HETATM 1288 O  O   . HOH G 5 .   ? -13.579 -12.010 7.572   1.00 30.81  ? 433 HOH A O   1 
HETATM 1289 O  O   . HOH G 5 .   ? 19.928  3.056   -12.654 1.00 38.78  ? 434 HOH A O   1 
HETATM 1290 O  O   . HOH G 5 .   ? 20.056  3.917   -8.588  1.00 33.55  ? 435 HOH A O   1 
HETATM 1291 O  O   . HOH G 5 .   ? 16.683  6.914   -12.518 1.00 63.73  ? 436 HOH A O   1 
HETATM 1292 O  O   . HOH G 5 .   ? 20.349  1.356   -10.479 1.00 41.62  ? 437 HOH A O   1 
HETATM 1293 O  O   . HOH G 5 .   ? 19.791  5.195   -11.217 1.00 44.90  ? 438 HOH A O   1 
HETATM 1294 O  O   . HOH G 5 .   ? -9.217  3.192   -12.075 1.00 54.14  ? 439 HOH A O   1 
HETATM 1295 O  O   . HOH G 5 .   ? 15.199  7.544   1.743   1.00 45.20  ? 440 HOH A O   1 
HETATM 1296 O  O   . HOH G 5 .   ? 17.554  5.145   1.153   1.00 38.64  ? 441 HOH A O   1 
HETATM 1297 O  O   . HOH G 5 .   ? -11.199 4.804   9.841   1.00 45.81  ? 442 HOH A O   1 
HETATM 1298 O  O   . HOH G 5 .   ? -16.719 1.894   4.478   1.00 56.61  ? 443 HOH A O   1 
HETATM 1299 O  O   . HOH G 5 .   ? -2.604  13.048  -0.530  1.00 36.18  ? 444 HOH A O   1 
HETATM 1300 O  O   . HOH G 5 .   ? 17.255  10.347  -5.157  1.00 45.42  ? 445 HOH A O   1 
HETATM 1301 O  O   . HOH G 5 .   ? 18.065  7.056   -10.079 1.00 46.50  ? 446 HOH A O   1 
HETATM 1302 O  O   . HOH G 5 .   ? -7.513  -6.664  -10.440 1.00 54.93  ? 447 HOH A O   1 
# 
loop_
_pdbx_poly_seq_scheme.asym_id 
_pdbx_poly_seq_scheme.entity_id 
_pdbx_poly_seq_scheme.seq_id 
_pdbx_poly_seq_scheme.mon_id 
_pdbx_poly_seq_scheme.ndb_seq_num 
_pdbx_poly_seq_scheme.pdb_seq_num 
_pdbx_poly_seq_scheme.auth_seq_num 
_pdbx_poly_seq_scheme.pdb_mon_id 
_pdbx_poly_seq_scheme.auth_mon_id 
_pdbx_poly_seq_scheme.pdb_strand_id 
_pdbx_poly_seq_scheme.pdb_ins_code 
_pdbx_poly_seq_scheme.hetero 
A 1 1   GLU 1   38  ?   ?   ?   A . n 
A 1 2   GLN 2   39  ?   ?   ?   A . n 
A 1 3   GLY 3   40  ?   ?   ?   A . n 
A 1 4   ASN 4   41  ?   ?   ?   A . n 
A 1 5   ARG 5   42  ?   ?   ?   A . n 
A 1 6   PRO 6   43  43  PRO PRO A . n 
A 1 7   VAL 7   44  44  VAL VAL A . n 
A 1 8   GLU 8   45  45  GLU GLU A . n 
A 1 9   THR 9   46  46  THR THR A . n 
A 1 10  GLU 10  47  47  GLU GLU A . n 
A 1 11  ASN 11  48  48  ASN ASN A . n 
A 1 12  ILE 12  49  49  ILE ILE A . n 
A 1 13  ALA 13  50  50  ALA ALA A . n 
A 1 14  ARG 14  51  51  ARG ARG A . n 
A 1 15  GLY 15  52  52  GLY GLY A . n 
A 1 16  LYS 16  53  53  LYS LYS A . n 
A 1 17  GLN 17  54  54  GLN GLN A . n 
A 1 18  ALA 18  55  55  ALA ALA A . n 
A 1 19  SER 19  56  56  SER SER A . n 
A 1 20  GLN 20  57  57  GLN GLN A . n 
A 1 21  SER 21  58  58  SER SER A . n 
A 1 22  SER 22  59  59  SER SER A . n 
A 1 23  THR 23  60  60  THR THR A . n 
A 1 24  ALA 24  61  61  ALA ALA A . n 
A 1 25  HIS 25  62  62  HIS HIS A . n 
A 1 26  GLY 26  63  63  GLY GLY A . n 
A 1 27  GLY 27  64  64  GLY GLY A . n 
A 1 28  ALA 28  65  65  ALA ALA A . n 
A 1 29  ALA 29  66  66  ALA ALA A . n 
A 1 30  THR 30  67  67  THR THR A . n 
A 1 31  ARG 31  68  68  ARG ARG A . n 
A 1 32  ALA 32  69  69  ALA ALA A . n 
A 1 33  VAL 33  70  70  VAL VAL A . n 
A 1 34  ASP 34  71  71  ASP ASP A . n 
A 1 35  GLY 35  72  72  GLY GLY A . n 
A 1 36  ASN 36  73  73  ASN ASN A . n 
A 1 37  VAL 37  74  74  VAL VAL A . n 
A 1 38  ASP 38  75  75  ASP ASP A . n 
A 1 39  SER 39  76  76  SER SER A . n 
A 1 40  ASP 40  77  77  ASP ASP A . n 
A 1 41  TYR 41  78  78  TYR TYR A . n 
A 1 42  GLY 42  79  79  GLY GLY A . n 
A 1 43  HIS 43  80  80  HIS HIS A . n 
A 1 44  HIS 44  81  81  HIS HIS A . n 
A 1 45  SER 45  82  82  SER SER A . n 
A 1 46  VAL 46  83  83  VAL VAL A . n 
A 1 47  THR 47  84  84  THR THR A . n 
A 1 48  HIS 48  85  85  HIS HIS A . n 
A 1 49  THR 49  86  86  THR THR A . n 
A 1 50  ASN 50  87  87  ASN ASN A . n 
A 1 51  PHE 51  88  88  PHE PHE A . n 
A 1 52  GLU 52  89  89  GLU GLU A . n 
A 1 53  ASP 53  90  90  ASP ASP A . n 
A 1 54  ASN 54  91  91  ASN ASN A . n 
A 1 55  ALA 55  92  92  ALA ALA A . n 
A 1 56  TRP 56  93  93  TRP TRP A . n 
A 1 57  TRP 57  94  94  TRP TRP A . n 
A 1 58  GLN 58  95  95  GLN GLN A . n 
A 1 59  VAL 59  96  96  VAL VAL A . n 
A 1 60  ASP 60  97  97  ASP ASP A . n 
A 1 61  LEU 61  98  98  LEU LEU A . n 
A 1 62  GLY 62  99  99  GLY GLY A . n 
A 1 63  LYS 63  100 100 LYS LYS A . n 
A 1 64  THR 64  101 101 THR THR A . n 
A 1 65  GLU 65  102 102 GLU GLU A . n 
A 1 66  ASN 66  103 103 ASN ASN A . n 
A 1 67  VAL 67  104 104 VAL VAL A . n 
A 1 68  GLY 68  105 105 GLY GLY A . n 
A 1 69  LYS 69  106 106 LYS LYS A . n 
A 1 70  VAL 70  107 107 VAL VAL A . n 
A 1 71  LYS 71  108 108 LYS LYS A . n 
A 1 72  LEU 72  109 109 LEU LEU A . n 
A 1 73  TYR 73  110 110 TYR TYR A . n 
A 1 74  ASN 74  111 111 ASN ASN A . n 
A 1 75  ARG 75  112 112 ARG ARG A . n 
A 1 76  GLY 76  113 113 GLY GLY A . n 
A 1 77  ASP 77  114 114 ASP ASP A . n 
A 1 78  GLY 78  115 115 GLY GLY A . n 
A 1 79  ASN 79  116 116 ASN ASN A . n 
A 1 80  VAL 80  117 117 VAL VAL A . n 
A 1 81  ALA 81  118 118 ALA ALA A . n 
A 1 82  ASN 82  119 119 ASN ASN A . n 
A 1 83  ARG 83  120 120 ARG ARG A . n 
A 1 84  LEU 84  121 121 LEU LEU A . n 
A 1 85  SER 85  122 122 SER SER A . n 
A 1 86  ASN 86  123 123 ASN ASN A . n 
A 1 87  PHE 87  124 124 PHE PHE A . n 
A 1 88  ASP 88  125 125 ASP ASP A . n 
A 1 89  VAL 89  126 126 VAL VAL A . n 
A 1 90  VAL 90  127 127 VAL VAL A . n 
A 1 91  LEU 91  128 128 LEU LEU A . n 
A 1 92  LEU 92  129 129 LEU LEU A . n 
A 1 93  ASN 93  130 130 ASN ASN A . n 
A 1 94  GLU 94  131 131 GLU GLU A . n 
A 1 95  ALA 95  132 132 ALA ALA A . n 
A 1 96  LYS 96  133 133 LYS LYS A . n 
A 1 97  GLN 97  134 134 GLN GLN A . n 
A 1 98  GLU 98  135 135 GLU GLU A . n 
A 1 99  VAL 99  136 136 VAL VAL A . n 
A 1 100 ALA 100 137 137 ALA ALA A . n 
A 1 101 ARG 101 138 138 ARG ARG A . n 
A 1 102 GLN 102 139 139 GLN GLN A . n 
A 1 103 HIS 103 140 140 HIS HIS A . n 
A 1 104 PHE 104 141 141 PHE PHE A . n 
A 1 105 ASP 105 142 142 ASP ASP A . n 
A 1 106 SER 106 143 143 SER SER A . n 
A 1 107 LEU 107 144 144 LEU LEU A . n 
A 1 108 ASN 108 145 145 ASN ASN A . n 
A 1 109 GLY 109 146 146 GLY GLY A . n 
A 1 110 LYS 110 147 147 LYS LYS A . n 
A 1 111 ALA 111 148 148 ALA ALA A . n 
A 1 112 GLU 112 149 149 GLU GLU A . n 
A 1 113 LEU 113 150 150 LEU LEU A . n 
A 1 114 GLU 114 151 151 GLU GLU A . n 
A 1 115 VAL 115 152 152 VAL VAL A . n 
A 1 116 PHE 116 153 153 PHE PHE A . n 
A 1 117 PHE 117 154 154 PHE PHE A . n 
A 1 118 THR 118 155 155 THR THR A . n 
A 1 119 ALA 119 156 156 ALA ALA A . n 
A 1 120 LYS 120 157 157 LYS LYS A . n 
A 1 121 ASP 121 158 158 ASP ASP A . n 
A 1 122 ALA 122 159 159 ALA ALA A . n 
A 1 123 ARG 123 160 160 ARG ARG A . n 
A 1 124 TYR 124 161 161 TYR TYR A . n 
A 1 125 VAL 125 162 162 VAL VAL A . n 
A 1 126 LYS 126 163 163 LYS LYS A . n 
A 1 127 VAL 127 164 164 VAL VAL A . n 
A 1 128 GLU 128 165 165 GLU GLU A . n 
A 1 129 LEU 129 166 166 LEU LEU A . n 
A 1 130 LYS 130 167 167 LYS LYS A . n 
A 1 131 THR 131 168 168 THR THR A . n 
A 1 132 LYS 132 169 169 LYS LYS A . n 
A 1 133 ASN 133 170 170 ASN ASN A . n 
A 1 134 THR 134 171 171 THR THR A . n 
A 1 135 PRO 135 172 172 PRO PRO A . n 
A 1 136 LEU 136 173 173 LEU LEU A . n 
A 1 137 SER 137 174 174 SER SER A . n 
A 1 138 LEU 138 175 175 LEU LEU A . n 
A 1 139 ALA 139 176 176 ALA ALA A . n 
A 1 140 GLU 140 177 177 GLU GLU A . n 
A 1 141 VAL 141 178 178 VAL VAL A . n 
A 1 142 GLU 142 179 179 GLU GLU A . n 
A 1 143 VAL 143 180 180 VAL VAL A . n 
A 1 144 PHE 144 181 181 PHE PHE A . n 
A 1 145 ARG 145 182 182 ARG ARG A . n 
A 1 146 SER 146 183 183 SER SER A . n 
A 1 147 ALA 147 184 184 ALA ALA A . n 
A 1 148 THR 148 185 ?   ?   ?   A . n 
A 1 149 THR 149 186 ?   ?   ?   A . n 
A 1 150 GLN 150 187 ?   ?   ?   A . n 
A 1 151 VAL 151 188 ?   ?   ?   A . n 
A 1 152 GLY 152 189 ?   ?   ?   A . n 
A 1 153 CYS 153 190 ?   ?   ?   A . n 
# 
loop_
_pdbx_nonpoly_scheme.asym_id 
_pdbx_nonpoly_scheme.entity_id 
_pdbx_nonpoly_scheme.mon_id 
_pdbx_nonpoly_scheme.ndb_seq_num 
_pdbx_nonpoly_scheme.pdb_seq_num 
_pdbx_nonpoly_scheme.auth_seq_num 
_pdbx_nonpoly_scheme.pdb_mon_id 
_pdbx_nonpoly_scheme.auth_mon_id 
_pdbx_nonpoly_scheme.pdb_strand_id 
_pdbx_nonpoly_scheme.pdb_ins_code 
C 3 MG  1   201 202 MG  MG  A . 
D 3 MG  1   202 203 MG  MG  A . 
E 3 MG  1   203 204 MG  MG  A . 
F 4 CA  1   204 205 CA  CA  A . 
G 5 HOH 1   301 301 HOH HOH A . 
G 5 HOH 2   302 302 HOH HOH A . 
G 5 HOH 3   303 303 HOH HOH A . 
G 5 HOH 4   304 304 HOH HOH A . 
G 5 HOH 5   305 305 HOH HOH A . 
G 5 HOH 6   306 306 HOH HOH A . 
G 5 HOH 7   307 307 HOH HOH A . 
G 5 HOH 8   308 308 HOH HOH A . 
G 5 HOH 9   309 309 HOH HOH A . 
G 5 HOH 10  310 310 HOH HOH A . 
G 5 HOH 11  311 311 HOH HOH A . 
G 5 HOH 12  312 312 HOH HOH A . 
G 5 HOH 13  313 313 HOH HOH A . 
G 5 HOH 14  314 314 HOH HOH A . 
G 5 HOH 15  315 315 HOH HOH A . 
G 5 HOH 16  316 316 HOH HOH A . 
G 5 HOH 17  317 317 HOH HOH A . 
G 5 HOH 18  318 318 HOH HOH A . 
G 5 HOH 19  319 319 HOH HOH A . 
G 5 HOH 20  320 320 HOH HOH A . 
G 5 HOH 21  321 321 HOH HOH A . 
G 5 HOH 22  322 322 HOH HOH A . 
G 5 HOH 23  323 323 HOH HOH A . 
G 5 HOH 24  324 324 HOH HOH A . 
G 5 HOH 25  325 325 HOH HOH A . 
G 5 HOH 26  326 326 HOH HOH A . 
G 5 HOH 27  327 327 HOH HOH A . 
G 5 HOH 28  328 328 HOH HOH A . 
G 5 HOH 29  329 329 HOH HOH A . 
G 5 HOH 30  330 330 HOH HOH A . 
G 5 HOH 31  331 331 HOH HOH A . 
G 5 HOH 32  332 332 HOH HOH A . 
G 5 HOH 33  333 333 HOH HOH A . 
G 5 HOH 34  334 334 HOH HOH A . 
G 5 HOH 35  335 335 HOH HOH A . 
G 5 HOH 36  336 336 HOH HOH A . 
G 5 HOH 37  337 337 HOH HOH A . 
G 5 HOH 38  338 338 HOH HOH A . 
G 5 HOH 39  339 339 HOH HOH A . 
G 5 HOH 40  340 340 HOH HOH A . 
G 5 HOH 41  341 341 HOH HOH A . 
G 5 HOH 42  342 342 HOH HOH A . 
G 5 HOH 43  343 343 HOH HOH A . 
G 5 HOH 44  344 344 HOH HOH A . 
G 5 HOH 45  345 345 HOH HOH A . 
G 5 HOH 46  346 346 HOH HOH A . 
G 5 HOH 47  347 347 HOH HOH A . 
G 5 HOH 48  348 348 HOH HOH A . 
G 5 HOH 49  349 349 HOH HOH A . 
G 5 HOH 50  350 350 HOH HOH A . 
G 5 HOH 51  351 351 HOH HOH A . 
G 5 HOH 52  352 352 HOH HOH A . 
G 5 HOH 53  353 353 HOH HOH A . 
G 5 HOH 54  354 354 HOH HOH A . 
G 5 HOH 55  355 355 HOH HOH A . 
G 5 HOH 56  356 356 HOH HOH A . 
G 5 HOH 57  357 357 HOH HOH A . 
G 5 HOH 58  358 358 HOH HOH A . 
G 5 HOH 59  359 359 HOH HOH A . 
G 5 HOH 60  360 360 HOH HOH A . 
G 5 HOH 61  361 361 HOH HOH A . 
G 5 HOH 62  362 362 HOH HOH A . 
G 5 HOH 63  363 363 HOH HOH A . 
G 5 HOH 64  364 364 HOH HOH A . 
G 5 HOH 65  365 365 HOH HOH A . 
G 5 HOH 66  366 366 HOH HOH A . 
G 5 HOH 67  367 367 HOH HOH A . 
G 5 HOH 68  368 368 HOH HOH A . 
G 5 HOH 69  369 369 HOH HOH A . 
G 5 HOH 70  370 370 HOH HOH A . 
G 5 HOH 71  371 371 HOH HOH A . 
G 5 HOH 72  372 372 HOH HOH A . 
G 5 HOH 73  373 373 HOH HOH A . 
G 5 HOH 74  374 374 HOH HOH A . 
G 5 HOH 75  375 375 HOH HOH A . 
G 5 HOH 76  376 376 HOH HOH A . 
G 5 HOH 77  377 377 HOH HOH A . 
G 5 HOH 78  378 378 HOH HOH A . 
G 5 HOH 79  379 379 HOH HOH A . 
G 5 HOH 80  380 380 HOH HOH A . 
G 5 HOH 81  381 381 HOH HOH A . 
G 5 HOH 82  382 382 HOH HOH A . 
G 5 HOH 83  383 383 HOH HOH A . 
G 5 HOH 84  384 384 HOH HOH A . 
G 5 HOH 85  385 385 HOH HOH A . 
G 5 HOH 86  386 386 HOH HOH A . 
G 5 HOH 87  387 387 HOH HOH A . 
G 5 HOH 88  388 388 HOH HOH A . 
G 5 HOH 89  389 389 HOH HOH A . 
G 5 HOH 90  390 390 HOH HOH A . 
G 5 HOH 91  391 391 HOH HOH A . 
G 5 HOH 92  392 392 HOH HOH A . 
G 5 HOH 93  393 393 HOH HOH A . 
G 5 HOH 94  394 394 HOH HOH A . 
G 5 HOH 95  395 395 HOH HOH A . 
G 5 HOH 96  396 396 HOH HOH A . 
G 5 HOH 97  397 397 HOH HOH A . 
G 5 HOH 98  398 399 HOH HOH A . 
G 5 HOH 99  399 400 HOH HOH A . 
G 5 HOH 100 400 401 HOH HOH A . 
G 5 HOH 101 401 402 HOH HOH A . 
G 5 HOH 102 402 403 HOH HOH A . 
G 5 HOH 103 403 404 HOH HOH A . 
G 5 HOH 104 404 405 HOH HOH A . 
G 5 HOH 105 405 406 HOH HOH A . 
G 5 HOH 106 406 407 HOH HOH A . 
G 5 HOH 107 407 408 HOH HOH A . 
G 5 HOH 108 408 409 HOH HOH A . 
G 5 HOH 109 409 410 HOH HOH A . 
G 5 HOH 110 410 411 HOH HOH A . 
G 5 HOH 111 411 412 HOH HOH A . 
G 5 HOH 112 412 413 HOH HOH A . 
G 5 HOH 113 413 414 HOH HOH A . 
G 5 HOH 114 414 415 HOH HOH A . 
G 5 HOH 115 415 416 HOH HOH A . 
G 5 HOH 116 416 417 HOH HOH A . 
G 5 HOH 117 417 418 HOH HOH A . 
G 5 HOH 118 418 419 HOH HOH A . 
G 5 HOH 119 419 420 HOH HOH A . 
G 5 HOH 120 420 421 HOH HOH A . 
G 5 HOH 121 421 422 HOH HOH A . 
G 5 HOH 122 422 423 HOH HOH A . 
G 5 HOH 123 423 424 HOH HOH A . 
G 5 HOH 124 424 425 HOH HOH A . 
G 5 HOH 125 425 426 HOH HOH A . 
G 5 HOH 126 426 427 HOH HOH A . 
G 5 HOH 127 427 428 HOH HOH A . 
G 5 HOH 128 428 429 HOH HOH A . 
G 5 HOH 129 429 430 HOH HOH A . 
G 5 HOH 130 430 431 HOH HOH A . 
G 5 HOH 131 431 432 HOH HOH A . 
G 5 HOH 132 432 433 HOH HOH A . 
G 5 HOH 133 433 434 HOH HOH A . 
G 5 HOH 134 434 435 HOH HOH A . 
G 5 HOH 135 435 436 HOH HOH A . 
G 5 HOH 136 436 437 HOH HOH A . 
G 5 HOH 137 437 438 HOH HOH A . 
G 5 HOH 138 438 439 HOH HOH A . 
G 5 HOH 139 439 440 HOH HOH A . 
G 5 HOH 140 440 441 HOH HOH A . 
G 5 HOH 141 441 442 HOH HOH A . 
G 5 HOH 142 442 443 HOH HOH A . 
G 5 HOH 143 443 444 HOH HOH A . 
G 5 HOH 144 444 445 HOH HOH A . 
G 5 HOH 145 445 446 HOH HOH A . 
G 5 HOH 146 446 447 HOH HOH A . 
G 5 HOH 147 447 448 HOH HOH A . 
# 
_pdbx_molecule_features.prd_id    PRD_900123 
_pdbx_molecule_features.name      'Lewis B antigen, beta anomer' 
_pdbx_molecule_features.type      Oligosaccharide 
_pdbx_molecule_features.class     Antigen 
_pdbx_molecule_features.details   'oligosaccharide with branches' 
# 
_pdbx_molecule.instance_id   1 
_pdbx_molecule.prd_id        PRD_900123 
_pdbx_molecule.asym_id       B 
# 
_pdbx_struct_assembly.id                   1 
_pdbx_struct_assembly.details              author_and_software_defined_assembly 
_pdbx_struct_assembly.method_details       PISA 
_pdbx_struct_assembly.oligomeric_details   monomeric 
_pdbx_struct_assembly.oligomeric_count     1 
# 
_pdbx_struct_assembly_gen.assembly_id       1 
_pdbx_struct_assembly_gen.oper_expression   1 
_pdbx_struct_assembly_gen.asym_id_list      A,B,C,D,E,F,G 
# 
_pdbx_struct_oper_list.id                   1 
_pdbx_struct_oper_list.type                 'identity operation' 
_pdbx_struct_oper_list.name                 1_555 
_pdbx_struct_oper_list.symmetry_operation   x,y,z 
_pdbx_struct_oper_list.matrix[1][1]         1.0000000000 
_pdbx_struct_oper_list.matrix[1][2]         0.0000000000 
_pdbx_struct_oper_list.matrix[1][3]         0.0000000000 
_pdbx_struct_oper_list.vector[1]            0.0000000000 
_pdbx_struct_oper_list.matrix[2][1]         0.0000000000 
_pdbx_struct_oper_list.matrix[2][2]         1.0000000000 
_pdbx_struct_oper_list.matrix[2][3]         0.0000000000 
_pdbx_struct_oper_list.vector[2]            0.0000000000 
_pdbx_struct_oper_list.matrix[3][1]         0.0000000000 
_pdbx_struct_oper_list.matrix[3][2]         0.0000000000 
_pdbx_struct_oper_list.matrix[3][3]         1.0000000000 
_pdbx_struct_oper_list.vector[3]            0.0000000000 
# 
loop_
_pdbx_struct_conn_angle.id 
_pdbx_struct_conn_angle.ptnr1_label_atom_id 
_pdbx_struct_conn_angle.ptnr1_label_alt_id 
_pdbx_struct_conn_angle.ptnr1_label_asym_id 
_pdbx_struct_conn_angle.ptnr1_label_comp_id 
_pdbx_struct_conn_angle.ptnr1_label_seq_id 
_pdbx_struct_conn_angle.ptnr1_auth_atom_id 
_pdbx_struct_conn_angle.ptnr1_auth_asym_id 
_pdbx_struct_conn_angle.ptnr1_auth_comp_id 
_pdbx_struct_conn_angle.ptnr1_auth_seq_id 
_pdbx_struct_conn_angle.ptnr1_PDB_ins_code 
_pdbx_struct_conn_angle.ptnr1_symmetry 
_pdbx_struct_conn_angle.ptnr2_label_atom_id 
_pdbx_struct_conn_angle.ptnr2_label_alt_id 
_pdbx_struct_conn_angle.ptnr2_label_asym_id 
_pdbx_struct_conn_angle.ptnr2_label_comp_id 
_pdbx_struct_conn_angle.ptnr2_label_seq_id 
_pdbx_struct_conn_angle.ptnr2_auth_atom_id 
_pdbx_struct_conn_angle.ptnr2_auth_asym_id 
_pdbx_struct_conn_angle.ptnr2_auth_comp_id 
_pdbx_struct_conn_angle.ptnr2_auth_seq_id 
_pdbx_struct_conn_angle.ptnr2_PDB_ins_code 
_pdbx_struct_conn_angle.ptnr2_symmetry 
_pdbx_struct_conn_angle.ptnr3_label_atom_id 
_pdbx_struct_conn_angle.ptnr3_label_alt_id 
_pdbx_struct_conn_angle.ptnr3_label_asym_id 
_pdbx_struct_conn_angle.ptnr3_label_comp_id 
_pdbx_struct_conn_angle.ptnr3_label_seq_id 
_pdbx_struct_conn_angle.ptnr3_auth_atom_id 
_pdbx_struct_conn_angle.ptnr3_auth_asym_id 
_pdbx_struct_conn_angle.ptnr3_auth_comp_id 
_pdbx_struct_conn_angle.ptnr3_auth_seq_id 
_pdbx_struct_conn_angle.ptnr3_PDB_ins_code 
_pdbx_struct_conn_angle.ptnr3_symmetry 
_pdbx_struct_conn_angle.value 
_pdbx_struct_conn_angle.value_esd 
1  O   ? A ARG 31  ? A ARG 68  ? 1_555 CA ? F CA . ? A CA 204 ? 1_555 OD1 ? A ASP 34  ? A ASP 71  ? 1_555 77.3  ? 
2  O   ? A ARG 31  ? A ARG 68  ? 1_555 CA ? F CA . ? A CA 204 ? 1_555 O   ? A ASN 36  ? A ASN 73  ? 1_555 166.1 ? 
3  OD1 ? A ASP 34  ? A ASP 71  ? 1_555 CA ? F CA . ? A CA 204 ? 1_555 O   ? A ASN 36  ? A ASN 73  ? 1_555 92.4  ? 
4  O   ? A ARG 31  ? A ARG 68  ? 1_555 CA ? F CA . ? A CA 204 ? 1_555 OG  ? A SER 45  ? A SER 82  ? 1_555 103.6 ? 
5  OD1 ? A ASP 34  ? A ASP 71  ? 1_555 CA ? F CA . ? A CA 204 ? 1_555 OG  ? A SER 45  ? A SER 82  ? 1_555 69.7  ? 
6  O   ? A ASN 36  ? A ASN 73  ? 1_555 CA ? F CA . ? A CA 204 ? 1_555 OG  ? A SER 45  ? A SER 82  ? 1_555 81.1  ? 
7  O   ? A ARG 31  ? A ARG 68  ? 1_555 CA ? F CA . ? A CA 204 ? 1_555 O   ? A SER 45  ? A SER 82  ? 1_555 78.5  ? 
8  OD1 ? A ASP 34  ? A ASP 71  ? 1_555 CA ? F CA . ? A CA 204 ? 1_555 O   ? A SER 45  ? A SER 82  ? 1_555 127.4 ? 
9  O   ? A ASN 36  ? A ASN 73  ? 1_555 CA ? F CA . ? A CA 204 ? 1_555 O   ? A SER 45  ? A SER 82  ? 1_555 115.4 ? 
10 OG  ? A SER 45  ? A SER 82  ? 1_555 CA ? F CA . ? A CA 204 ? 1_555 O   ? A SER 45  ? A SER 82  ? 1_555 71.8  ? 
11 O   ? A ARG 31  ? A ARG 68  ? 1_555 CA ? F CA . ? A CA 204 ? 1_555 O   ? A ALA 139 ? A ALA 176 ? 1_555 94.2  ? 
12 OD1 ? A ASP 34  ? A ASP 71  ? 1_555 CA ? F CA . ? A CA 204 ? 1_555 O   ? A ALA 139 ? A ALA 176 ? 1_555 155.1 ? 
13 O   ? A ASN 36  ? A ASN 73  ? 1_555 CA ? F CA . ? A CA 204 ? 1_555 O   ? A ALA 139 ? A ALA 176 ? 1_555 91.3  ? 
14 OG  ? A SER 45  ? A SER 82  ? 1_555 CA ? F CA . ? A CA 204 ? 1_555 O   ? A ALA 139 ? A ALA 176 ? 1_555 135.2 ? 
15 O   ? A SER 45  ? A SER 82  ? 1_555 CA ? F CA . ? A CA 204 ? 1_555 O   ? A ALA 139 ? A ALA 176 ? 1_555 72.1  ? 
16 O   ? A ARG 31  ? A ARG 68  ? 1_555 CA ? F CA . ? A CA 204 ? 1_555 OE1 ? A GLU 140 ? A GLU 177 ? 1_555 88.9  ? 
17 OD1 ? A ASP 34  ? A ASP 71  ? 1_555 CA ? F CA . ? A CA 204 ? 1_555 OE1 ? A GLU 140 ? A GLU 177 ? 1_555 75.4  ? 
18 O   ? A ASN 36  ? A ASN 73  ? 1_555 CA ? F CA . ? A CA 204 ? 1_555 OE1 ? A GLU 140 ? A GLU 177 ? 1_555 79.3  ? 
19 OG  ? A SER 45  ? A SER 82  ? 1_555 CA ? F CA . ? A CA 204 ? 1_555 OE1 ? A GLU 140 ? A GLU 177 ? 1_555 138.9 ? 
20 O   ? A SER 45  ? A SER 82  ? 1_555 CA ? F CA . ? A CA 204 ? 1_555 OE1 ? A GLU 140 ? A GLU 177 ? 1_555 149.2 ? 
21 O   ? A ALA 139 ? A ALA 176 ? 1_555 CA ? F CA . ? A CA 204 ? 1_555 OE1 ? A GLU 140 ? A GLU 177 ? 1_555 81.1  ? 
22 OD2 ? A ASP 60  ? A ASP 97  ? 1_555 MG ? E MG . ? A MG 203 ? 1_555 O   ? G HOH .   ? A HOH 375 ? 1_555 91.1  ? 
23 OD2 ? A ASP 60  ? A ASP 97  ? 1_555 MG ? E MG . ? A MG 203 ? 1_555 O   ? G HOH .   ? A HOH 378 ? 1_555 166.4 ? 
24 O   ? G HOH .   ? A HOH 375 ? 1_555 MG ? E MG . ? A MG 203 ? 1_555 O   ? G HOH .   ? A HOH 378 ? 1_555 87.7  ? 
25 OD2 ? A ASP 60  ? A ASP 97  ? 1_555 MG ? E MG . ? A MG 203 ? 1_555 O   ? G HOH .   ? A HOH 383 ? 1_555 99.3  ? 
26 O   ? G HOH .   ? A HOH 375 ? 1_555 MG ? E MG . ? A MG 203 ? 1_555 O   ? G HOH .   ? A HOH 383 ? 1_555 89.7  ? 
27 O   ? G HOH .   ? A HOH 378 ? 1_555 MG ? E MG . ? A MG 203 ? 1_555 O   ? G HOH .   ? A HOH 383 ? 1_555 94.2  ? 
28 OD2 ? A ASP 60  ? A ASP 97  ? 1_555 MG ? E MG . ? A MG 203 ? 1_555 O   ? G HOH .   ? A HOH 417 ? 1_555 79.1  ? 
29 O   ? G HOH .   ? A HOH 375 ? 1_555 MG ? E MG . ? A MG 203 ? 1_555 O   ? G HOH .   ? A HOH 417 ? 1_555 94.4  ? 
30 O   ? G HOH .   ? A HOH 378 ? 1_555 MG ? E MG . ? A MG 203 ? 1_555 O   ? G HOH .   ? A HOH 417 ? 1_555 87.5  ? 
31 O   ? G HOH .   ? A HOH 383 ? 1_555 MG ? E MG . ? A MG 203 ? 1_555 O   ? G HOH .   ? A HOH 417 ? 1_555 175.6 ? 
32 O   ? G HOH .   ? A HOH 399 ? 1_555 MG ? C MG . ? A MG 201 ? 1_555 O   ? G HOH .   ? A HOH 434 ? 1_555 91.9  ? 
33 O   ? G HOH .   ? A HOH 399 ? 1_555 MG ? C MG . ? A MG 201 ? 1_555 O   ? G HOH .   ? A HOH 435 ? 1_555 93.0  ? 
34 O   ? G HOH .   ? A HOH 434 ? 1_555 MG ? C MG . ? A MG 201 ? 1_555 O   ? G HOH .   ? A HOH 435 ? 1_555 167.2 ? 
35 O   ? G HOH .   ? A HOH 399 ? 1_555 MG ? C MG . ? A MG 201 ? 1_555 O   ? G HOH .   ? A HOH 437 ? 1_555 92.1  ? 
36 O   ? G HOH .   ? A HOH 434 ? 1_555 MG ? C MG . ? A MG 201 ? 1_555 O   ? G HOH .   ? A HOH 437 ? 1_555 87.8  ? 
37 O   ? G HOH .   ? A HOH 435 ? 1_555 MG ? C MG . ? A MG 201 ? 1_555 O   ? G HOH .   ? A HOH 437 ? 1_555 103.8 ? 
38 O   ? G HOH .   ? A HOH 399 ? 1_555 MG ? C MG . ? A MG 201 ? 1_555 O   ? G HOH .   ? A HOH 438 ? 1_555 89.6  ? 
39 O   ? G HOH .   ? A HOH 434 ? 1_555 MG ? C MG . ? A MG 201 ? 1_555 O   ? G HOH .   ? A HOH 438 ? 1_555 77.9  ? 
40 O   ? G HOH .   ? A HOH 435 ? 1_555 MG ? C MG . ? A MG 201 ? 1_555 O   ? G HOH .   ? A HOH 438 ? 1_555 90.3  ? 
41 O   ? G HOH .   ? A HOH 437 ? 1_555 MG ? C MG . ? A MG 201 ? 1_555 O   ? G HOH .   ? A HOH 438 ? 1_555 165.7 ? 
42 O   ? G HOH .   ? A HOH 331 ? 1_555 MG ? D MG . ? A MG 202 ? 1_555 O   ? G HOH .   ? A HOH 332 ? 1_555 87.7  ? 
43 O   ? G HOH .   ? A HOH 331 ? 1_555 MG ? D MG . ? A MG 202 ? 1_555 O   ? G HOH .   ? A HOH 333 ? 1_555 90.3  ? 
44 O   ? G HOH .   ? A HOH 332 ? 1_555 MG ? D MG . ? A MG 202 ? 1_555 O   ? G HOH .   ? A HOH 333 ? 1_555 178.0 ? 
45 O   ? G HOH .   ? A HOH 331 ? 1_555 MG ? D MG . ? A MG 202 ? 1_555 O   ? G HOH .   ? A HOH 376 ? 1_555 88.1  ? 
46 O   ? G HOH .   ? A HOH 332 ? 1_555 MG ? D MG . ? A MG 202 ? 1_555 O   ? G HOH .   ? A HOH 376 ? 1_555 88.5  ? 
47 O   ? G HOH .   ? A HOH 333 ? 1_555 MG ? D MG . ? A MG 202 ? 1_555 O   ? G HOH .   ? A HOH 376 ? 1_555 92.1  ? 
48 O   ? G HOH .   ? A HOH 331 ? 1_555 MG ? D MG . ? A MG 202 ? 1_555 O   ? G HOH .   ? A HOH 432 ? 1_555 174.6 ? 
49 O   ? G HOH .   ? A HOH 332 ? 1_555 MG ? D MG . ? A MG 202 ? 1_555 O   ? G HOH .   ? A HOH 432 ? 1_555 87.8  ? 
50 O   ? G HOH .   ? A HOH 333 ? 1_555 MG ? D MG . ? A MG 202 ? 1_555 O   ? G HOH .   ? A HOH 432 ? 1_555 94.1  ? 
51 O   ? G HOH .   ? A HOH 376 ? 1_555 MG ? D MG . ? A MG 202 ? 1_555 O   ? G HOH .   ? A HOH 432 ? 1_555 88.8  ? 
# 
loop_
_pdbx_audit_revision_history.ordinal 
_pdbx_audit_revision_history.data_content_type 
_pdbx_audit_revision_history.major_revision 
_pdbx_audit_revision_history.minor_revision 
_pdbx_audit_revision_history.revision_date 
1 'Structure model' 1 0 2012-11-21 
2 'Structure model' 1 1 2014-03-12 
3 'Structure model' 1 2 2017-11-15 
4 'Structure model' 2 0 2020-07-29 
5 'Structure model' 2 1 2023-11-08 
# 
loop_
_pdbx_audit_revision_details.ordinal 
_pdbx_audit_revision_details.revision_ordinal 
_pdbx_audit_revision_details.data_content_type 
_pdbx_audit_revision_details.provider 
_pdbx_audit_revision_details.type 
_pdbx_audit_revision_details.description 
_pdbx_audit_revision_details.details 
1 1 'Structure model' repository 'Initial release' ?                          ? 
2 4 'Structure model' repository Remediation       'Carbohydrate remediation' ? 
# 
loop_
_pdbx_audit_revision_group.ordinal 
_pdbx_audit_revision_group.revision_ordinal 
_pdbx_audit_revision_group.data_content_type 
_pdbx_audit_revision_group.group 
1  2 'Structure model' 'Database references'    
2  3 'Structure model' Advisory                 
3  3 'Structure model' 'Refinement description' 
4  4 'Structure model' 'Atomic model'           
5  4 'Structure model' 'Data collection'        
6  4 'Structure model' 'Database references'    
7  4 'Structure model' 'Derived calculations'   
8  4 'Structure model' 'Structure summary'      
9  5 'Structure model' Advisory                 
10 5 'Structure model' 'Data collection'        
11 5 'Structure model' 'Database references'    
12 5 'Structure model' 'Refinement description' 
13 5 'Structure model' 'Structure summary'      
# 
loop_
_pdbx_audit_revision_category.ordinal 
_pdbx_audit_revision_category.revision_ordinal 
_pdbx_audit_revision_category.data_content_type 
_pdbx_audit_revision_category.category 
1  3 'Structure model' pdbx_unobs_or_zero_occ_atoms  
2  3 'Structure model' software                      
3  4 'Structure model' atom_site                     
4  4 'Structure model' chem_comp                     
5  4 'Structure model' entity                        
6  4 'Structure model' entity_name_com               
7  4 'Structure model' pdbx_branch_scheme            
8  4 'Structure model' pdbx_chem_comp_identifier     
9  4 'Structure model' pdbx_entity_branch            
10 4 'Structure model' pdbx_entity_branch_descriptor 
11 4 'Structure model' pdbx_entity_branch_link       
12 4 'Structure model' pdbx_entity_branch_list       
13 4 'Structure model' pdbx_entity_nonpoly           
14 4 'Structure model' pdbx_molecule_features        
15 4 'Structure model' pdbx_nonpoly_scheme           
16 4 'Structure model' pdbx_struct_assembly_gen      
17 4 'Structure model' pdbx_struct_conn_angle        
18 4 'Structure model' struct_asym                   
19 4 'Structure model' struct_conn                   
20 4 'Structure model' struct_ref_seq_dif            
21 4 'Structure model' struct_site                   
22 4 'Structure model' struct_site_gen               
23 5 'Structure model' chem_comp                     
24 5 'Structure model' chem_comp_atom                
25 5 'Structure model' chem_comp_bond                
26 5 'Structure model' database_2                    
27 5 'Structure model' pdbx_initial_refinement_model 
28 5 'Structure model' pdbx_unobs_or_zero_occ_atoms  
# 
loop_
_pdbx_audit_revision_item.ordinal 
_pdbx_audit_revision_item.revision_ordinal 
_pdbx_audit_revision_item.data_content_type 
_pdbx_audit_revision_item.item 
1  3 'Structure model' '_software.classification'                    
2  3 'Structure model' '_software.contact_author'                    
3  3 'Structure model' '_software.contact_author_email'              
4  3 'Structure model' '_software.date'                              
5  3 'Structure model' '_software.language'                          
6  3 'Structure model' '_software.location'                          
7  3 'Structure model' '_software.name'                              
8  3 'Structure model' '_software.type'                              
9  3 'Structure model' '_software.version'                           
10 4 'Structure model' '_atom_site.B_iso_or_equiv'                   
11 4 'Structure model' '_atom_site.Cartn_x'                          
12 4 'Structure model' '_atom_site.Cartn_y'                          
13 4 'Structure model' '_atom_site.Cartn_z'                          
14 4 'Structure model' '_atom_site.auth_asym_id'                     
15 4 'Structure model' '_atom_site.auth_atom_id'                     
16 4 'Structure model' '_atom_site.auth_comp_id'                     
17 4 'Structure model' '_atom_site.auth_seq_id'                      
18 4 'Structure model' '_atom_site.label_asym_id'                    
19 4 'Structure model' '_atom_site.label_atom_id'                    
20 4 'Structure model' '_atom_site.label_comp_id'                    
21 4 'Structure model' '_atom_site.label_entity_id'                  
22 4 'Structure model' '_atom_site.occupancy'                        
23 4 'Structure model' '_atom_site.type_symbol'                      
24 4 'Structure model' '_chem_comp.name'                             
25 4 'Structure model' '_chem_comp.type'                             
26 4 'Structure model' '_pdbx_struct_assembly_gen.asym_id_list'      
27 4 'Structure model' '_pdbx_struct_conn_angle.ptnr1_auth_comp_id'  
28 4 'Structure model' '_pdbx_struct_conn_angle.ptnr1_auth_seq_id'   
29 4 'Structure model' '_pdbx_struct_conn_angle.ptnr1_label_asym_id' 
30 4 'Structure model' '_pdbx_struct_conn_angle.ptnr1_label_atom_id' 
31 4 'Structure model' '_pdbx_struct_conn_angle.ptnr1_label_comp_id' 
32 4 'Structure model' '_pdbx_struct_conn_angle.ptnr1_label_seq_id'  
33 4 'Structure model' '_pdbx_struct_conn_angle.ptnr2_auth_comp_id'  
34 4 'Structure model' '_pdbx_struct_conn_angle.ptnr2_auth_seq_id'   
35 4 'Structure model' '_pdbx_struct_conn_angle.ptnr2_label_asym_id' 
36 4 'Structure model' '_pdbx_struct_conn_angle.ptnr2_label_atom_id' 
37 4 'Structure model' '_pdbx_struct_conn_angle.ptnr2_label_comp_id' 
38 4 'Structure model' '_pdbx_struct_conn_angle.ptnr3_auth_comp_id'  
39 4 'Structure model' '_pdbx_struct_conn_angle.ptnr3_auth_seq_id'   
40 4 'Structure model' '_pdbx_struct_conn_angle.ptnr3_label_asym_id' 
41 4 'Structure model' '_pdbx_struct_conn_angle.ptnr3_label_atom_id' 
42 4 'Structure model' '_pdbx_struct_conn_angle.ptnr3_label_comp_id' 
43 4 'Structure model' '_pdbx_struct_conn_angle.ptnr3_label_seq_id'  
44 4 'Structure model' '_pdbx_struct_conn_angle.value'               
45 4 'Structure model' '_struct_conn.pdbx_dist_value'                
46 4 'Structure model' '_struct_conn.pdbx_leaving_atom_flag'         
47 4 'Structure model' '_struct_conn.ptnr1_auth_asym_id'             
48 4 'Structure model' '_struct_conn.ptnr1_auth_comp_id'             
49 4 'Structure model' '_struct_conn.ptnr1_auth_seq_id'              
50 4 'Structure model' '_struct_conn.ptnr1_label_asym_id'            
51 4 'Structure model' '_struct_conn.ptnr1_label_atom_id'            
52 4 'Structure model' '_struct_conn.ptnr1_label_comp_id'            
53 4 'Structure model' '_struct_conn.ptnr1_label_seq_id'             
54 4 'Structure model' '_struct_conn.ptnr2_auth_asym_id'             
55 4 'Structure model' '_struct_conn.ptnr2_auth_comp_id'             
56 4 'Structure model' '_struct_conn.ptnr2_auth_seq_id'              
57 4 'Structure model' '_struct_conn.ptnr2_label_asym_id'            
58 4 'Structure model' '_struct_conn.ptnr2_label_atom_id'            
59 4 'Structure model' '_struct_conn.ptnr2_label_comp_id'            
60 4 'Structure model' '_struct_ref_seq_dif.details'                 
61 5 'Structure model' '_chem_comp.pdbx_synonyms'                    
62 5 'Structure model' '_database_2.pdbx_DOI'                        
63 5 'Structure model' '_database_2.pdbx_database_accession'         
# 
loop_
_software.pdbx_ordinal 
_software.name 
_software.version 
_software.date 
_software.type 
_software.contact_author 
_software.contact_author_email 
_software.classification 
_software.location 
_software.language 
_software.citation_id 
1 DENZO       .        ?                package 'Zbyszek Otwinowski' hkl@hkl-xray.com         'data reduction'  
http://www.hkl-xray.com/                     ?          ? 
2 SCALEPACK   .        ?                package 'Zbyszek Otwinowski' hkl@hkl-xray.com         'data scaling'    
http://www.hkl-xray.com/                     ?          ? 
3 REFMAC      5.6.0117 ?                program 'Garib N. Murshudov' garib@ysbl.york.ac.uk    refinement        
http://www.ccp4.ac.uk/dist/html/refmac5.html Fortran_77 ? 
4 PDB_EXTRACT 3.11     'April 22, 2011' package PDB                  deposit@deposit.rcsb.org 'data extraction' 
http://sw-tools.pdb.org/apps/PDB_EXTRACT/    C++        ? 
5 HKL-2000    .        ?                ?       ?                    ?                        'data collection' ? ?          ? 
# 
_pdbx_entry_details.entry_id                 4GWJ 
_pdbx_entry_details.nonpolymer_details       'THE TETRASACCHARIDE LEWIS B IS COMPOSED OF RESIDUES A 205-208.' 
_pdbx_entry_details.sequence_details         
;THE SEQUENCE WAS DERIVED FROM THE PUBLISHED PROTEIN SEQUENCE PUBLISHED BY FARRAND ET AL. (BIOCHEMISTRY, VOL. 47, 2008). AMINO ACIDS 67 AND 158 ARE THREONINE AND ASPARTATE, RESPECTIVELY.
;
_pdbx_entry_details.compound_details         ? 
_pdbx_entry_details.source_details           ? 
_pdbx_entry_details.has_ligand_of_interest   ? 
# 
loop_
_pdbx_validate_rmsd_angle.id 
_pdbx_validate_rmsd_angle.PDB_model_num 
_pdbx_validate_rmsd_angle.auth_atom_id_1 
_pdbx_validate_rmsd_angle.auth_asym_id_1 
_pdbx_validate_rmsd_angle.auth_comp_id_1 
_pdbx_validate_rmsd_angle.auth_seq_id_1 
_pdbx_validate_rmsd_angle.PDB_ins_code_1 
_pdbx_validate_rmsd_angle.label_alt_id_1 
_pdbx_validate_rmsd_angle.auth_atom_id_2 
_pdbx_validate_rmsd_angle.auth_asym_id_2 
_pdbx_validate_rmsd_angle.auth_comp_id_2 
_pdbx_validate_rmsd_angle.auth_seq_id_2 
_pdbx_validate_rmsd_angle.PDB_ins_code_2 
_pdbx_validate_rmsd_angle.label_alt_id_2 
_pdbx_validate_rmsd_angle.auth_atom_id_3 
_pdbx_validate_rmsd_angle.auth_asym_id_3 
_pdbx_validate_rmsd_angle.auth_comp_id_3 
_pdbx_validate_rmsd_angle.auth_seq_id_3 
_pdbx_validate_rmsd_angle.PDB_ins_code_3 
_pdbx_validate_rmsd_angle.label_alt_id_3 
_pdbx_validate_rmsd_angle.angle_value 
_pdbx_validate_rmsd_angle.angle_target_value 
_pdbx_validate_rmsd_angle.angle_deviation 
_pdbx_validate_rmsd_angle.angle_standard_deviation 
_pdbx_validate_rmsd_angle.linker_flag 
1 1 CB  A ASP 75  ? ? CG  A ASP 75  ? ? OD2 A ASP 75  ? ? 125.68 118.30 7.38  0.90 N 
2 1 CZ  A TYR 78  ? ? CE2 A TYR 78  ? ? CD2 A TYR 78  ? ? 113.09 119.80 -6.71 0.90 N 
3 1 NE  A ARG 112 ? ? CZ  A ARG 112 ? ? NH2 A ARG 112 ? ? 114.54 120.30 -5.76 0.50 N 
4 1 OE1 A GLU 177 ? ? CD  A GLU 177 ? ? OE2 A GLU 177 ? ? 130.82 123.30 7.52  1.20 N 
# 
_pdbx_validate_torsion.id              1 
_pdbx_validate_torsion.PDB_model_num   1 
_pdbx_validate_torsion.auth_comp_id    ASN 
_pdbx_validate_torsion.auth_asym_id    A 
_pdbx_validate_torsion.auth_seq_id     145 
_pdbx_validate_torsion.PDB_ins_code    ? 
_pdbx_validate_torsion.label_alt_id    ? 
_pdbx_validate_torsion.phi             71.47 
_pdbx_validate_torsion.psi             41.99 
# 
_pdbx_unobs_or_zero_occ_atoms.id               1 
_pdbx_unobs_or_zero_occ_atoms.PDB_model_num    1 
_pdbx_unobs_or_zero_occ_atoms.polymer_flag     Y 
_pdbx_unobs_or_zero_occ_atoms.occupancy_flag   0 
_pdbx_unobs_or_zero_occ_atoms.auth_asym_id     A 
_pdbx_unobs_or_zero_occ_atoms.auth_comp_id     ASN 
_pdbx_unobs_or_zero_occ_atoms.auth_seq_id      119 
_pdbx_unobs_or_zero_occ_atoms.PDB_ins_code     ? 
_pdbx_unobs_or_zero_occ_atoms.auth_atom_id     CG 
_pdbx_unobs_or_zero_occ_atoms.label_alt_id     ? 
_pdbx_unobs_or_zero_occ_atoms.label_asym_id    A 
_pdbx_unobs_or_zero_occ_atoms.label_comp_id    ASN 
_pdbx_unobs_or_zero_occ_atoms.label_seq_id     82 
_pdbx_unobs_or_zero_occ_atoms.label_atom_id    CG 
# 
loop_
_pdbx_unobs_or_zero_occ_residues.id 
_pdbx_unobs_or_zero_occ_residues.PDB_model_num 
_pdbx_unobs_or_zero_occ_residues.polymer_flag 
_pdbx_unobs_or_zero_occ_residues.occupancy_flag 
_pdbx_unobs_or_zero_occ_residues.auth_asym_id 
_pdbx_unobs_or_zero_occ_residues.auth_comp_id 
_pdbx_unobs_or_zero_occ_residues.auth_seq_id 
_pdbx_unobs_or_zero_occ_residues.PDB_ins_code 
_pdbx_unobs_or_zero_occ_residues.label_asym_id 
_pdbx_unobs_or_zero_occ_residues.label_comp_id 
_pdbx_unobs_or_zero_occ_residues.label_seq_id 
1  1 Y 1 A GLU 38  ? A GLU 1   
2  1 Y 1 A GLN 39  ? A GLN 2   
3  1 Y 1 A GLY 40  ? A GLY 3   
4  1 Y 1 A ASN 41  ? A ASN 4   
5  1 Y 1 A ARG 42  ? A ARG 5   
6  1 Y 1 A THR 185 ? A THR 148 
7  1 Y 1 A THR 186 ? A THR 149 
8  1 Y 1 A GLN 187 ? A GLN 150 
9  1 Y 1 A VAL 188 ? A VAL 151 
10 1 Y 1 A GLY 189 ? A GLY 152 
11 1 Y 1 A CYS 190 ? A CYS 153 
# 
loop_
_chem_comp_atom.comp_id 
_chem_comp_atom.atom_id 
_chem_comp_atom.type_symbol 
_chem_comp_atom.pdbx_aromatic_flag 
_chem_comp_atom.pdbx_stereo_config 
_chem_comp_atom.pdbx_ordinal 
ALA N    N  N N 1   
ALA CA   C  N S 2   
ALA C    C  N N 3   
ALA O    O  N N 4   
ALA CB   C  N N 5   
ALA OXT  O  N N 6   
ALA H    H  N N 7   
ALA H2   H  N N 8   
ALA HA   H  N N 9   
ALA HB1  H  N N 10  
ALA HB2  H  N N 11  
ALA HB3  H  N N 12  
ALA HXT  H  N N 13  
ARG N    N  N N 14  
ARG CA   C  N S 15  
ARG C    C  N N 16  
ARG O    O  N N 17  
ARG CB   C  N N 18  
ARG CG   C  N N 19  
ARG CD   C  N N 20  
ARG NE   N  N N 21  
ARG CZ   C  N N 22  
ARG NH1  N  N N 23  
ARG NH2  N  N N 24  
ARG OXT  O  N N 25  
ARG H    H  N N 26  
ARG H2   H  N N 27  
ARG HA   H  N N 28  
ARG HB2  H  N N 29  
ARG HB3  H  N N 30  
ARG HG2  H  N N 31  
ARG HG3  H  N N 32  
ARG HD2  H  N N 33  
ARG HD3  H  N N 34  
ARG HE   H  N N 35  
ARG HH11 H  N N 36  
ARG HH12 H  N N 37  
ARG HH21 H  N N 38  
ARG HH22 H  N N 39  
ARG HXT  H  N N 40  
ASN N    N  N N 41  
ASN CA   C  N S 42  
ASN C    C  N N 43  
ASN O    O  N N 44  
ASN CB   C  N N 45  
ASN CG   C  N N 46  
ASN OD1  O  N N 47  
ASN ND2  N  N N 48  
ASN OXT  O  N N 49  
ASN H    H  N N 50  
ASN H2   H  N N 51  
ASN HA   H  N N 52  
ASN HB2  H  N N 53  
ASN HB3  H  N N 54  
ASN HD21 H  N N 55  
ASN HD22 H  N N 56  
ASN HXT  H  N N 57  
ASP N    N  N N 58  
ASP CA   C  N S 59  
ASP C    C  N N 60  
ASP O    O  N N 61  
ASP CB   C  N N 62  
ASP CG   C  N N 63  
ASP OD1  O  N N 64  
ASP OD2  O  N N 65  
ASP OXT  O  N N 66  
ASP H    H  N N 67  
ASP H2   H  N N 68  
ASP HA   H  N N 69  
ASP HB2  H  N N 70  
ASP HB3  H  N N 71  
ASP HD2  H  N N 72  
ASP HXT  H  N N 73  
CA  CA   CA N N 74  
CYS N    N  N N 75  
CYS CA   C  N R 76  
CYS C    C  N N 77  
CYS O    O  N N 78  
CYS CB   C  N N 79  
CYS SG   S  N N 80  
CYS OXT  O  N N 81  
CYS H    H  N N 82  
CYS H2   H  N N 83  
CYS HA   H  N N 84  
CYS HB2  H  N N 85  
CYS HB3  H  N N 86  
CYS HG   H  N N 87  
CYS HXT  H  N N 88  
FUC C1   C  N R 89  
FUC C2   C  N S 90  
FUC C3   C  N R 91  
FUC C4   C  N S 92  
FUC C5   C  N S 93  
FUC C6   C  N N 94  
FUC O1   O  N N 95  
FUC O2   O  N N 96  
FUC O3   O  N N 97  
FUC O4   O  N N 98  
FUC O5   O  N N 99  
FUC H1   H  N N 100 
FUC H2   H  N N 101 
FUC H3   H  N N 102 
FUC H4   H  N N 103 
FUC H5   H  N N 104 
FUC H61  H  N N 105 
FUC H62  H  N N 106 
FUC H63  H  N N 107 
FUC HO1  H  N N 108 
FUC HO2  H  N N 109 
FUC HO3  H  N N 110 
FUC HO4  H  N N 111 
GAL C1   C  N R 112 
GAL C2   C  N R 113 
GAL C3   C  N S 114 
GAL C4   C  N R 115 
GAL C5   C  N R 116 
GAL C6   C  N N 117 
GAL O1   O  N N 118 
GAL O2   O  N N 119 
GAL O3   O  N N 120 
GAL O4   O  N N 121 
GAL O5   O  N N 122 
GAL O6   O  N N 123 
GAL H1   H  N N 124 
GAL H2   H  N N 125 
GAL H3   H  N N 126 
GAL H4   H  N N 127 
GAL H5   H  N N 128 
GAL H61  H  N N 129 
GAL H62  H  N N 130 
GAL HO1  H  N N 131 
GAL HO2  H  N N 132 
GAL HO3  H  N N 133 
GAL HO4  H  N N 134 
GAL HO6  H  N N 135 
GLN N    N  N N 136 
GLN CA   C  N S 137 
GLN C    C  N N 138 
GLN O    O  N N 139 
GLN CB   C  N N 140 
GLN CG   C  N N 141 
GLN CD   C  N N 142 
GLN OE1  O  N N 143 
GLN NE2  N  N N 144 
GLN OXT  O  N N 145 
GLN H    H  N N 146 
GLN H2   H  N N 147 
GLN HA   H  N N 148 
GLN HB2  H  N N 149 
GLN HB3  H  N N 150 
GLN HG2  H  N N 151 
GLN HG3  H  N N 152 
GLN HE21 H  N N 153 
GLN HE22 H  N N 154 
GLN HXT  H  N N 155 
GLU N    N  N N 156 
GLU CA   C  N S 157 
GLU C    C  N N 158 
GLU O    O  N N 159 
GLU CB   C  N N 160 
GLU CG   C  N N 161 
GLU CD   C  N N 162 
GLU OE1  O  N N 163 
GLU OE2  O  N N 164 
GLU OXT  O  N N 165 
GLU H    H  N N 166 
GLU H2   H  N N 167 
GLU HA   H  N N 168 
GLU HB2  H  N N 169 
GLU HB3  H  N N 170 
GLU HG2  H  N N 171 
GLU HG3  H  N N 172 
GLU HE2  H  N N 173 
GLU HXT  H  N N 174 
GLY N    N  N N 175 
GLY CA   C  N N 176 
GLY C    C  N N 177 
GLY O    O  N N 178 
GLY OXT  O  N N 179 
GLY H    H  N N 180 
GLY H2   H  N N 181 
GLY HA2  H  N N 182 
GLY HA3  H  N N 183 
GLY HXT  H  N N 184 
HIS N    N  N N 185 
HIS CA   C  N S 186 
HIS C    C  N N 187 
HIS O    O  N N 188 
HIS CB   C  N N 189 
HIS CG   C  Y N 190 
HIS ND1  N  Y N 191 
HIS CD2  C  Y N 192 
HIS CE1  C  Y N 193 
HIS NE2  N  Y N 194 
HIS OXT  O  N N 195 
HIS H    H  N N 196 
HIS H2   H  N N 197 
HIS HA   H  N N 198 
HIS HB2  H  N N 199 
HIS HB3  H  N N 200 
HIS HD1  H  N N 201 
HIS HD2  H  N N 202 
HIS HE1  H  N N 203 
HIS HE2  H  N N 204 
HIS HXT  H  N N 205 
HOH O    O  N N 206 
HOH H1   H  N N 207 
HOH H2   H  N N 208 
ILE N    N  N N 209 
ILE CA   C  N S 210 
ILE C    C  N N 211 
ILE O    O  N N 212 
ILE CB   C  N S 213 
ILE CG1  C  N N 214 
ILE CG2  C  N N 215 
ILE CD1  C  N N 216 
ILE OXT  O  N N 217 
ILE H    H  N N 218 
ILE H2   H  N N 219 
ILE HA   H  N N 220 
ILE HB   H  N N 221 
ILE HG12 H  N N 222 
ILE HG13 H  N N 223 
ILE HG21 H  N N 224 
ILE HG22 H  N N 225 
ILE HG23 H  N N 226 
ILE HD11 H  N N 227 
ILE HD12 H  N N 228 
ILE HD13 H  N N 229 
ILE HXT  H  N N 230 
LEU N    N  N N 231 
LEU CA   C  N S 232 
LEU C    C  N N 233 
LEU O    O  N N 234 
LEU CB   C  N N 235 
LEU CG   C  N N 236 
LEU CD1  C  N N 237 
LEU CD2  C  N N 238 
LEU OXT  O  N N 239 
LEU H    H  N N 240 
LEU H2   H  N N 241 
LEU HA   H  N N 242 
LEU HB2  H  N N 243 
LEU HB3  H  N N 244 
LEU HG   H  N N 245 
LEU HD11 H  N N 246 
LEU HD12 H  N N 247 
LEU HD13 H  N N 248 
LEU HD21 H  N N 249 
LEU HD22 H  N N 250 
LEU HD23 H  N N 251 
LEU HXT  H  N N 252 
LYS N    N  N N 253 
LYS CA   C  N S 254 
LYS C    C  N N 255 
LYS O    O  N N 256 
LYS CB   C  N N 257 
LYS CG   C  N N 258 
LYS CD   C  N N 259 
LYS CE   C  N N 260 
LYS NZ   N  N N 261 
LYS OXT  O  N N 262 
LYS H    H  N N 263 
LYS H2   H  N N 264 
LYS HA   H  N N 265 
LYS HB2  H  N N 266 
LYS HB3  H  N N 267 
LYS HG2  H  N N 268 
LYS HG3  H  N N 269 
LYS HD2  H  N N 270 
LYS HD3  H  N N 271 
LYS HE2  H  N N 272 
LYS HE3  H  N N 273 
LYS HZ1  H  N N 274 
LYS HZ2  H  N N 275 
LYS HZ3  H  N N 276 
LYS HXT  H  N N 277 
MG  MG   MG N N 278 
NAG C1   C  N R 279 
NAG C2   C  N R 280 
NAG C3   C  N R 281 
NAG C4   C  N S 282 
NAG C5   C  N R 283 
NAG C6   C  N N 284 
NAG C7   C  N N 285 
NAG C8   C  N N 286 
NAG N2   N  N N 287 
NAG O1   O  N N 288 
NAG O3   O  N N 289 
NAG O4   O  N N 290 
NAG O5   O  N N 291 
NAG O6   O  N N 292 
NAG O7   O  N N 293 
NAG H1   H  N N 294 
NAG H2   H  N N 295 
NAG H3   H  N N 296 
NAG H4   H  N N 297 
NAG H5   H  N N 298 
NAG H61  H  N N 299 
NAG H62  H  N N 300 
NAG H81  H  N N 301 
NAG H82  H  N N 302 
NAG H83  H  N N 303 
NAG HN2  H  N N 304 
NAG HO1  H  N N 305 
NAG HO3  H  N N 306 
NAG HO4  H  N N 307 
NAG HO6  H  N N 308 
PHE N    N  N N 309 
PHE CA   C  N S 310 
PHE C    C  N N 311 
PHE O    O  N N 312 
PHE CB   C  N N 313 
PHE CG   C  Y N 314 
PHE CD1  C  Y N 315 
PHE CD2  C  Y N 316 
PHE CE1  C  Y N 317 
PHE CE2  C  Y N 318 
PHE CZ   C  Y N 319 
PHE OXT  O  N N 320 
PHE H    H  N N 321 
PHE H2   H  N N 322 
PHE HA   H  N N 323 
PHE HB2  H  N N 324 
PHE HB3  H  N N 325 
PHE HD1  H  N N 326 
PHE HD2  H  N N 327 
PHE HE1  H  N N 328 
PHE HE2  H  N N 329 
PHE HZ   H  N N 330 
PHE HXT  H  N N 331 
PRO N    N  N N 332 
PRO CA   C  N S 333 
PRO C    C  N N 334 
PRO O    O  N N 335 
PRO CB   C  N N 336 
PRO CG   C  N N 337 
PRO CD   C  N N 338 
PRO OXT  O  N N 339 
PRO H    H  N N 340 
PRO HA   H  N N 341 
PRO HB2  H  N N 342 
PRO HB3  H  N N 343 
PRO HG2  H  N N 344 
PRO HG3  H  N N 345 
PRO HD2  H  N N 346 
PRO HD3  H  N N 347 
PRO HXT  H  N N 348 
SER N    N  N N 349 
SER CA   C  N S 350 
SER C    C  N N 351 
SER O    O  N N 352 
SER CB   C  N N 353 
SER OG   O  N N 354 
SER OXT  O  N N 355 
SER H    H  N N 356 
SER H2   H  N N 357 
SER HA   H  N N 358 
SER HB2  H  N N 359 
SER HB3  H  N N 360 
SER HG   H  N N 361 
SER HXT  H  N N 362 
THR N    N  N N 363 
THR CA   C  N S 364 
THR C    C  N N 365 
THR O    O  N N 366 
THR CB   C  N R 367 
THR OG1  O  N N 368 
THR CG2  C  N N 369 
THR OXT  O  N N 370 
THR H    H  N N 371 
THR H2   H  N N 372 
THR HA   H  N N 373 
THR HB   H  N N 374 
THR HG1  H  N N 375 
THR HG21 H  N N 376 
THR HG22 H  N N 377 
THR HG23 H  N N 378 
THR HXT  H  N N 379 
TRP N    N  N N 380 
TRP CA   C  N S 381 
TRP C    C  N N 382 
TRP O    O  N N 383 
TRP CB   C  N N 384 
TRP CG   C  Y N 385 
TRP CD1  C  Y N 386 
TRP CD2  C  Y N 387 
TRP NE1  N  Y N 388 
TRP CE2  C  Y N 389 
TRP CE3  C  Y N 390 
TRP CZ2  C  Y N 391 
TRP CZ3  C  Y N 392 
TRP CH2  C  Y N 393 
TRP OXT  O  N N 394 
TRP H    H  N N 395 
TRP H2   H  N N 396 
TRP HA   H  N N 397 
TRP HB2  H  N N 398 
TRP HB3  H  N N 399 
TRP HD1  H  N N 400 
TRP HE1  H  N N 401 
TRP HE3  H  N N 402 
TRP HZ2  H  N N 403 
TRP HZ3  H  N N 404 
TRP HH2  H  N N 405 
TRP HXT  H  N N 406 
TYR N    N  N N 407 
TYR CA   C  N S 408 
TYR C    C  N N 409 
TYR O    O  N N 410 
TYR CB   C  N N 411 
TYR CG   C  Y N 412 
TYR CD1  C  Y N 413 
TYR CD2  C  Y N 414 
TYR CE1  C  Y N 415 
TYR CE2  C  Y N 416 
TYR CZ   C  Y N 417 
TYR OH   O  N N 418 
TYR OXT  O  N N 419 
TYR H    H  N N 420 
TYR H2   H  N N 421 
TYR HA   H  N N 422 
TYR HB2  H  N N 423 
TYR HB3  H  N N 424 
TYR HD1  H  N N 425 
TYR HD2  H  N N 426 
TYR HE1  H  N N 427 
TYR HE2  H  N N 428 
TYR HH   H  N N 429 
TYR HXT  H  N N 430 
VAL N    N  N N 431 
VAL CA   C  N S 432 
VAL C    C  N N 433 
VAL O    O  N N 434 
VAL CB   C  N N 435 
VAL CG1  C  N N 436 
VAL CG2  C  N N 437 
VAL OXT  O  N N 438 
VAL H    H  N N 439 
VAL H2   H  N N 440 
VAL HA   H  N N 441 
VAL HB   H  N N 442 
VAL HG11 H  N N 443 
VAL HG12 H  N N 444 
VAL HG13 H  N N 445 
VAL HG21 H  N N 446 
VAL HG22 H  N N 447 
VAL HG23 H  N N 448 
VAL HXT  H  N N 449 
# 
loop_
_chem_comp_bond.comp_id 
_chem_comp_bond.atom_id_1 
_chem_comp_bond.atom_id_2 
_chem_comp_bond.value_order 
_chem_comp_bond.pdbx_aromatic_flag 
_chem_comp_bond.pdbx_stereo_config 
_chem_comp_bond.pdbx_ordinal 
ALA N   CA   sing N N 1   
ALA N   H    sing N N 2   
ALA N   H2   sing N N 3   
ALA CA  C    sing N N 4   
ALA CA  CB   sing N N 5   
ALA CA  HA   sing N N 6   
ALA C   O    doub N N 7   
ALA C   OXT  sing N N 8   
ALA CB  HB1  sing N N 9   
ALA CB  HB2  sing N N 10  
ALA CB  HB3  sing N N 11  
ALA OXT HXT  sing N N 12  
ARG N   CA   sing N N 13  
ARG N   H    sing N N 14  
ARG N   H2   sing N N 15  
ARG CA  C    sing N N 16  
ARG CA  CB   sing N N 17  
ARG CA  HA   sing N N 18  
ARG C   O    doub N N 19  
ARG C   OXT  sing N N 20  
ARG CB  CG   sing N N 21  
ARG CB  HB2  sing N N 22  
ARG CB  HB3  sing N N 23  
ARG CG  CD   sing N N 24  
ARG CG  HG2  sing N N 25  
ARG CG  HG3  sing N N 26  
ARG CD  NE   sing N N 27  
ARG CD  HD2  sing N N 28  
ARG CD  HD3  sing N N 29  
ARG NE  CZ   sing N N 30  
ARG NE  HE   sing N N 31  
ARG CZ  NH1  sing N N 32  
ARG CZ  NH2  doub N N 33  
ARG NH1 HH11 sing N N 34  
ARG NH1 HH12 sing N N 35  
ARG NH2 HH21 sing N N 36  
ARG NH2 HH22 sing N N 37  
ARG OXT HXT  sing N N 38  
ASN N   CA   sing N N 39  
ASN N   H    sing N N 40  
ASN N   H2   sing N N 41  
ASN CA  C    sing N N 42  
ASN CA  CB   sing N N 43  
ASN CA  HA   sing N N 44  
ASN C   O    doub N N 45  
ASN C   OXT  sing N N 46  
ASN CB  CG   sing N N 47  
ASN CB  HB2  sing N N 48  
ASN CB  HB3  sing N N 49  
ASN CG  OD1  doub N N 50  
ASN CG  ND2  sing N N 51  
ASN ND2 HD21 sing N N 52  
ASN ND2 HD22 sing N N 53  
ASN OXT HXT  sing N N 54  
ASP N   CA   sing N N 55  
ASP N   H    sing N N 56  
ASP N   H2   sing N N 57  
ASP CA  C    sing N N 58  
ASP CA  CB   sing N N 59  
ASP CA  HA   sing N N 60  
ASP C   O    doub N N 61  
ASP C   OXT  sing N N 62  
ASP CB  CG   sing N N 63  
ASP CB  HB2  sing N N 64  
ASP CB  HB3  sing N N 65  
ASP CG  OD1  doub N N 66  
ASP CG  OD2  sing N N 67  
ASP OD2 HD2  sing N N 68  
ASP OXT HXT  sing N N 69  
CYS N   CA   sing N N 70  
CYS N   H    sing N N 71  
CYS N   H2   sing N N 72  
CYS CA  C    sing N N 73  
CYS CA  CB   sing N N 74  
CYS CA  HA   sing N N 75  
CYS C   O    doub N N 76  
CYS C   OXT  sing N N 77  
CYS CB  SG   sing N N 78  
CYS CB  HB2  sing N N 79  
CYS CB  HB3  sing N N 80  
CYS SG  HG   sing N N 81  
CYS OXT HXT  sing N N 82  
FUC C1  C2   sing N N 83  
FUC C1  O1   sing N N 84  
FUC C1  O5   sing N N 85  
FUC C1  H1   sing N N 86  
FUC C2  C3   sing N N 87  
FUC C2  O2   sing N N 88  
FUC C2  H2   sing N N 89  
FUC C3  C4   sing N N 90  
FUC C3  O3   sing N N 91  
FUC C3  H3   sing N N 92  
FUC C4  C5   sing N N 93  
FUC C4  O4   sing N N 94  
FUC C4  H4   sing N N 95  
FUC C5  C6   sing N N 96  
FUC C5  O5   sing N N 97  
FUC C5  H5   sing N N 98  
FUC C6  H61  sing N N 99  
FUC C6  H62  sing N N 100 
FUC C6  H63  sing N N 101 
FUC O1  HO1  sing N N 102 
FUC O2  HO2  sing N N 103 
FUC O3  HO3  sing N N 104 
FUC O4  HO4  sing N N 105 
GAL C1  C2   sing N N 106 
GAL C1  O1   sing N N 107 
GAL C1  O5   sing N N 108 
GAL C1  H1   sing N N 109 
GAL C2  C3   sing N N 110 
GAL C2  O2   sing N N 111 
GAL C2  H2   sing N N 112 
GAL C3  C4   sing N N 113 
GAL C3  O3   sing N N 114 
GAL C3  H3   sing N N 115 
GAL C4  C5   sing N N 116 
GAL C4  O4   sing N N 117 
GAL C4  H4   sing N N 118 
GAL C5  C6   sing N N 119 
GAL C5  O5   sing N N 120 
GAL C5  H5   sing N N 121 
GAL C6  O6   sing N N 122 
GAL C6  H61  sing N N 123 
GAL C6  H62  sing N N 124 
GAL O1  HO1  sing N N 125 
GAL O2  HO2  sing N N 126 
GAL O3  HO3  sing N N 127 
GAL O4  HO4  sing N N 128 
GAL O6  HO6  sing N N 129 
GLN N   CA   sing N N 130 
GLN N   H    sing N N 131 
GLN N   H2   sing N N 132 
GLN CA  C    sing N N 133 
GLN CA  CB   sing N N 134 
GLN CA  HA   sing N N 135 
GLN C   O    doub N N 136 
GLN C   OXT  sing N N 137 
GLN CB  CG   sing N N 138 
GLN CB  HB2  sing N N 139 
GLN CB  HB3  sing N N 140 
GLN CG  CD   sing N N 141 
GLN CG  HG2  sing N N 142 
GLN CG  HG3  sing N N 143 
GLN CD  OE1  doub N N 144 
GLN CD  NE2  sing N N 145 
GLN NE2 HE21 sing N N 146 
GLN NE2 HE22 sing N N 147 
GLN OXT HXT  sing N N 148 
GLU N   CA   sing N N 149 
GLU N   H    sing N N 150 
GLU N   H2   sing N N 151 
GLU CA  C    sing N N 152 
GLU CA  CB   sing N N 153 
GLU CA  HA   sing N N 154 
GLU C   O    doub N N 155 
GLU C   OXT  sing N N 156 
GLU CB  CG   sing N N 157 
GLU CB  HB2  sing N N 158 
GLU CB  HB3  sing N N 159 
GLU CG  CD   sing N N 160 
GLU CG  HG2  sing N N 161 
GLU CG  HG3  sing N N 162 
GLU CD  OE1  doub N N 163 
GLU CD  OE2  sing N N 164 
GLU OE2 HE2  sing N N 165 
GLU OXT HXT  sing N N 166 
GLY N   CA   sing N N 167 
GLY N   H    sing N N 168 
GLY N   H2   sing N N 169 
GLY CA  C    sing N N 170 
GLY CA  HA2  sing N N 171 
GLY CA  HA3  sing N N 172 
GLY C   O    doub N N 173 
GLY C   OXT  sing N N 174 
GLY OXT HXT  sing N N 175 
HIS N   CA   sing N N 176 
HIS N   H    sing N N 177 
HIS N   H2   sing N N 178 
HIS CA  C    sing N N 179 
HIS CA  CB   sing N N 180 
HIS CA  HA   sing N N 181 
HIS C   O    doub N N 182 
HIS C   OXT  sing N N 183 
HIS CB  CG   sing N N 184 
HIS CB  HB2  sing N N 185 
HIS CB  HB3  sing N N 186 
HIS CG  ND1  sing Y N 187 
HIS CG  CD2  doub Y N 188 
HIS ND1 CE1  doub Y N 189 
HIS ND1 HD1  sing N N 190 
HIS CD2 NE2  sing Y N 191 
HIS CD2 HD2  sing N N 192 
HIS CE1 NE2  sing Y N 193 
HIS CE1 HE1  sing N N 194 
HIS NE2 HE2  sing N N 195 
HIS OXT HXT  sing N N 196 
HOH O   H1   sing N N 197 
HOH O   H2   sing N N 198 
ILE N   CA   sing N N 199 
ILE N   H    sing N N 200 
ILE N   H2   sing N N 201 
ILE CA  C    sing N N 202 
ILE CA  CB   sing N N 203 
ILE CA  HA   sing N N 204 
ILE C   O    doub N N 205 
ILE C   OXT  sing N N 206 
ILE CB  CG1  sing N N 207 
ILE CB  CG2  sing N N 208 
ILE CB  HB   sing N N 209 
ILE CG1 CD1  sing N N 210 
ILE CG1 HG12 sing N N 211 
ILE CG1 HG13 sing N N 212 
ILE CG2 HG21 sing N N 213 
ILE CG2 HG22 sing N N 214 
ILE CG2 HG23 sing N N 215 
ILE CD1 HD11 sing N N 216 
ILE CD1 HD12 sing N N 217 
ILE CD1 HD13 sing N N 218 
ILE OXT HXT  sing N N 219 
LEU N   CA   sing N N 220 
LEU N   H    sing N N 221 
LEU N   H2   sing N N 222 
LEU CA  C    sing N N 223 
LEU CA  CB   sing N N 224 
LEU CA  HA   sing N N 225 
LEU C   O    doub N N 226 
LEU C   OXT  sing N N 227 
LEU CB  CG   sing N N 228 
LEU CB  HB2  sing N N 229 
LEU CB  HB3  sing N N 230 
LEU CG  CD1  sing N N 231 
LEU CG  CD2  sing N N 232 
LEU CG  HG   sing N N 233 
LEU CD1 HD11 sing N N 234 
LEU CD1 HD12 sing N N 235 
LEU CD1 HD13 sing N N 236 
LEU CD2 HD21 sing N N 237 
LEU CD2 HD22 sing N N 238 
LEU CD2 HD23 sing N N 239 
LEU OXT HXT  sing N N 240 
LYS N   CA   sing N N 241 
LYS N   H    sing N N 242 
LYS N   H2   sing N N 243 
LYS CA  C    sing N N 244 
LYS CA  CB   sing N N 245 
LYS CA  HA   sing N N 246 
LYS C   O    doub N N 247 
LYS C   OXT  sing N N 248 
LYS CB  CG   sing N N 249 
LYS CB  HB2  sing N N 250 
LYS CB  HB3  sing N N 251 
LYS CG  CD   sing N N 252 
LYS CG  HG2  sing N N 253 
LYS CG  HG3  sing N N 254 
LYS CD  CE   sing N N 255 
LYS CD  HD2  sing N N 256 
LYS CD  HD3  sing N N 257 
LYS CE  NZ   sing N N 258 
LYS CE  HE2  sing N N 259 
LYS CE  HE3  sing N N 260 
LYS NZ  HZ1  sing N N 261 
LYS NZ  HZ2  sing N N 262 
LYS NZ  HZ3  sing N N 263 
LYS OXT HXT  sing N N 264 
NAG C1  C2   sing N N 265 
NAG C1  O1   sing N N 266 
NAG C1  O5   sing N N 267 
NAG C1  H1   sing N N 268 
NAG C2  C3   sing N N 269 
NAG C2  N2   sing N N 270 
NAG C2  H2   sing N N 271 
NAG C3  C4   sing N N 272 
NAG C3  O3   sing N N 273 
NAG C3  H3   sing N N 274 
NAG C4  C5   sing N N 275 
NAG C4  O4   sing N N 276 
NAG C4  H4   sing N N 277 
NAG C5  C6   sing N N 278 
NAG C5  O5   sing N N 279 
NAG C5  H5   sing N N 280 
NAG C6  O6   sing N N 281 
NAG C6  H61  sing N N 282 
NAG C6  H62  sing N N 283 
NAG C7  C8   sing N N 284 
NAG C7  N2   sing N N 285 
NAG C7  O7   doub N N 286 
NAG C8  H81  sing N N 287 
NAG C8  H82  sing N N 288 
NAG C8  H83  sing N N 289 
NAG N2  HN2  sing N N 290 
NAG O1  HO1  sing N N 291 
NAG O3  HO3  sing N N 292 
NAG O4  HO4  sing N N 293 
NAG O6  HO6  sing N N 294 
PHE N   CA   sing N N 295 
PHE N   H    sing N N 296 
PHE N   H2   sing N N 297 
PHE CA  C    sing N N 298 
PHE CA  CB   sing N N 299 
PHE CA  HA   sing N N 300 
PHE C   O    doub N N 301 
PHE C   OXT  sing N N 302 
PHE CB  CG   sing N N 303 
PHE CB  HB2  sing N N 304 
PHE CB  HB3  sing N N 305 
PHE CG  CD1  doub Y N 306 
PHE CG  CD2  sing Y N 307 
PHE CD1 CE1  sing Y N 308 
PHE CD1 HD1  sing N N 309 
PHE CD2 CE2  doub Y N 310 
PHE CD2 HD2  sing N N 311 
PHE CE1 CZ   doub Y N 312 
PHE CE1 HE1  sing N N 313 
PHE CE2 CZ   sing Y N 314 
PHE CE2 HE2  sing N N 315 
PHE CZ  HZ   sing N N 316 
PHE OXT HXT  sing N N 317 
PRO N   CA   sing N N 318 
PRO N   CD   sing N N 319 
PRO N   H    sing N N 320 
PRO CA  C    sing N N 321 
PRO CA  CB   sing N N 322 
PRO CA  HA   sing N N 323 
PRO C   O    doub N N 324 
PRO C   OXT  sing N N 325 
PRO CB  CG   sing N N 326 
PRO CB  HB2  sing N N 327 
PRO CB  HB3  sing N N 328 
PRO CG  CD   sing N N 329 
PRO CG  HG2  sing N N 330 
PRO CG  HG3  sing N N 331 
PRO CD  HD2  sing N N 332 
PRO CD  HD3  sing N N 333 
PRO OXT HXT  sing N N 334 
SER N   CA   sing N N 335 
SER N   H    sing N N 336 
SER N   H2   sing N N 337 
SER CA  C    sing N N 338 
SER CA  CB   sing N N 339 
SER CA  HA   sing N N 340 
SER C   O    doub N N 341 
SER C   OXT  sing N N 342 
SER CB  OG   sing N N 343 
SER CB  HB2  sing N N 344 
SER CB  HB3  sing N N 345 
SER OG  HG   sing N N 346 
SER OXT HXT  sing N N 347 
THR N   CA   sing N N 348 
THR N   H    sing N N 349 
THR N   H2   sing N N 350 
THR CA  C    sing N N 351 
THR CA  CB   sing N N 352 
THR CA  HA   sing N N 353 
THR C   O    doub N N 354 
THR C   OXT  sing N N 355 
THR CB  OG1  sing N N 356 
THR CB  CG2  sing N N 357 
THR CB  HB   sing N N 358 
THR OG1 HG1  sing N N 359 
THR CG2 HG21 sing N N 360 
THR CG2 HG22 sing N N 361 
THR CG2 HG23 sing N N 362 
THR OXT HXT  sing N N 363 
TRP N   CA   sing N N 364 
TRP N   H    sing N N 365 
TRP N   H2   sing N N 366 
TRP CA  C    sing N N 367 
TRP CA  CB   sing N N 368 
TRP CA  HA   sing N N 369 
TRP C   O    doub N N 370 
TRP C   OXT  sing N N 371 
TRP CB  CG   sing N N 372 
TRP CB  HB2  sing N N 373 
TRP CB  HB3  sing N N 374 
TRP CG  CD1  doub Y N 375 
TRP CG  CD2  sing Y N 376 
TRP CD1 NE1  sing Y N 377 
TRP CD1 HD1  sing N N 378 
TRP CD2 CE2  doub Y N 379 
TRP CD2 CE3  sing Y N 380 
TRP NE1 CE2  sing Y N 381 
TRP NE1 HE1  sing N N 382 
TRP CE2 CZ2  sing Y N 383 
TRP CE3 CZ3  doub Y N 384 
TRP CE3 HE3  sing N N 385 
TRP CZ2 CH2  doub Y N 386 
TRP CZ2 HZ2  sing N N 387 
TRP CZ3 CH2  sing Y N 388 
TRP CZ3 HZ3  sing N N 389 
TRP CH2 HH2  sing N N 390 
TRP OXT HXT  sing N N 391 
TYR N   CA   sing N N 392 
TYR N   H    sing N N 393 
TYR N   H2   sing N N 394 
TYR CA  C    sing N N 395 
TYR CA  CB   sing N N 396 
TYR CA  HA   sing N N 397 
TYR C   O    doub N N 398 
TYR C   OXT  sing N N 399 
TYR CB  CG   sing N N 400 
TYR CB  HB2  sing N N 401 
TYR CB  HB3  sing N N 402 
TYR CG  CD1  doub Y N 403 
TYR CG  CD2  sing Y N 404 
TYR CD1 CE1  sing Y N 405 
TYR CD1 HD1  sing N N 406 
TYR CD2 CE2  doub Y N 407 
TYR CD2 HD2  sing N N 408 
TYR CE1 CZ   doub Y N 409 
TYR CE1 HE1  sing N N 410 
TYR CE2 CZ   sing Y N 411 
TYR CE2 HE2  sing N N 412 
TYR CZ  OH   sing N N 413 
TYR OH  HH   sing N N 414 
TYR OXT HXT  sing N N 415 
VAL N   CA   sing N N 416 
VAL N   H    sing N N 417 
VAL N   H2   sing N N 418 
VAL CA  C    sing N N 419 
VAL CA  CB   sing N N 420 
VAL CA  HA   sing N N 421 
VAL C   O    doub N N 422 
VAL C   OXT  sing N N 423 
VAL CB  CG1  sing N N 424 
VAL CB  CG2  sing N N 425 
VAL CB  HB   sing N N 426 
VAL CG1 HG11 sing N N 427 
VAL CG1 HG12 sing N N 428 
VAL CG1 HG13 sing N N 429 
VAL CG2 HG21 sing N N 430 
VAL CG2 HG22 sing N N 431 
VAL CG2 HG23 sing N N 432 
VAL OXT HXT  sing N N 433 
# 
loop_
_pdbx_branch_scheme.asym_id 
_pdbx_branch_scheme.entity_id 
_pdbx_branch_scheme.mon_id 
_pdbx_branch_scheme.num 
_pdbx_branch_scheme.pdb_asym_id 
_pdbx_branch_scheme.pdb_mon_id 
_pdbx_branch_scheme.pdb_seq_num 
_pdbx_branch_scheme.auth_asym_id 
_pdbx_branch_scheme.auth_mon_id 
_pdbx_branch_scheme.auth_seq_num 
_pdbx_branch_scheme.hetero 
B 2 NAG 1 B NAG 1 B NAG 1003 n 
B 2 GAL 2 B GAL 2 B GAL 1002 n 
B 2 FUC 3 B FUC 3 B FUC 1001 n 
B 2 FUC 4 B FUC 4 B FUC 1004 n 
# 
loop_
_pdbx_chem_comp_identifier.comp_id 
_pdbx_chem_comp_identifier.type 
_pdbx_chem_comp_identifier.program 
_pdbx_chem_comp_identifier.program_version 
_pdbx_chem_comp_identifier.identifier 
FUC 'CONDENSED IUPAC CARBOHYDRATE SYMBOL' GMML     1.0 LFucpa                         
FUC 'COMMON NAME'                         GMML     1.0 a-L-fucopyranose               
FUC 'IUPAC CARBOHYDRATE SYMBOL'           PDB-CARE 1.0 a-L-Fucp                       
FUC 'SNFG CARBOHYDRATE SYMBOL'            GMML     1.0 Fuc                            
GAL 'CONDENSED IUPAC CARBOHYDRATE SYMBOL' GMML     1.0 DGalpb                         
GAL 'COMMON NAME'                         GMML     1.0 b-D-galactopyranose            
GAL 'IUPAC CARBOHYDRATE SYMBOL'           PDB-CARE 1.0 b-D-Galp                       
GAL 'SNFG CARBOHYDRATE SYMBOL'            GMML     1.0 Gal                            
NAG 'CONDENSED IUPAC CARBOHYDRATE SYMBOL' GMML     1.0 DGlcpNAcb                      
NAG 'COMMON NAME'                         GMML     1.0 N-acetyl-b-D-glucopyranosamine 
NAG 'IUPAC CARBOHYDRATE SYMBOL'           PDB-CARE 1.0 b-D-GlcpNAc                    
NAG 'SNFG CARBOHYDRATE SYMBOL'            GMML     1.0 GlcNAc                         
# 
_pdbx_entity_branch.entity_id   2 
_pdbx_entity_branch.type        oligosaccharide 
# 
loop_
_pdbx_entity_branch_descriptor.ordinal 
_pdbx_entity_branch_descriptor.entity_id 
_pdbx_entity_branch_descriptor.descriptor 
_pdbx_entity_branch_descriptor.type 
_pdbx_entity_branch_descriptor.program 
_pdbx_entity_branch_descriptor.program_version 
1 2 'LFucpa1-2DGalpb1-3[LFucpa1-4]DGlcpNAcb1-ROH'                                                       
'Glycam Condensed Sequence' GMML       1.0   
2 2 'WURCS=2.0/3,4,3/[a2122h-1b_1-5_2*NCC/3=O][a2112h-1b_1-5][a1221m-1a_1-5]/1-2-3-3/a3-b1_a4-d1_b2-c1' WURCS PDB2Glycan 1.1.0 
3 2 '[][b-D-GlcpNAc]{[(3+1)][b-D-Galp]{[(2+1)][a-L-Fucp]{}}[(4+1)][a-L-Fucp]{}}'                        LINUCS PDB-CARE   ?     
# 
loop_
_pdbx_entity_branch_link.link_id 
_pdbx_entity_branch_link.entity_id 
_pdbx_entity_branch_link.entity_branch_list_num_1 
_pdbx_entity_branch_link.comp_id_1 
_pdbx_entity_branch_link.atom_id_1 
_pdbx_entity_branch_link.leaving_atom_id_1 
_pdbx_entity_branch_link.entity_branch_list_num_2 
_pdbx_entity_branch_link.comp_id_2 
_pdbx_entity_branch_link.atom_id_2 
_pdbx_entity_branch_link.leaving_atom_id_2 
_pdbx_entity_branch_link.value_order 
_pdbx_entity_branch_link.details 
1 2 2 GAL C1 O1 1 NAG O3 HO3 sing ? 
2 2 3 FUC C1 O1 2 GAL O2 HO2 sing ? 
3 2 4 FUC C1 O1 1 NAG O4 HO4 sing ? 
# 
loop_
_pdbx_entity_branch_list.entity_id 
_pdbx_entity_branch_list.comp_id 
_pdbx_entity_branch_list.num 
_pdbx_entity_branch_list.hetero 
2 NAG 1 n 
2 GAL 2 n 
2 FUC 3 n 
2 FUC 4 n 
# 
loop_
_pdbx_entity_nonpoly.entity_id 
_pdbx_entity_nonpoly.name 
_pdbx_entity_nonpoly.comp_id 
3 'MAGNESIUM ION' MG  
4 'CALCIUM ION'   CA  
5 water           HOH 
# 
_pdbx_initial_refinement_model.id               1 
_pdbx_initial_refinement_model.entity_id_list   ? 
_pdbx_initial_refinement_model.type             'experimental model' 
_pdbx_initial_refinement_model.source_name      PDB 
_pdbx_initial_refinement_model.accession_code   4GWI 
_pdbx_initial_refinement_model.details          'PDB ENTRY 4GWI' 
# 
